data_5KOI
#
_entry.id   5KOI
#
_cell.length_a   64.910
_cell.length_b   83.830
_cell.length_c   106.290
_cell.angle_alpha   90.250
_cell.angle_beta   100.080
_cell.angle_gamma   90.820
#
_symmetry.space_group_name_H-M   'P 1'
#
loop_
_entity.id
_entity.type
_entity.pdbx_description
1 polymer 'Enoyl-[acyl-carrier-protein] reductase [NADH]'
2 non-polymer NICOTINAMIDE-ADENINE-DINUCLEOTIDE
3 water water
#
_entity_poly.entity_id   1
_entity_poly.type   'polypeptide(L)'
_entity_poly.pdbx_seq_one_letter_code
;MAHHHHHHMGTLEAQTQGPGSMEGLMQGKRGLIMGVANNHSLAWGIAKQLAAQGAELAFTYQGDALGKRVKPLAEQVGSD
FVLPCDVEDIATVDAVFEEIEKKWGGLDFLVHAIGFSDKTELKGRYADVTTRENFSRTMVISAYSFTEVAQRAEKLMKDG
GSILTLTYGGSTRTIPNYNVMGVAKAALEAMVRYLAADYGPQGIRVNAISAGPVRTLAGAGIGDARAIFSYQRRNSPLRR
TVDIDDVGKSAVYLLSDLSSGVTGEIHFVDSGYNIVSMPTLEELKSSDSERGE
;
_entity_poly.pdbx_strand_id   A,B,C,D,E,F,G,H
#
# COMPACT_ATOMS: atom_id res chain seq x y z
N GLU A 23 12.35 -10.68 18.98
CA GLU A 23 11.10 -11.41 18.76
C GLU A 23 10.07 -11.04 19.83
N GLY A 24 10.50 -11.06 21.10
CA GLY A 24 9.60 -10.68 22.17
C GLY A 24 9.14 -9.23 22.01
N LEU A 25 7.86 -9.00 22.33
CA LEU A 25 7.27 -7.68 22.11
C LEU A 25 7.92 -6.61 22.96
N MET A 26 8.60 -6.99 24.04
CA MET A 26 9.23 -6.04 24.95
C MET A 26 10.74 -6.22 25.00
N GLN A 27 11.33 -6.80 23.96
CA GLN A 27 12.77 -7.05 23.97
C GLN A 27 13.54 -5.73 24.08
N GLY A 28 14.50 -5.70 24.99
CA GLY A 28 15.31 -4.53 25.23
C GLY A 28 14.66 -3.45 26.06
N LYS A 29 13.42 -3.64 26.50
CA LYS A 29 12.70 -2.61 27.26
C LYS A 29 12.84 -2.85 28.75
N ARG A 30 12.89 -1.75 29.51
CA ARG A 30 13.07 -1.78 30.96
C ARG A 30 11.95 -0.98 31.60
N GLY A 31 11.36 -1.52 32.66
CA GLY A 31 10.22 -0.84 33.23
C GLY A 31 10.01 -1.19 34.68
N LEU A 32 9.20 -0.36 35.33
CA LEU A 32 8.93 -0.45 36.76
C LEU A 32 7.51 -0.93 36.98
N ILE A 33 7.33 -1.89 37.89
CA ILE A 33 6.03 -2.44 38.25
CA ILE A 33 6.02 -2.40 38.24
C ILE A 33 5.78 -2.11 39.71
N MET A 34 4.73 -1.34 39.98
CA MET A 34 4.34 -0.96 41.33
C MET A 34 3.02 -1.65 41.67
N GLY A 35 3.01 -2.46 42.73
CA GLY A 35 1.76 -3.04 43.18
C GLY A 35 1.71 -4.55 43.34
N VAL A 36 2.83 -5.25 43.15
CA VAL A 36 2.83 -6.68 43.47
C VAL A 36 2.71 -6.87 44.97
N ALA A 37 1.73 -7.67 45.39
CA ALA A 37 1.63 -8.09 46.79
C ALA A 37 1.85 -9.59 46.97
N ASN A 38 1.38 -10.41 46.03
CA ASN A 38 1.60 -11.85 46.09
C ASN A 38 1.36 -12.39 44.68
N ASN A 39 1.32 -13.73 44.56
CA ASN A 39 1.23 -14.32 43.23
C ASN A 39 -0.17 -14.23 42.62
N HIS A 40 -1.14 -13.61 43.30
CA HIS A 40 -2.45 -13.39 42.71
C HIS A 40 -2.67 -11.96 42.25
N SER A 41 -1.74 -11.05 42.54
CA SER A 41 -1.88 -9.65 42.19
C SER A 41 -1.98 -9.45 40.69
N LEU A 42 -2.83 -8.50 40.27
CA LEU A 42 -2.83 -8.10 38.86
C LEU A 42 -1.44 -7.69 38.40
N ALA A 43 -0.69 -6.97 39.26
CA ALA A 43 0.66 -6.55 38.89
C ALA A 43 1.56 -7.74 38.62
N TRP A 44 1.31 -8.86 39.29
CA TRP A 44 2.15 -10.03 39.07
C TRP A 44 1.84 -10.68 37.74
N GLY A 45 0.55 -10.80 37.39
CA GLY A 45 0.22 -11.30 36.06
C GLY A 45 0.80 -10.45 34.96
N ILE A 46 0.74 -9.12 35.15
CA ILE A 46 1.38 -8.20 34.21
C ILE A 46 2.88 -8.46 34.14
N ALA A 47 3.53 -8.61 35.30
CA ALA A 47 4.97 -8.86 35.32
C ALA A 47 5.33 -10.13 34.56
N LYS A 48 4.59 -11.22 34.77
CA LYS A 48 4.92 -12.48 34.11
C LYS A 48 4.80 -12.36 32.59
N GLN A 49 3.75 -11.69 32.11
CA GLN A 49 3.60 -11.58 30.66
C GLN A 49 4.67 -10.68 30.05
N LEU A 50 5.00 -9.57 30.73
CA LEU A 50 6.08 -8.69 30.25
C LEU A 50 7.41 -9.44 30.23
N ALA A 51 7.71 -10.19 31.28
CA ALA A 51 8.97 -10.92 31.31
C ALA A 51 9.03 -11.96 30.21
N ALA A 52 7.89 -12.59 29.89
CA ALA A 52 7.87 -13.59 28.83
C ALA A 52 8.06 -12.96 27.46
N GLN A 53 7.80 -11.67 27.33
CA GLN A 53 8.06 -10.93 26.10
C GLN A 53 9.40 -10.22 26.13
N GLY A 54 10.25 -10.51 27.11
CA GLY A 54 11.62 -10.05 27.11
C GLY A 54 11.92 -8.82 27.93
N ALA A 55 10.95 -8.30 28.68
CA ALA A 55 11.18 -7.08 29.44
C ALA A 55 12.12 -7.32 30.62
N GLU A 56 12.91 -6.29 30.94
CA GLU A 56 13.71 -6.25 32.15
C GLU A 56 12.92 -5.44 33.19
N LEU A 57 12.77 -5.99 34.39
CA LEU A 57 11.78 -5.48 35.33
C LEU A 57 12.39 -5.03 36.65
N ALA A 58 11.80 -3.96 37.19
CA ALA A 58 12.03 -3.48 38.55
C ALA A 58 10.68 -3.47 39.27
N PHE A 59 10.72 -3.68 40.59
CA PHE A 59 9.51 -3.84 41.40
C PHE A 59 9.60 -2.97 42.65
N THR A 60 8.46 -2.44 43.07
CA THR A 60 8.32 -1.90 44.42
C THR A 60 7.41 -2.79 45.25
N TYR A 61 7.51 -2.62 46.57
CA TYR A 61 6.66 -3.35 47.49
C TYR A 61 6.35 -2.46 48.69
N GLN A 62 5.13 -2.58 49.19
CA GLN A 62 4.64 -1.74 50.29
C GLN A 62 4.80 -2.50 51.60
N GLY A 63 5.67 -2.00 52.46
CA GLY A 63 5.75 -2.56 53.80
C GLY A 63 6.84 -3.60 53.94
N ASP A 64 7.48 -3.59 55.10
CA ASP A 64 8.64 -4.47 55.31
C ASP A 64 8.27 -5.93 55.13
N ALA A 65 7.09 -6.33 55.60
CA ALA A 65 6.70 -7.74 55.55
C ALA A 65 6.45 -8.23 54.14
N LEU A 66 6.20 -7.34 53.19
CA LEU A 66 5.99 -7.76 51.81
C LEU A 66 7.29 -7.97 51.05
N GLY A 67 8.42 -7.47 51.56
CA GLY A 67 9.69 -7.68 50.87
C GLY A 67 9.97 -9.15 50.65
N LYS A 68 9.70 -9.99 51.65
CA LYS A 68 9.99 -11.41 51.55
C LYS A 68 9.00 -12.15 50.65
N ARG A 69 7.89 -11.53 50.28
CA ARG A 69 6.96 -12.13 49.33
C ARG A 69 7.20 -11.66 47.90
N VAL A 70 7.56 -10.40 47.71
CA VAL A 70 7.79 -9.88 46.36
C VAL A 70 9.17 -10.30 45.84
N LYS A 71 10.20 -10.33 46.71
CA LYS A 71 11.54 -10.65 46.21
C LYS A 71 11.61 -12.03 45.58
N PRO A 72 11.05 -13.11 46.13
CA PRO A 72 11.12 -14.40 45.42
C PRO A 72 10.27 -14.43 44.16
N LEU A 73 9.19 -13.65 44.09
CA LEU A 73 8.44 -13.56 42.84
C LEU A 73 9.27 -12.89 41.77
N ALA A 74 9.87 -11.73 42.09
CA ALA A 74 10.73 -11.06 41.13
C ALA A 74 11.87 -11.97 40.67
N GLU A 75 12.38 -12.82 41.57
CA GLU A 75 13.45 -13.73 41.18
C GLU A 75 12.99 -14.71 40.10
N GLN A 76 11.71 -15.08 40.10
CA GLN A 76 11.19 -16.02 39.11
C GLN A 76 11.19 -15.44 37.70
N VAL A 77 11.19 -14.11 37.57
CA VAL A 77 11.30 -13.47 36.28
C VAL A 77 12.67 -12.80 36.09
N GLY A 78 13.67 -13.25 36.83
CA GLY A 78 15.04 -12.80 36.59
C GLY A 78 15.39 -11.43 37.12
N SER A 79 14.70 -10.97 38.16
CA SER A 79 14.93 -9.62 38.67
C SER A 79 15.24 -9.66 40.16
N ASP A 80 16.26 -8.90 40.57
CA ASP A 80 16.44 -8.59 41.99
C ASP A 80 16.47 -7.08 42.23
N PHE A 81 15.97 -6.30 41.26
CA PHE A 81 15.80 -4.86 41.38
C PHE A 81 14.46 -4.62 42.07
N VAL A 82 14.46 -4.70 43.41
CA VAL A 82 13.22 -4.70 44.20
C VAL A 82 13.38 -3.73 45.36
N LEU A 83 12.49 -2.72 45.44
CA LEU A 83 12.69 -1.61 46.36
C LEU A 83 11.42 -1.33 47.17
N PRO A 84 11.56 -0.95 48.44
CA PRO A 84 10.38 -0.59 49.22
C PRO A 84 9.81 0.74 48.74
N CYS A 85 8.48 0.85 48.75
CA CYS A 85 7.85 2.13 48.42
C CYS A 85 6.45 2.15 48.98
N ASP A 86 6.14 3.20 49.74
CA ASP A 86 4.78 3.53 50.17
C ASP A 86 4.45 4.87 49.53
N VAL A 87 3.52 4.87 48.56
CA VAL A 87 3.28 6.07 47.77
C VAL A 87 2.74 7.20 48.63
N GLU A 88 2.25 6.92 49.82
CA GLU A 88 1.80 7.99 50.69
C GLU A 88 2.99 8.79 51.22
N ASP A 89 4.17 8.17 51.27
CA ASP A 89 5.41 8.80 51.76
C ASP A 89 6.26 9.13 50.54
N ILE A 90 6.16 10.38 50.07
CA ILE A 90 6.74 10.73 48.78
C ILE A 90 8.26 10.57 48.79
N ALA A 91 8.88 10.61 49.97
CA ALA A 91 10.33 10.42 50.04
C ALA A 91 10.72 9.04 49.55
N THR A 92 9.89 8.01 49.83
CA THR A 92 10.24 6.67 49.35
C THR A 92 10.06 6.56 47.84
N VAL A 93 9.10 7.29 47.26
CA VAL A 93 8.93 7.32 45.82
C VAL A 93 10.12 7.97 45.14
N ASP A 94 10.53 9.14 45.63
CA ASP A 94 11.74 9.79 45.12
C ASP A 94 12.93 8.83 45.16
N ALA A 95 13.05 8.06 46.25
CA ALA A 95 14.20 7.18 46.37
C ALA A 95 14.17 6.06 45.35
N VAL A 96 12.97 5.58 45.01
CA VAL A 96 12.84 4.59 43.95
C VAL A 96 13.32 5.16 42.62
N PHE A 97 12.85 6.34 42.25
CA PHE A 97 13.20 6.88 40.93
C PHE A 97 14.64 7.34 40.89
N GLU A 98 15.20 7.78 42.03
CA GLU A 98 16.63 8.06 42.08
C GLU A 98 17.44 6.80 41.79
N GLU A 99 16.99 5.66 42.34
CA GLU A 99 17.72 4.41 42.13
C GLU A 99 17.59 3.94 40.68
N ILE A 100 16.43 4.14 40.06
CA ILE A 100 16.27 3.79 38.65
C ILE A 100 17.20 4.65 37.80
N GLU A 101 17.30 5.95 38.11
CA GLU A 101 18.13 6.82 37.31
C GLU A 101 19.59 6.40 37.42
N LYS A 102 20.02 5.94 38.59
CA LYS A 102 21.41 5.56 38.78
C LYS A 102 21.73 4.20 38.16
N LYS A 103 20.80 3.25 38.25
CA LYS A 103 21.10 1.91 37.73
C LYS A 103 20.82 1.81 36.24
N TRP A 104 19.70 2.39 35.76
CA TRP A 104 19.32 2.30 34.37
C TRP A 104 19.51 3.58 33.58
N GLY A 105 19.32 4.74 34.20
CA GLY A 105 19.41 6.00 33.48
C GLY A 105 18.18 6.34 32.66
N GLY A 106 17.16 5.50 32.68
CA GLY A 106 16.01 5.71 31.85
C GLY A 106 14.98 4.62 32.09
N LEU A 107 13.76 4.91 31.64
CA LEU A 107 12.63 4.00 31.75
CA LEU A 107 12.64 4.00 31.76
C LEU A 107 11.97 3.87 30.39
N ASP A 108 11.51 2.67 30.06
CA ASP A 108 10.65 2.50 28.89
C ASP A 108 9.18 2.41 29.25
N PHE A 109 8.84 1.90 30.43
CA PHE A 109 7.42 1.83 30.78
C PHE A 109 7.27 1.82 32.29
N LEU A 110 6.05 2.10 32.74
CA LEU A 110 5.71 2.10 34.15
C LEU A 110 4.33 1.50 34.31
N VAL A 111 4.16 0.63 35.31
CA VAL A 111 2.87 0.04 35.63
C VAL A 111 2.50 0.47 37.05
N HIS A 112 1.34 1.12 37.18
CA HIS A 112 0.79 1.57 38.45
C HIS A 112 -0.38 0.65 38.79
N ALA A 113 -0.22 -0.22 39.79
CA ALA A 113 -1.26 -1.17 40.17
C ALA A 113 -1.49 -1.09 41.68
N ILE A 114 -1.91 0.08 42.12
CA ILE A 114 -1.97 0.43 43.54
C ILE A 114 -3.35 1.00 43.82
N GLY A 115 -4.03 0.43 44.81
CA GLY A 115 -5.30 0.97 45.25
C GLY A 115 -5.46 0.66 46.73
N PHE A 116 -6.19 1.53 47.42
CA PHE A 116 -6.42 1.35 48.85
C PHE A 116 -7.63 2.16 49.28
N SER A 117 -8.45 1.56 50.13
CA SER A 117 -9.42 2.34 50.90
C SER A 117 -9.69 1.59 52.20
N ASP A 118 -10.09 2.33 53.24
CA ASP A 118 -10.50 1.70 54.48
C ASP A 118 -11.65 0.72 54.21
N LYS A 119 -11.44 -0.56 54.52
CA LYS A 119 -12.44 -1.57 54.21
C LYS A 119 -13.78 -1.34 54.91
N THR A 120 -13.78 -0.64 56.06
CA THR A 120 -15.05 -0.35 56.72
C THR A 120 -15.95 0.55 55.88
N GLU A 121 -15.38 1.28 54.93
CA GLU A 121 -16.18 2.17 54.09
C GLU A 121 -16.49 1.54 52.73
N LEU A 122 -16.16 0.25 52.56
CA LEU A 122 -16.53 -0.51 51.37
C LEU A 122 -17.61 -1.55 51.68
N LYS A 123 -18.38 -1.30 52.74
CA LYS A 123 -19.60 -2.02 53.05
C LYS A 123 -20.64 -0.97 53.43
N GLY A 124 -21.90 -1.25 53.14
CA GLY A 124 -22.95 -0.28 53.40
C GLY A 124 -23.10 0.73 52.27
N ARG A 125 -23.99 1.68 52.48
CA ARG A 125 -24.21 2.72 51.47
C ARG A 125 -23.06 3.72 51.50
N TYR A 126 -22.60 4.11 50.30
CA TYR A 126 -21.59 5.15 50.17
C TYR A 126 -21.89 6.34 51.08
N ALA A 127 -23.14 6.82 51.04
CA ALA A 127 -23.51 8.01 51.78
C ALA A 127 -23.45 7.78 53.28
N ASP A 128 -23.73 6.55 53.73
CA ASP A 128 -23.75 6.29 55.17
C ASP A 128 -22.36 6.17 55.77
N VAL A 129 -21.40 5.59 55.04
CA VAL A 129 -20.16 5.10 55.66
C VAL A 129 -18.93 5.93 55.31
N THR A 130 -18.97 6.75 54.27
CA THR A 130 -17.77 7.43 53.83
C THR A 130 -17.45 8.61 54.76
N THR A 131 -16.17 8.78 55.05
CA THR A 131 -15.67 9.89 55.85
C THR A 131 -14.69 10.72 55.03
N ARG A 132 -14.49 11.97 55.45
CA ARG A 132 -13.51 12.80 54.73
C ARG A 132 -12.12 12.21 54.86
N GLU A 133 -11.75 11.73 56.04
CA GLU A 133 -10.40 11.22 56.26
C GLU A 133 -10.11 10.06 55.32
N ASN A 134 -11.05 9.13 55.17
CA ASN A 134 -10.83 8.04 54.24
C ASN A 134 -10.87 8.53 52.79
N PHE A 135 -11.80 9.45 52.49
CA PHE A 135 -11.84 10.01 51.14
C PHE A 135 -10.48 10.54 50.73
N SER A 136 -9.89 11.38 51.58
CA SER A 136 -8.65 12.04 51.16
C SER A 136 -7.50 11.06 51.06
N ARG A 137 -7.43 10.09 51.98
CA ARG A 137 -6.35 9.10 51.90
C ARG A 137 -6.55 8.18 50.71
N THR A 138 -7.80 7.77 50.43
CA THR A 138 -8.07 6.94 49.26
C THR A 138 -7.68 7.66 47.98
N MET A 139 -8.00 8.97 47.91
CA MET A 139 -7.70 9.71 46.68
CA MET A 139 -7.70 9.74 46.69
C MET A 139 -6.20 9.84 46.46
N VAL A 140 -5.43 10.08 47.52
CA VAL A 140 -3.97 10.17 47.38
C VAL A 140 -3.39 8.84 46.92
N ILE A 141 -3.72 7.76 47.62
CA ILE A 141 -3.09 6.48 47.33
C ILE A 141 -3.60 5.90 46.01
N SER A 142 -4.92 5.93 45.80
CA SER A 142 -5.51 5.25 44.65
C SER A 142 -5.50 6.09 43.38
N ALA A 143 -5.42 7.41 43.49
CA ALA A 143 -5.49 8.23 42.29
C ALA A 143 -4.28 9.16 42.16
N TYR A 144 -4.01 10.01 43.15
CA TYR A 144 -2.98 11.01 42.89
C TYR A 144 -1.58 10.39 42.79
N SER A 145 -1.33 9.26 43.46
CA SER A 145 -0.04 8.60 43.31
C SER A 145 0.28 8.26 41.86
N PHE A 146 -0.76 8.03 41.04
CA PHE A 146 -0.52 7.80 39.62
C PHE A 146 0.05 9.04 38.95
N THR A 147 -0.52 10.21 39.24
CA THR A 147 0.06 11.45 38.74
C THR A 147 1.50 11.60 39.23
N GLU A 148 1.74 11.29 40.50
CA GLU A 148 3.08 11.49 41.05
C GLU A 148 4.12 10.60 40.37
N VAL A 149 3.77 9.34 40.11
CA VAL A 149 4.77 8.48 39.48
C VAL A 149 4.87 8.78 37.99
N ALA A 150 3.77 9.24 37.36
CA ALA A 150 3.88 9.67 35.97
C ALA A 150 4.79 10.90 35.86
N GLN A 151 4.66 11.86 36.79
CA GLN A 151 5.51 13.03 36.76
C GLN A 151 6.98 12.63 36.83
N ARG A 152 7.30 11.65 37.66
CA ARG A 152 8.68 11.24 37.82
C ARG A 152 9.14 10.37 36.65
N ALA A 153 8.24 9.54 36.12
CA ALA A 153 8.56 8.73 34.96
C ALA A 153 8.90 9.60 33.75
N GLU A 154 8.20 10.73 33.60
CA GLU A 154 8.39 11.55 32.41
C GLU A 154 9.83 12.00 32.27
N LYS A 155 10.47 12.36 33.38
CA LYS A 155 11.86 12.82 33.35
C LYS A 155 12.81 11.73 32.86
N LEU A 156 12.42 10.46 32.98
CA LEU A 156 13.24 9.32 32.59
C LEU A 156 12.81 8.72 31.26
N MET A 157 11.85 9.32 30.58
CA MET A 157 11.38 8.81 29.30
C MET A 157 11.68 9.81 28.19
N LYS A 158 12.96 10.13 27.99
CA LYS A 158 13.36 11.18 27.06
C LYS A 158 13.03 10.84 25.61
N ASP A 159 12.97 9.55 25.26
CA ASP A 159 12.68 9.13 23.90
C ASP A 159 11.33 8.43 23.81
N GLY A 160 10.41 8.78 24.69
CA GLY A 160 9.09 8.20 24.72
C GLY A 160 8.99 7.02 25.67
N GLY A 161 7.78 6.49 25.78
CA GLY A 161 7.52 5.42 26.71
C GLY A 161 6.03 5.18 26.82
N SER A 162 5.67 4.27 27.72
CA SER A 162 4.26 3.94 27.91
C SER A 162 3.98 3.79 29.39
N ILE A 163 2.87 4.37 29.86
CA ILE A 163 2.51 4.37 31.27
C ILE A 163 1.11 3.79 31.40
N LEU A 164 0.94 2.90 32.38
CA LEU A 164 -0.31 2.15 32.50
C LEU A 164 -0.78 2.14 33.94
N THR A 165 -2.09 2.34 34.15
CA THR A 165 -2.69 2.11 35.46
C THR A 165 -3.89 1.18 35.30
N LEU A 166 -4.43 0.75 36.44
CA LEU A 166 -5.54 -0.20 36.46
C LEU A 166 -6.74 0.45 37.14
N THR A 167 -7.91 0.36 36.50
CA THR A 167 -9.13 0.93 37.02
C THR A 167 -10.22 -0.14 36.99
N TYR A 168 -11.43 0.26 37.36
CA TYR A 168 -12.55 -0.67 37.42
C TYR A 168 -13.80 0.09 37.02
N GLY A 169 -14.76 -0.62 36.42
CA GLY A 169 -15.93 0.04 35.87
C GLY A 169 -16.86 0.67 36.89
N GLY A 170 -16.61 0.45 38.18
CA GLY A 170 -17.36 1.21 39.19
C GLY A 170 -17.11 2.71 39.14
N SER A 171 -16.16 3.15 38.33
CA SER A 171 -15.96 4.58 38.14
C SER A 171 -17.17 5.24 37.51
N THR A 172 -17.76 4.58 36.49
CA THR A 172 -18.79 5.21 35.68
C THR A 172 -20.17 4.56 35.79
N ARG A 173 -20.27 3.38 36.40
CA ARG A 173 -21.55 2.75 36.73
CA ARG A 173 -21.55 2.75 36.73
C ARG A 173 -21.51 2.31 38.18
N THR A 174 -22.60 2.51 38.90
CA THR A 174 -22.54 2.22 40.33
C THR A 174 -22.59 0.74 40.62
N ILE A 175 -21.74 0.34 41.55
CA ILE A 175 -21.64 -1.03 42.03
C ILE A 175 -21.81 -1.01 43.54
N PRO A 176 -22.68 -1.84 44.12
CA PRO A 176 -22.87 -1.81 45.58
C PRO A 176 -21.55 -2.01 46.30
N ASN A 177 -21.39 -1.27 47.41
CA ASN A 177 -20.23 -1.35 48.29
C ASN A 177 -18.92 -0.81 47.73
N TYR A 178 -18.79 -0.66 46.40
CA TYR A 178 -17.54 -0.13 45.86
C TYR A 178 -17.32 1.31 46.31
N ASN A 179 -18.39 2.10 46.44
CA ASN A 179 -18.42 3.32 47.26
C ASN A 179 -17.29 4.27 46.86
N VAL A 180 -16.46 4.74 47.80
CA VAL A 180 -15.50 5.79 47.48
C VAL A 180 -14.40 5.29 46.55
N MET A 181 -14.20 3.97 46.44
CA MET A 181 -13.27 3.49 45.43
C MET A 181 -13.75 3.83 44.03
N GLY A 182 -15.08 3.85 43.83
CA GLY A 182 -15.60 4.24 42.52
C GLY A 182 -15.30 5.70 42.23
N VAL A 183 -15.45 6.55 43.25
CA VAL A 183 -15.12 7.96 43.11
C VAL A 183 -13.63 8.12 42.80
N ALA A 184 -12.78 7.35 43.48
CA ALA A 184 -11.35 7.44 43.22
C ALA A 184 -10.98 6.94 41.82
N LYS A 185 -11.63 5.87 41.37
CA LYS A 185 -11.35 5.41 40.01
C LYS A 185 -11.81 6.43 38.96
N ALA A 186 -12.92 7.13 39.22
CA ALA A 186 -13.34 8.17 38.28
C ALA A 186 -12.27 9.25 38.16
N ALA A 187 -11.68 9.61 39.30
CA ALA A 187 -10.63 10.63 39.29
C ALA A 187 -9.40 10.10 38.59
N LEU A 188 -9.05 8.85 38.87
CA LEU A 188 -7.91 8.22 38.19
C LEU A 188 -8.07 8.24 36.67
N GLU A 189 -9.27 7.93 36.17
CA GLU A 189 -9.47 7.88 34.73
C GLU A 189 -9.35 9.27 34.11
N ALA A 190 -9.80 10.30 34.83
CA ALA A 190 -9.58 11.67 34.34
C ALA A 190 -8.10 12.01 34.28
N MET A 191 -7.33 11.55 35.27
CA MET A 191 -5.88 11.74 35.24
C MET A 191 -5.25 11.08 34.02
N VAL A 192 -5.69 9.87 33.68
CA VAL A 192 -5.21 9.20 32.47
C VAL A 192 -5.37 10.12 31.27
N ARG A 193 -6.55 10.73 31.13
CA ARG A 193 -6.81 11.61 29.99
C ARG A 193 -5.96 12.87 30.03
N TYR A 194 -5.90 13.56 31.18
CA TYR A 194 -5.11 14.79 31.24
C TYR A 194 -3.62 14.51 31.04
N LEU A 195 -3.10 13.44 31.65
CA LEU A 195 -1.70 13.10 31.45
C LEU A 195 -1.41 12.69 30.00
N ALA A 196 -2.31 11.92 29.38
CA ALA A 196 -2.15 11.57 27.98
C ALA A 196 -2.07 12.82 27.11
N ALA A 197 -2.94 13.80 27.37
CA ALA A 197 -2.91 15.03 26.58
C ALA A 197 -1.62 15.80 26.81
N ASP A 198 -1.11 15.80 28.05
CA ASP A 198 0.13 16.53 28.38
C ASP A 198 1.35 15.88 27.73
N TYR A 199 1.45 14.56 27.83
CA TYR A 199 2.67 13.84 27.50
C TYR A 199 2.70 13.30 26.08
N GLY A 200 1.55 13.25 25.40
CA GLY A 200 1.50 12.75 24.04
C GLY A 200 2.47 13.38 23.07
N PRO A 201 2.65 14.71 23.10
CA PRO A 201 3.55 15.34 22.12
C PRO A 201 4.99 14.90 22.27
N GLN A 202 5.41 14.41 23.44
CA GLN A 202 6.73 13.89 23.69
CA GLN A 202 6.76 13.91 23.59
C GLN A 202 6.85 12.39 23.44
N GLY A 203 5.79 11.75 22.94
CA GLY A 203 5.85 10.34 22.66
C GLY A 203 5.62 9.44 23.84
N ILE A 204 5.08 9.96 24.93
CA ILE A 204 4.75 9.14 26.10
C ILE A 204 3.25 8.87 26.08
N ARG A 205 2.88 7.60 25.96
CA ARG A 205 1.47 7.20 25.95
C ARG A 205 1.02 6.85 27.36
N VAL A 206 -0.23 7.15 27.68
CA VAL A 206 -0.76 6.96 29.02
C VAL A 206 -2.14 6.33 28.89
N ASN A 207 -2.35 5.17 29.51
CA ASN A 207 -3.56 4.41 29.32
C ASN A 207 -3.94 3.71 30.62
N ALA A 208 -5.16 3.17 30.64
CA ALA A 208 -5.61 2.33 31.75
C ALA A 208 -6.26 1.07 31.22
N ILE A 209 -6.17 -0.01 31.99
CA ILE A 209 -6.99 -1.19 31.79
C ILE A 209 -8.09 -1.14 32.84
N SER A 210 -9.34 -1.20 32.40
CA SER A 210 -10.45 -1.40 33.32
C SER A 210 -10.70 -2.90 33.39
N ALA A 211 -10.16 -3.55 34.44
CA ALA A 211 -10.22 -5.00 34.52
C ALA A 211 -11.55 -5.46 35.10
N GLY A 212 -11.95 -6.68 34.71
CA GLY A 212 -12.98 -7.38 35.43
C GLY A 212 -12.50 -7.79 36.81
N PRO A 213 -13.40 -8.41 37.58
CA PRO A 213 -13.06 -8.72 38.98
C PRO A 213 -12.11 -9.90 39.06
N VAL A 214 -11.15 -9.82 39.99
CA VAL A 214 -10.17 -10.87 40.25
C VAL A 214 -10.06 -11.05 41.77
N ARG A 215 -10.00 -12.31 42.22
CA ARG A 215 -9.92 -12.59 43.66
C ARG A 215 -8.49 -12.31 44.14
N THR A 216 -8.24 -11.06 44.51
CA THR A 216 -6.98 -10.58 45.04
C THR A 216 -7.16 -10.20 46.50
N LEU A 217 -6.05 -9.84 47.14
CA LEU A 217 -6.14 -9.34 48.52
C LEU A 217 -7.00 -8.09 48.59
N ALA A 218 -6.69 -7.09 47.74
CA ALA A 218 -7.52 -5.89 47.72
C ALA A 218 -8.94 -6.22 47.29
N GLY A 219 -9.09 -7.14 46.33
CA GLY A 219 -10.41 -7.48 45.83
C GLY A 219 -11.36 -7.96 46.91
N ALA A 220 -10.84 -8.68 47.89
CA ALA A 220 -11.70 -9.21 48.95
C ALA A 220 -12.11 -8.16 49.97
N GLY A 221 -11.63 -6.92 49.85
CA GLY A 221 -11.93 -5.90 50.84
C GLY A 221 -13.36 -5.36 50.76
N ILE A 222 -14.04 -5.61 49.66
CA ILE A 222 -15.40 -5.12 49.48
C ILE A 222 -16.37 -6.04 50.22
N GLY A 223 -17.40 -5.45 50.81
CA GLY A 223 -18.42 -6.26 51.46
C GLY A 223 -19.17 -7.09 50.43
N ASP A 224 -19.58 -8.30 50.84
CA ASP A 224 -20.31 -9.23 49.97
C ASP A 224 -19.58 -9.46 48.65
N ALA A 225 -18.26 -9.58 48.74
CA ALA A 225 -17.44 -9.78 47.55
C ALA A 225 -17.92 -10.96 46.72
N ARG A 226 -18.36 -12.03 47.39
CA ARG A 226 -18.71 -13.24 46.66
C ARG A 226 -19.89 -13.01 45.72
N ALA A 227 -20.94 -12.33 46.22
CA ALA A 227 -22.13 -12.12 45.40
C ALA A 227 -21.87 -11.12 44.29
N ILE A 228 -21.01 -10.13 44.56
CA ILE A 228 -20.71 -9.16 43.52
C ILE A 228 -19.86 -9.81 42.42
N PHE A 229 -18.92 -10.66 42.83
CA PHE A 229 -18.05 -11.35 41.89
C PHE A 229 -18.83 -12.34 41.03
N SER A 230 -19.67 -13.17 41.65
CA SER A 230 -20.37 -14.19 40.89
C SER A 230 -21.36 -13.57 39.91
N TYR A 231 -21.92 -12.40 40.24
CA TYR A 231 -22.81 -11.75 39.28
C TYR A 231 -22.07 -11.47 37.98
N GLN A 232 -20.83 -10.99 38.08
CA GLN A 232 -20.07 -10.71 36.87
C GLN A 232 -19.65 -12.00 36.16
N ARG A 233 -19.42 -13.08 36.92
CA ARG A 233 -19.07 -14.35 36.31
C ARG A 233 -20.24 -14.85 35.47
N ARG A 234 -21.44 -14.86 36.06
CA ARG A 234 -22.59 -15.46 35.41
C ARG A 234 -23.09 -14.61 34.25
N ASN A 235 -22.88 -13.30 34.28
CA ASN A 235 -23.60 -12.42 33.38
C ASN A 235 -22.71 -11.67 32.40
N SER A 236 -21.38 -11.81 32.49
CA SER A 236 -20.50 -11.27 31.45
CA SER A 236 -20.53 -11.25 31.45
C SER A 236 -20.71 -12.03 30.15
N PRO A 237 -20.57 -11.36 29.00
CA PRO A 237 -20.66 -12.06 27.71
C PRO A 237 -19.77 -13.31 27.62
N LEU A 238 -18.52 -13.23 28.07
CA LEU A 238 -17.66 -14.41 28.00
C LEU A 238 -17.98 -15.45 29.06
N ARG A 239 -18.86 -15.15 30.02
CA ARG A 239 -19.33 -16.11 31.03
C ARG A 239 -18.18 -16.62 31.90
N ARG A 240 -17.16 -15.81 32.04
CA ARG A 240 -16.04 -16.05 32.91
C ARG A 240 -15.50 -14.69 33.33
N THR A 241 -14.84 -14.65 34.48
CA THR A 241 -14.13 -13.46 34.87
C THR A 241 -12.69 -13.55 34.40
N VAL A 242 -12.08 -12.40 34.10
CA VAL A 242 -10.71 -12.44 33.60
C VAL A 242 -9.75 -12.88 34.70
N ASP A 243 -8.62 -13.43 34.28
CA ASP A 243 -7.57 -13.76 35.23
C ASP A 243 -6.38 -12.85 35.00
N ILE A 244 -5.38 -12.98 35.87
CA ILE A 244 -4.25 -12.03 35.77
C ILE A 244 -3.44 -12.24 34.50
N ASP A 245 -3.62 -13.37 33.80
CA ASP A 245 -2.99 -13.56 32.49
C ASP A 245 -3.73 -12.78 31.39
N ASP A 246 -5.06 -12.77 31.42
CA ASP A 246 -5.78 -11.90 30.49
C ASP A 246 -5.32 -10.47 30.67
N VAL A 247 -5.32 -10.00 31.91
CA VAL A 247 -4.92 -8.61 32.18
C VAL A 247 -3.48 -8.37 31.78
N GLY A 248 -2.59 -9.33 32.09
CA GLY A 248 -1.19 -9.15 31.76
C GLY A 248 -0.94 -9.08 30.25
N LYS A 249 -1.67 -9.88 29.48
CA LYS A 249 -1.49 -9.82 28.02
C LYS A 249 -1.98 -8.50 27.46
N SER A 250 -3.09 -7.97 27.98
CA SER A 250 -3.53 -6.65 27.55
C SER A 250 -2.55 -5.57 27.97
N ALA A 251 -1.87 -5.76 29.10
CA ALA A 251 -0.85 -4.80 29.51
C ALA A 251 0.34 -4.84 28.56
N VAL A 252 0.76 -6.04 28.17
CA VAL A 252 1.78 -6.18 27.12
C VAL A 252 1.39 -5.35 25.90
N TYR A 253 0.13 -5.47 25.45
CA TYR A 253 -0.30 -4.70 24.30
C TYR A 253 -0.11 -3.20 24.52
N LEU A 254 -0.63 -2.67 25.63
CA LEU A 254 -0.61 -1.23 25.86
C LEU A 254 0.79 -0.71 26.18
N LEU A 255 1.66 -1.54 26.74
CA LEU A 255 3.02 -1.09 27.02
C LEU A 255 3.95 -1.28 25.84
N SER A 256 3.56 -2.07 24.85
CA SER A 256 4.44 -2.40 23.73
C SER A 256 4.17 -1.47 22.56
N ASP A 257 4.99 -1.63 21.53
CA ASP A 257 4.83 -0.88 20.28
C ASP A 257 3.60 -1.32 19.49
N LEU A 258 2.95 -2.42 19.86
CA LEU A 258 1.71 -2.78 19.17
C LEU A 258 0.68 -1.68 19.30
N SER A 259 0.69 -0.95 20.42
CA SER A 259 -0.33 0.05 20.70
C SER A 259 0.17 1.47 20.42
N SER A 260 1.09 1.61 19.46
CA SER A 260 1.69 2.90 19.14
C SER A 260 0.66 3.97 18.79
N GLY A 261 -0.53 3.57 18.33
CA GLY A 261 -1.55 4.56 18.05
C GLY A 261 -2.51 4.88 19.16
N VAL A 262 -2.29 4.36 20.37
CA VAL A 262 -3.28 4.34 21.44
C VAL A 262 -2.78 5.17 22.63
N THR A 263 -3.55 6.19 23.03
CA THR A 263 -3.26 6.88 24.28
C THR A 263 -4.53 7.52 24.82
N GLY A 264 -4.54 7.74 26.14
CA GLY A 264 -5.71 8.26 26.81
C GLY A 264 -6.85 7.29 26.93
N GLU A 265 -6.60 5.99 26.71
CA GLU A 265 -7.67 5.03 26.54
C GLU A 265 -7.97 4.33 27.86
N ILE A 266 -9.25 4.27 28.21
CA ILE A 266 -9.72 3.40 29.30
C ILE A 266 -10.18 2.11 28.61
N HIS A 267 -9.33 1.10 28.65
CA HIS A 267 -9.46 -0.11 27.85
C HIS A 267 -10.07 -1.22 28.70
N PHE A 268 -11.28 -1.65 28.36
CA PHE A 268 -11.98 -2.65 29.17
C PHE A 268 -11.47 -4.05 28.84
N VAL A 269 -11.00 -4.74 29.88
CA VAL A 269 -10.58 -6.13 29.80
C VAL A 269 -11.39 -6.85 30.87
N ASP A 270 -12.69 -7.01 30.59
CA ASP A 270 -13.66 -7.36 31.61
C ASP A 270 -14.68 -8.37 31.10
N SER A 271 -14.30 -9.18 30.11
CA SER A 271 -15.17 -10.19 29.52
C SER A 271 -16.41 -9.59 28.90
N GLY A 272 -16.38 -8.29 28.55
CA GLY A 272 -17.51 -7.63 27.92
C GLY A 272 -18.56 -7.15 28.89
N TYR A 273 -18.30 -7.26 30.20
CA TYR A 273 -19.35 -7.01 31.18
C TYR A 273 -19.92 -5.60 31.06
N ASN A 274 -19.08 -4.62 30.75
CA ASN A 274 -19.52 -3.23 30.70
C ASN A 274 -20.58 -2.97 29.63
N ILE A 275 -20.71 -3.85 28.62
CA ILE A 275 -21.64 -3.57 27.54
C ILE A 275 -23.07 -4.01 27.83
N VAL A 276 -23.30 -4.82 28.87
CA VAL A 276 -24.64 -5.37 29.09
C VAL A 276 -25.39 -4.49 30.07
N SER A 277 -26.71 -4.48 29.92
CA SER A 277 -27.56 -3.82 30.90
C SER A 277 -28.01 -4.75 32.00
N MET A 278 -28.33 -5.99 31.65
CA MET A 278 -29.08 -6.89 32.51
C MET A 278 -28.38 -8.23 32.62
N PRO A 279 -28.76 -9.04 33.60
CA PRO A 279 -28.26 -10.41 33.65
C PRO A 279 -28.86 -11.24 32.51
N THR A 280 -28.44 -12.48 32.38
CA THR A 280 -28.96 -13.34 31.33
C THR A 280 -30.48 -13.53 31.48
N LEU A 281 -31.12 -13.88 30.36
CA LEU A 281 -32.57 -14.07 30.39
C LEU A 281 -32.97 -15.12 31.42
N GLU A 282 -32.20 -16.21 31.51
CA GLU A 282 -32.46 -17.23 32.53
C GLU A 282 -32.44 -16.62 33.94
N GLU A 283 -31.45 -15.78 34.23
CA GLU A 283 -31.36 -15.16 35.56
C GLU A 283 -32.45 -14.11 35.76
N LEU A 284 -32.78 -13.36 34.69
CA LEU A 284 -33.90 -12.42 34.79
C LEU A 284 -35.18 -13.10 35.22
N LYS A 285 -35.46 -14.27 34.63
CA LYS A 285 -36.71 -14.95 34.92
C LYS A 285 -36.70 -15.52 36.33
N SER A 286 -35.57 -16.09 36.75
CA SER A 286 -35.48 -16.62 38.11
CA SER A 286 -35.52 -16.62 38.10
C SER A 286 -35.67 -15.51 39.14
N SER A 287 -35.03 -14.34 38.92
CA SER A 287 -35.18 -13.24 39.86
CA SER A 287 -35.17 -13.26 39.86
C SER A 287 -36.57 -12.66 39.83
N ASP A 288 -37.20 -12.63 38.65
CA ASP A 288 -38.58 -12.17 38.54
C ASP A 288 -39.51 -13.05 39.37
N SER A 289 -39.34 -14.36 39.27
CA SER A 289 -40.19 -15.28 40.02
C SER A 289 -39.91 -15.19 41.52
N GLU A 290 -38.64 -15.09 41.89
CA GLU A 290 -38.27 -15.09 43.31
C GLU A 290 -38.60 -13.77 43.98
N ARG A 291 -38.39 -12.65 43.29
CA ARG A 291 -38.49 -11.35 43.95
C ARG A 291 -39.70 -10.52 43.54
N GLY A 292 -40.35 -10.86 42.43
CA GLY A 292 -41.64 -10.24 42.11
C GLY A 292 -41.52 -8.95 41.32
N GLU A 293 -42.67 -8.27 41.22
CA GLU A 293 -42.79 -7.03 40.46
C GLU A 293 -41.97 -5.88 41.06
N GLU B 23 -48.16 32.43 31.40
CA GLU B 23 -47.82 31.75 32.64
C GLU B 23 -47.53 30.27 32.39
N GLY B 24 -48.42 29.58 31.66
CA GLY B 24 -48.12 28.21 31.27
C GLY B 24 -46.86 28.15 30.44
N LEU B 25 -46.11 27.05 30.61
CA LEU B 25 -44.77 26.98 30.02
C LEU B 25 -44.80 26.90 28.50
N MET B 26 -45.92 26.53 27.90
CA MET B 26 -46.05 26.38 26.46
C MET B 26 -47.15 27.28 25.92
N GLN B 27 -47.48 28.34 26.64
CA GLN B 27 -48.59 29.20 26.27
C GLN B 27 -48.35 29.84 24.91
N GLY B 28 -49.33 29.73 24.02
CA GLY B 28 -49.23 30.28 22.69
C GLY B 28 -48.45 29.43 21.71
N LYS B 29 -47.83 28.34 22.15
CA LYS B 29 -47.02 27.51 21.28
C LYS B 29 -47.86 26.45 20.58
N ARG B 30 -47.54 26.20 19.31
N ARG B 30 -47.54 26.20 19.31
CA ARG B 30 -48.25 25.23 18.48
CA ARG B 30 -48.25 25.22 18.49
C ARG B 30 -47.28 24.15 18.03
C ARG B 30 -47.28 24.15 18.05
N GLY B 31 -47.68 22.89 18.16
CA GLY B 31 -46.77 21.81 17.83
C GLY B 31 -47.45 20.55 17.36
N LEU B 32 -46.65 19.66 16.77
CA LEU B 32 -47.12 18.41 16.19
C LEU B 32 -46.62 17.23 17.01
N ILE B 33 -47.53 16.31 17.34
CA ILE B 33 -47.21 15.09 18.09
CA ILE B 33 -47.25 15.09 18.12
C ILE B 33 -47.45 13.89 17.20
N MET B 34 -46.41 13.13 16.95
CA MET B 34 -46.48 11.94 16.10
C MET B 34 -46.31 10.73 17.00
N GLY B 35 -47.30 9.83 16.99
CA GLY B 35 -47.12 8.57 17.69
C GLY B 35 -48.13 8.24 18.78
N VAL B 36 -49.23 8.99 18.90
CA VAL B 36 -50.28 8.55 19.81
C VAL B 36 -50.99 7.34 19.23
N ALA B 37 -51.14 6.29 20.03
CA ALA B 37 -51.92 5.12 19.67
C ALA B 37 -53.05 4.83 20.64
N ASN B 38 -52.92 5.22 21.90
CA ASN B 38 -53.95 4.99 22.91
C ASN B 38 -53.57 5.83 24.12
N ASN B 39 -54.37 5.74 25.19
CA ASN B 39 -54.09 6.62 26.32
C ASN B 39 -52.98 6.09 27.23
N HIS B 40 -52.29 5.01 26.85
CA HIS B 40 -51.06 4.61 27.53
C HIS B 40 -49.80 5.02 26.77
N SER B 41 -49.96 5.62 25.59
CA SER B 41 -48.81 5.97 24.76
C SER B 41 -47.95 7.03 25.43
N LEU B 42 -46.62 6.90 25.26
CA LEU B 42 -45.73 7.97 25.72
CA LEU B 42 -45.72 7.97 25.70
C LEU B 42 -46.13 9.30 25.10
N ALA B 43 -46.48 9.30 23.81
CA ALA B 43 -46.88 10.52 23.12
C ALA B 43 -48.14 11.12 23.74
N TRP B 44 -49.01 10.28 24.31
CA TRP B 44 -50.21 10.82 24.95
C TRP B 44 -49.88 11.47 26.28
N GLY B 45 -48.96 10.87 27.06
CA GLY B 45 -48.52 11.54 28.27
C GLY B 45 -47.89 12.89 27.96
N ILE B 46 -47.09 12.95 26.90
CA ILE B 46 -46.50 14.21 26.46
C ILE B 46 -47.59 15.20 26.05
N ALA B 47 -48.56 14.73 25.27
CA ALA B 47 -49.66 15.60 24.83
C ALA B 47 -50.40 16.22 26.01
N LYS B 48 -50.75 15.40 27.02
CA LYS B 48 -51.53 15.91 28.14
C LYS B 48 -50.77 16.98 28.89
N GLN B 49 -49.47 16.76 29.10
CA GLN B 49 -48.69 17.74 29.86
C GLN B 49 -48.50 19.02 29.04
N LEU B 50 -48.23 18.89 27.73
CA LEU B 50 -48.11 20.08 26.89
C LEU B 50 -49.40 20.87 26.89
N ALA B 51 -50.54 20.17 26.74
CA ALA B 51 -51.82 20.86 26.73
C ALA B 51 -52.09 21.54 28.07
N ALA B 52 -51.73 20.89 29.17
CA ALA B 52 -51.90 21.49 30.49
C ALA B 52 -51.08 22.76 30.64
N GLN B 53 -49.99 22.89 29.89
CA GLN B 53 -49.14 24.07 29.92
C GLN B 53 -49.47 25.06 28.80
N GLY B 54 -50.61 24.87 28.14
CA GLY B 54 -51.12 25.85 27.21
C GLY B 54 -50.81 25.63 25.75
N ALA B 55 -50.27 24.47 25.38
CA ALA B 55 -49.92 24.23 23.99
C ALA B 55 -51.15 23.97 23.13
N GLU B 56 -51.09 24.42 21.88
CA GLU B 56 -52.03 24.00 20.84
CA GLU B 56 -52.03 24.00 20.85
C GLU B 56 -51.40 22.84 20.08
N LEU B 57 -52.19 21.78 19.87
CA LEU B 57 -51.62 20.52 19.40
C LEU B 57 -52.25 20.06 18.09
N ALA B 58 -51.42 19.47 17.24
CA ALA B 58 -51.83 18.63 16.13
C ALA B 58 -51.29 17.23 16.34
N PHE B 59 -52.00 16.23 15.80
CA PHE B 59 -51.62 14.82 15.98
C PHE B 59 -51.59 14.10 14.65
N THR B 60 -50.69 13.13 14.52
CA THR B 60 -50.80 12.15 13.44
C THR B 60 -51.15 10.79 14.03
N TYR B 61 -51.70 9.93 13.17
CA TYR B 61 -52.04 8.56 13.56
C TYR B 61 -51.80 7.65 12.36
N GLN B 62 -51.45 6.40 12.66
CA GLN B 62 -51.23 5.39 11.62
C GLN B 62 -52.41 4.44 11.62
N GLY B 63 -53.12 4.38 10.51
CA GLY B 63 -54.21 3.43 10.36
C GLY B 63 -55.58 4.04 10.61
N ASP B 64 -56.53 3.79 9.70
CA ASP B 64 -57.84 4.42 9.80
C ASP B 64 -58.55 4.01 11.09
N ALA B 65 -58.48 2.72 11.44
CA ALA B 65 -59.16 2.27 12.66
C ALA B 65 -58.54 2.88 13.90
N LEU B 66 -57.22 3.09 13.88
CA LEU B 66 -56.56 3.75 15.01
C LEU B 66 -57.01 5.20 15.13
N GLY B 67 -57.23 5.87 14.00
CA GLY B 67 -57.71 7.24 14.04
C GLY B 67 -59.03 7.39 14.78
N LYS B 68 -59.86 6.36 14.76
CA LYS B 68 -61.12 6.39 15.51
C LYS B 68 -60.86 6.51 17.01
N ARG B 69 -59.70 6.07 17.48
CA ARG B 69 -59.36 6.19 18.89
C ARG B 69 -58.60 7.48 19.19
N VAL B 70 -57.76 7.93 18.27
CA VAL B 70 -56.92 9.10 18.53
C VAL B 70 -57.73 10.39 18.44
N LYS B 71 -58.68 10.47 17.51
CA LYS B 71 -59.44 11.71 17.39
C LYS B 71 -60.22 12.08 18.66
N PRO B 72 -60.87 11.15 19.36
CA PRO B 72 -61.48 11.55 20.63
C PRO B 72 -60.47 11.81 21.74
N LEU B 73 -59.30 11.18 21.71
CA LEU B 73 -58.26 11.59 22.64
C LEU B 73 -57.84 13.03 22.38
N ALA B 74 -57.56 13.36 21.12
CA ALA B 74 -57.16 14.72 20.78
C ALA B 74 -58.23 15.72 21.21
N GLU B 75 -59.51 15.33 21.10
CA GLU B 75 -60.60 16.20 21.52
C GLU B 75 -60.51 16.54 23.00
N GLN B 76 -59.99 15.61 23.81
CA GLN B 76 -59.89 15.85 25.25
C GLN B 76 -58.89 16.96 25.58
N VAL B 77 -57.89 17.18 24.73
CA VAL B 77 -56.94 18.26 24.93
C VAL B 77 -57.24 19.45 24.02
N GLY B 78 -58.47 19.52 23.49
CA GLY B 78 -58.92 20.67 22.74
C GLY B 78 -58.52 20.73 21.29
N SER B 79 -58.12 19.61 20.70
CA SER B 79 -57.62 19.58 19.34
C SER B 79 -58.53 18.74 18.45
N ASP B 80 -58.78 19.23 17.24
CA ASP B 80 -59.38 18.43 16.18
C ASP B 80 -58.48 18.40 14.95
N PHE B 81 -57.21 18.75 15.14
CA PHE B 81 -56.21 18.80 14.06
C PHE B 81 -55.48 17.45 14.09
N VAL B 82 -56.08 16.46 13.43
CA VAL B 82 -55.66 15.06 13.52
C VAL B 82 -55.55 14.49 12.11
N LEU B 83 -54.36 14.04 11.73
CA LEU B 83 -54.12 13.65 10.34
C LEU B 83 -53.49 12.28 10.23
N PRO B 84 -53.87 11.51 9.20
CA PRO B 84 -53.23 10.21 9.00
C PRO B 84 -51.80 10.36 8.49
N CYS B 85 -50.92 9.46 8.94
CA CYS B 85 -49.54 9.49 8.46
C CYS B 85 -48.92 8.13 8.66
N ASP B 86 -48.34 7.59 7.59
CA ASP B 86 -47.49 6.41 7.63
C ASP B 86 -46.11 6.88 7.22
N VAL B 87 -45.17 6.94 8.17
CA VAL B 87 -43.90 7.58 7.85
C VAL B 87 -43.13 6.79 6.79
N GLU B 88 -43.49 5.53 6.58
CA GLU B 88 -42.84 4.78 5.51
C GLU B 88 -43.24 5.31 4.14
N ASP B 89 -44.39 5.98 4.04
CA ASP B 89 -44.90 6.54 2.80
C ASP B 89 -44.71 8.05 2.86
N ILE B 90 -43.63 8.53 2.23
CA ILE B 90 -43.25 9.93 2.41
C ILE B 90 -44.30 10.89 1.86
N ALA B 91 -45.16 10.42 0.95
CA ALA B 91 -46.23 11.29 0.45
C ALA B 91 -47.19 11.69 1.57
N THR B 92 -47.45 10.78 2.51
CA THR B 92 -48.35 11.14 3.62
C THR B 92 -47.68 12.08 4.61
N VAL B 93 -46.35 11.98 4.74
CA VAL B 93 -45.60 12.91 5.59
C VAL B 93 -45.61 14.30 4.99
N ASP B 94 -45.33 14.41 3.69
CA ASP B 94 -45.41 15.70 3.02
C ASP B 94 -46.80 16.33 3.17
N ALA B 95 -47.86 15.52 3.06
CA ALA B 95 -49.21 16.07 3.17
C ALA B 95 -49.46 16.61 4.58
N VAL B 96 -48.91 15.95 5.60
CA VAL B 96 -49.05 16.44 6.97
C VAL B 96 -48.46 17.83 7.11
N PHE B 97 -47.22 18.02 6.65
CA PHE B 97 -46.59 19.32 6.81
C PHE B 97 -47.18 20.38 5.88
N GLU B 98 -47.79 20.00 4.75
CA GLU B 98 -48.51 20.99 3.96
C GLU B 98 -49.75 21.47 4.70
N GLU B 99 -50.43 20.58 5.43
CA GLU B 99 -51.59 21.00 6.19
C GLU B 99 -51.20 21.88 7.38
N ILE B 100 -50.05 21.61 7.99
CA ILE B 100 -49.56 22.50 9.05
C ILE B 100 -49.29 23.89 8.48
N GLU B 101 -48.63 23.95 7.33
CA GLU B 101 -48.37 25.25 6.70
C GLU B 101 -49.67 25.97 6.39
N LYS B 102 -50.68 25.24 5.89
CA LYS B 102 -51.94 25.87 5.50
C LYS B 102 -52.71 26.41 6.69
N LYS B 103 -52.76 25.65 7.79
CA LYS B 103 -53.62 26.04 8.91
C LYS B 103 -52.91 26.92 9.93
N TRP B 104 -51.61 26.69 10.16
CA TRP B 104 -50.85 27.43 11.15
C TRP B 104 -49.83 28.41 10.56
N GLY B 105 -49.26 28.11 9.39
CA GLY B 105 -48.22 28.93 8.81
C GLY B 105 -46.85 28.79 9.46
N GLY B 106 -46.70 27.86 10.41
CA GLY B 106 -45.46 27.72 11.15
C GLY B 106 -45.65 26.67 12.23
N LEU B 107 -44.55 26.39 12.92
CA LEU B 107 -44.51 25.37 13.95
CA LEU B 107 -44.50 25.36 13.95
C LEU B 107 -43.59 25.82 15.08
N ASP B 108 -43.95 25.51 16.31
CA ASP B 108 -43.05 25.79 17.43
C ASP B 108 -42.36 24.55 17.97
N PHE B 109 -42.95 23.37 17.83
CA PHE B 109 -42.28 22.17 18.31
C PHE B 109 -42.79 20.95 17.58
N LEU B 110 -42.02 19.87 17.68
CA LEU B 110 -42.39 18.59 17.09
C LEU B 110 -41.96 17.48 18.04
N VAL B 111 -42.81 16.49 18.21
CA VAL B 111 -42.55 15.32 19.03
C VAL B 111 -42.64 14.11 18.14
N HIS B 112 -41.54 13.36 18.05
CA HIS B 112 -41.43 12.11 17.28
C HIS B 112 -41.39 10.96 18.28
N ALA B 113 -42.46 10.18 18.33
CA ALA B 113 -42.57 9.06 19.26
C ALA B 113 -42.99 7.81 18.49
N ILE B 114 -42.25 7.52 17.43
CA ILE B 114 -42.61 6.47 16.47
C ILE B 114 -41.50 5.43 16.48
N GLY B 115 -41.87 4.16 16.57
CA GLY B 115 -40.91 3.09 16.44
C GLY B 115 -41.62 1.84 15.97
N PHE B 116 -40.87 0.97 15.29
CA PHE B 116 -41.43 -0.28 14.82
C PHE B 116 -40.34 -1.26 14.43
N SER B 117 -40.58 -2.53 14.76
CA SER B 117 -39.78 -3.63 14.22
C SER B 117 -40.67 -4.87 14.19
N ASP B 118 -40.37 -5.78 13.27
CA ASP B 118 -41.05 -7.07 13.24
C ASP B 118 -40.90 -7.74 14.60
N LYS B 119 -42.03 -8.03 15.26
CA LYS B 119 -41.97 -8.55 16.63
C LYS B 119 -41.24 -9.89 16.69
N THR B 120 -41.29 -10.68 15.61
CA THR B 120 -40.58 -11.95 15.55
CA THR B 120 -40.58 -11.95 15.62
C THR B 120 -39.07 -11.77 15.76
N GLU B 121 -38.54 -10.61 15.40
CA GLU B 121 -37.11 -10.38 15.54
C GLU B 121 -36.76 -9.71 16.87
N LEU B 122 -37.75 -9.49 17.74
CA LEU B 122 -37.52 -9.00 19.09
C LEU B 122 -37.67 -10.11 20.13
N LYS B 123 -37.30 -11.33 19.76
CA LYS B 123 -37.28 -12.47 20.68
C LYS B 123 -36.16 -13.39 20.23
N GLY B 124 -35.29 -13.78 21.16
CA GLY B 124 -34.12 -14.56 20.83
C GLY B 124 -32.91 -13.68 20.64
N ARG B 125 -31.79 -14.30 20.26
CA ARG B 125 -30.55 -13.55 20.08
C ARG B 125 -30.63 -12.68 18.83
N TYR B 126 -30.14 -11.44 18.95
CA TYR B 126 -30.00 -10.55 17.81
C TYR B 126 -29.43 -11.27 16.59
N ALA B 127 -28.32 -12.00 16.79
CA ALA B 127 -27.65 -12.66 15.68
C ALA B 127 -28.51 -13.72 15.01
N ASP B 128 -29.35 -14.40 15.80
CA ASP B 128 -30.11 -15.52 15.26
C ASP B 128 -31.30 -15.07 14.43
N VAL B 129 -31.98 -14.00 14.83
CA VAL B 129 -33.31 -13.71 14.31
C VAL B 129 -33.37 -12.52 13.36
N THR B 130 -32.36 -11.66 13.33
CA THR B 130 -32.47 -10.44 12.53
C THR B 130 -32.27 -10.75 11.04
N THR B 131 -33.08 -10.10 10.20
CA THR B 131 -32.99 -10.22 8.76
C THR B 131 -32.75 -8.85 8.15
N ARG B 132 -32.20 -8.83 6.93
CA ARG B 132 -31.94 -7.54 6.28
C ARG B 132 -33.24 -6.78 6.01
N GLU B 133 -34.30 -7.50 5.59
CA GLU B 133 -35.53 -6.81 5.23
C GLU B 133 -36.11 -6.09 6.44
N ASN B 134 -36.14 -6.75 7.59
CA ASN B 134 -36.61 -6.08 8.79
C ASN B 134 -35.62 -5.02 9.29
N PHE B 135 -34.32 -5.29 9.16
CA PHE B 135 -33.35 -4.25 9.52
C PHE B 135 -33.62 -2.95 8.77
N SER B 136 -33.76 -3.03 7.44
CA SER B 136 -33.89 -1.81 6.66
C SER B 136 -35.22 -1.11 6.94
N ARG B 137 -36.30 -1.87 7.12
CA ARG B 137 -37.60 -1.25 7.44
C ARG B 137 -37.58 -0.63 8.84
N THR B 138 -36.98 -1.35 9.80
CA THR B 138 -36.86 -0.82 11.14
C THR B 138 -36.07 0.48 11.16
N MET B 139 -34.98 0.54 10.39
CA MET B 139 -34.16 1.75 10.38
CA MET B 139 -34.14 1.74 10.34
C MET B 139 -34.91 2.92 9.77
N VAL B 140 -35.71 2.68 8.73
CA VAL B 140 -36.49 3.76 8.11
C VAL B 140 -37.56 4.26 9.08
N ILE B 141 -38.34 3.35 9.65
CA ILE B 141 -39.48 3.76 10.47
C ILE B 141 -39.03 4.32 11.82
N SER B 142 -38.06 3.66 12.46
CA SER B 142 -37.69 4.02 13.82
C SER B 142 -36.58 5.07 13.90
N ALA B 143 -35.81 5.25 12.84
CA ALA B 143 -34.72 6.22 12.87
C ALA B 143 -34.82 7.26 11.76
N TYR B 144 -34.79 6.86 10.48
CA TYR B 144 -34.67 7.88 9.46
C TYR B 144 -35.94 8.74 9.38
N SER B 145 -37.09 8.21 9.79
CA SER B 145 -38.29 9.04 9.81
C SER B 145 -38.10 10.27 10.67
N PHE B 146 -37.25 10.17 11.71
CA PHE B 146 -36.96 11.35 12.53
C PHE B 146 -36.22 12.39 11.72
N THR B 147 -35.22 11.99 10.94
CA THR B 147 -34.58 12.96 10.05
C THR B 147 -35.59 13.56 9.07
N GLU B 148 -36.48 12.73 8.53
CA GLU B 148 -37.41 13.24 7.51
C GLU B 148 -38.40 14.25 8.08
N VAL B 149 -38.94 13.99 9.29
CA VAL B 149 -39.88 14.97 9.83
C VAL B 149 -39.14 16.19 10.39
N ALA B 150 -37.90 16.01 10.86
CA ALA B 150 -37.10 17.16 11.28
C ALA B 150 -36.79 18.08 10.11
N GLN B 151 -36.42 17.52 8.95
CA GLN B 151 -36.17 18.33 7.77
C GLN B 151 -37.40 19.17 7.44
N ARG B 152 -38.57 18.56 7.50
CA ARG B 152 -39.78 19.27 7.13
C ARG B 152 -40.19 20.28 8.19
N ALA B 153 -40.01 19.94 9.47
CA ALA B 153 -40.36 20.87 10.53
C ALA B 153 -39.46 22.10 10.51
N GLU B 154 -38.18 21.91 10.18
CA GLU B 154 -37.24 23.04 10.16
C GLU B 154 -37.71 24.14 9.22
N LYS B 155 -38.34 23.76 8.10
CA LYS B 155 -38.81 24.76 7.15
C LYS B 155 -39.93 25.61 7.72
N LEU B 156 -40.58 25.15 8.78
CA LEU B 156 -41.69 25.87 9.40
C LEU B 156 -41.33 26.49 10.73
N MET B 157 -40.09 26.33 11.19
CA MET B 157 -39.72 26.73 12.53
C MET B 157 -38.83 27.97 12.52
N LYS B 158 -38.63 28.53 13.71
CA LYS B 158 -37.82 29.72 13.89
C LYS B 158 -37.01 29.59 15.18
N ASP B 159 -36.22 30.62 15.44
CA ASP B 159 -35.42 30.69 16.65
C ASP B 159 -36.29 30.43 17.88
N GLY B 160 -35.91 29.42 18.66
CA GLY B 160 -36.72 28.97 19.79
C GLY B 160 -37.46 27.67 19.54
N GLY B 161 -37.53 27.21 18.29
CA GLY B 161 -38.19 25.94 18.03
C GLY B 161 -37.45 24.77 18.65
N SER B 162 -38.20 23.71 18.94
CA SER B 162 -37.64 22.57 19.66
C SER B 162 -38.19 21.28 19.09
N ILE B 163 -37.29 20.32 18.83
CA ILE B 163 -37.63 19.03 18.24
C ILE B 163 -37.21 17.95 19.22
N LEU B 164 -38.09 16.99 19.46
CA LEU B 164 -37.88 15.96 20.47
C LEU B 164 -38.18 14.59 19.89
N THR B 165 -37.34 13.59 20.18
CA THR B 165 -37.66 12.20 19.88
C THR B 165 -37.48 11.38 21.15
N LEU B 166 -38.01 10.16 21.12
CA LEU B 166 -37.93 9.24 22.24
CA LEU B 166 -37.95 9.23 22.25
C LEU B 166 -37.00 8.10 21.91
N THR B 167 -36.12 7.78 22.84
CA THR B 167 -35.20 6.67 22.64
C THR B 167 -35.20 5.77 23.87
N TYR B 168 -34.31 4.77 23.88
CA TYR B 168 -34.25 3.83 24.98
C TYR B 168 -32.79 3.39 25.15
N GLY B 169 -32.43 3.05 26.38
CA GLY B 169 -31.06 2.78 26.76
C GLY B 169 -30.47 1.54 26.13
N GLY B 170 -31.29 0.71 25.47
CA GLY B 170 -30.81 -0.41 24.71
C GLY B 170 -29.98 0.00 23.49
N SER B 171 -29.89 1.30 23.20
CA SER B 171 -29.01 1.78 22.15
C SER B 171 -27.55 1.58 22.51
N THR B 172 -27.20 1.81 23.79
CA THR B 172 -25.81 1.88 24.21
C THR B 172 -25.42 0.79 25.22
N ARG B 173 -26.39 0.11 25.84
CA ARG B 173 -26.14 -1.09 26.63
CA ARG B 173 -26.17 -1.08 26.65
C ARG B 173 -27.06 -2.18 26.10
N THR B 174 -26.57 -3.42 26.08
CA THR B 174 -27.38 -4.45 25.44
C THR B 174 -28.49 -4.89 26.37
N ILE B 175 -29.71 -4.94 25.85
CA ILE B 175 -30.88 -5.35 26.60
C ILE B 175 -31.47 -6.56 25.91
N PRO B 176 -31.70 -7.67 26.61
CA PRO B 176 -32.20 -8.88 25.94
C PRO B 176 -33.49 -8.59 25.18
N ASN B 177 -33.54 -9.16 23.97
CA ASN B 177 -34.67 -9.10 23.04
C ASN B 177 -34.82 -7.74 22.38
N TYR B 178 -34.09 -6.72 22.81
CA TYR B 178 -34.30 -5.42 22.19
C TYR B 178 -33.66 -5.39 20.79
N ASN B 179 -32.55 -6.11 20.60
CA ASN B 179 -32.08 -6.60 19.28
C ASN B 179 -32.01 -5.43 18.31
N VAL B 180 -32.64 -5.53 17.13
CA VAL B 180 -32.41 -4.51 16.11
C VAL B 180 -33.03 -3.16 16.49
N MET B 181 -33.98 -3.12 17.42
CA MET B 181 -34.42 -1.82 17.93
C MET B 181 -33.30 -1.09 18.65
N GLY B 182 -32.40 -1.82 19.31
CA GLY B 182 -31.25 -1.18 19.92
C GLY B 182 -30.33 -0.56 18.89
N VAL B 183 -30.12 -1.26 17.78
CA VAL B 183 -29.34 -0.72 16.66
C VAL B 183 -30.02 0.52 16.08
N ALA B 184 -31.34 0.47 15.94
CA ALA B 184 -32.06 1.62 15.39
C ALA B 184 -32.00 2.81 16.33
N LYS B 185 -32.18 2.58 17.63
CA LYS B 185 -32.07 3.69 18.58
C LYS B 185 -30.66 4.27 18.62
N ALA B 186 -29.63 3.45 18.40
CA ALA B 186 -28.29 4.03 18.34
C ALA B 186 -28.16 4.98 17.17
N ALA B 187 -28.71 4.60 16.01
CA ALA B 187 -28.72 5.48 14.85
C ALA B 187 -29.54 6.73 15.14
N LEU B 188 -30.68 6.56 15.80
CA LEU B 188 -31.53 7.71 16.11
C LEU B 188 -30.81 8.71 16.98
N GLU B 189 -30.04 8.24 17.98
CA GLU B 189 -29.34 9.17 18.87
C GLU B 189 -28.23 9.90 18.14
N ALA B 190 -27.56 9.23 17.18
CA ALA B 190 -26.62 9.93 16.32
C ALA B 190 -27.33 11.00 15.49
N MET B 191 -28.54 10.72 15.01
CA MET B 191 -29.27 11.73 14.25
C MET B 191 -29.59 12.94 15.11
N VAL B 192 -29.96 12.71 16.37
CA VAL B 192 -30.19 13.83 17.28
C VAL B 192 -28.95 14.72 17.34
N ARG B 193 -27.76 14.11 17.46
CA ARG B 193 -26.56 14.93 17.56
C ARG B 193 -26.29 15.67 16.25
N TYR B 194 -26.39 14.99 15.11
CA TYR B 194 -26.05 15.66 13.85
C TYR B 194 -27.08 16.76 13.54
N LEU B 195 -28.36 16.48 13.77
CA LEU B 195 -29.39 17.49 13.55
C LEU B 195 -29.24 18.68 14.49
N ALA B 196 -28.89 18.42 15.75
CA ALA B 196 -28.65 19.52 16.68
C ALA B 196 -27.51 20.40 16.20
N ALA B 197 -26.43 19.78 15.71
CA ALA B 197 -25.31 20.57 15.21
C ALA B 197 -25.68 21.35 13.95
N ASP B 198 -26.58 20.81 13.12
CA ASP B 198 -26.98 21.50 11.91
C ASP B 198 -27.93 22.65 12.20
N TYR B 199 -28.90 22.45 13.09
CA TYR B 199 -29.99 23.40 13.28
C TYR B 199 -29.75 24.39 14.40
N GLY B 200 -28.77 24.13 15.27
CA GLY B 200 -28.47 25.02 16.37
C GLY B 200 -28.21 26.47 16.00
N PRO B 201 -27.47 26.73 14.92
CA PRO B 201 -27.19 28.15 14.59
C PRO B 201 -28.43 28.93 14.24
N GLN B 202 -29.50 28.26 13.84
CA GLN B 202 -30.80 28.90 13.66
C GLN B 202 -31.60 29.02 14.94
N GLY B 203 -31.10 28.52 16.07
CA GLY B 203 -31.87 28.59 17.29
C GLY B 203 -32.89 27.48 17.46
N ILE B 204 -32.77 26.42 16.67
CA ILE B 204 -33.66 25.27 16.74
C ILE B 204 -32.93 24.17 17.48
N ARG B 205 -33.52 23.69 18.57
CA ARG B 205 -32.94 22.70 19.46
C ARG B 205 -33.49 21.31 19.16
N VAL B 206 -32.64 20.30 19.29
CA VAL B 206 -33.00 18.92 18.94
C VAL B 206 -32.49 18.02 20.07
N ASN B 207 -33.40 17.25 20.67
CA ASN B 207 -33.04 16.46 21.84
C ASN B 207 -33.79 15.15 21.81
N ALA B 208 -33.42 14.25 22.72
CA ALA B 208 -34.13 12.98 22.90
C ALA B 208 -34.36 12.75 24.39
N ILE B 209 -35.47 12.11 24.72
CA ILE B 209 -35.67 11.53 26.04
C ILE B 209 -35.42 10.04 25.91
N SER B 210 -34.51 9.51 26.73
CA SER B 210 -34.34 8.06 26.85
C SER B 210 -35.23 7.62 28.01
N ALA B 211 -36.41 7.12 27.69
CA ALA B 211 -37.40 6.81 28.71
C ALA B 211 -37.17 5.41 29.27
N GLY B 212 -37.52 5.22 30.54
CA GLY B 212 -37.68 3.90 31.10
C GLY B 212 -38.87 3.22 30.45
N PRO B 213 -39.06 1.93 30.70
CA PRO B 213 -40.27 1.26 30.22
C PRO B 213 -41.49 1.75 30.96
N VAL B 214 -42.63 1.73 30.27
CA VAL B 214 -43.89 2.18 30.85
CA VAL B 214 -43.88 2.17 30.88
C VAL B 214 -44.92 1.06 30.75
N ARG B 215 -45.83 1.01 31.72
CA ARG B 215 -46.87 0.00 31.74
C ARG B 215 -47.76 0.11 30.50
N THR B 216 -48.18 -1.04 29.98
CA THR B 216 -48.99 -1.14 28.79
C THR B 216 -50.42 -1.52 29.16
N LEU B 217 -51.23 -1.86 28.15
CA LEU B 217 -52.64 -2.16 28.33
C LEU B 217 -52.89 -3.29 29.32
N ALA B 220 -47.91 -7.37 30.47
CA ALA B 220 -46.72 -8.14 30.14
C ALA B 220 -47.06 -9.27 29.18
N GLY B 221 -48.14 -9.98 29.47
CA GLY B 221 -48.54 -11.10 28.64
C GLY B 221 -47.66 -12.32 28.89
N ILE B 222 -47.51 -13.13 27.84
CA ILE B 222 -46.68 -14.32 27.88
C ILE B 222 -45.34 -14.02 27.22
N GLY B 223 -44.26 -14.41 27.87
CA GLY B 223 -42.94 -14.32 27.30
C GLY B 223 -41.98 -13.64 28.25
N ASP B 224 -40.92 -13.10 27.68
CA ASP B 224 -39.81 -12.55 28.46
C ASP B 224 -40.05 -11.13 28.95
N ALA B 225 -41.09 -10.44 28.47
CA ALA B 225 -41.23 -9.02 28.77
C ALA B 225 -41.45 -8.79 30.26
N ARG B 226 -42.12 -9.71 30.95
CA ARG B 226 -42.39 -9.53 32.37
C ARG B 226 -41.10 -9.40 33.18
N ALA B 227 -40.16 -10.32 32.97
CA ALA B 227 -38.92 -10.31 33.77
C ALA B 227 -38.03 -9.14 33.41
N ILE B 228 -38.02 -8.76 32.13
CA ILE B 228 -37.23 -7.61 31.70
C ILE B 228 -37.77 -6.34 32.34
N PHE B 229 -39.09 -6.20 32.37
CA PHE B 229 -39.73 -5.03 32.96
C PHE B 229 -39.49 -4.97 34.46
N SER B 230 -39.69 -6.08 35.16
CA SER B 230 -39.60 -6.05 36.61
C SER B 230 -38.16 -5.83 37.06
N TYR B 231 -37.18 -6.26 36.27
CA TYR B 231 -35.79 -5.99 36.63
C TYR B 231 -35.54 -4.49 36.72
N GLN B 232 -36.08 -3.72 35.77
CA GLN B 232 -35.92 -2.27 35.82
C GLN B 232 -36.69 -1.66 36.98
N ARG B 233 -37.86 -2.21 37.29
CA ARG B 233 -38.62 -1.71 38.45
C ARG B 233 -37.84 -1.93 39.74
N ARG B 234 -37.38 -3.17 39.97
CA ARG B 234 -36.74 -3.50 41.24
C ARG B 234 -35.40 -2.81 41.42
N ASN B 235 -34.67 -2.60 40.33
CA ASN B 235 -33.27 -2.23 40.46
C ASN B 235 -32.95 -0.81 40.03
N SER B 236 -33.93 -0.04 39.60
CA SER B 236 -33.70 1.38 39.36
CA SER B 236 -33.68 1.37 39.36
C SER B 236 -33.54 2.11 40.70
N PRO B 237 -32.71 3.16 40.74
CA PRO B 237 -32.58 3.95 41.97
C PRO B 237 -33.90 4.42 42.57
N LEU B 238 -34.84 4.89 41.76
CA LEU B 238 -36.10 5.36 42.32
C LEU B 238 -37.07 4.22 42.64
N ARG B 239 -36.70 2.98 42.31
CA ARG B 239 -37.47 1.77 42.66
C ARG B 239 -38.88 1.82 42.07
N ARG B 240 -39.00 2.42 40.89
CA ARG B 240 -40.27 2.46 40.19
CA ARG B 240 -40.27 2.45 40.19
C ARG B 240 -39.98 2.65 38.71
N THR B 241 -40.92 2.23 37.89
CA THR B 241 -40.79 2.56 36.48
C THR B 241 -41.49 3.89 36.24
N VAL B 242 -40.92 4.70 35.35
CA VAL B 242 -41.52 5.99 35.08
C VAL B 242 -42.90 5.77 34.44
N ASP B 243 -43.74 6.77 34.56
CA ASP B 243 -45.01 6.73 33.87
C ASP B 243 -45.03 7.81 32.80
N ILE B 244 -46.11 7.85 32.03
CA ILE B 244 -46.15 8.79 30.92
C ILE B 244 -46.30 10.23 31.40
N ASP B 245 -46.68 10.45 32.66
CA ASP B 245 -46.63 11.81 33.22
C ASP B 245 -45.19 12.25 33.51
N ASP B 246 -44.35 11.36 34.05
CA ASP B 246 -42.92 11.70 34.20
C ASP B 246 -42.33 12.08 32.86
N VAL B 247 -42.55 11.23 31.85
CA VAL B 247 -41.99 11.51 30.53
C VAL B 247 -42.60 12.78 29.96
N GLY B 248 -43.90 12.98 30.16
CA GLY B 248 -44.56 14.16 29.62
C GLY B 248 -44.02 15.45 30.21
N LYS B 249 -43.76 15.46 31.52
CA LYS B 249 -43.21 16.66 32.16
C LYS B 249 -41.78 16.93 31.69
N SER B 250 -40.96 15.89 31.52
CA SER B 250 -39.64 16.08 30.94
C SER B 250 -39.72 16.60 29.52
N ALA B 251 -40.73 16.15 28.77
CA ALA B 251 -40.90 16.67 27.41
C ALA B 251 -41.27 18.14 27.43
N VAL B 252 -42.15 18.53 28.36
CA VAL B 252 -42.46 19.95 28.54
C VAL B 252 -41.20 20.74 28.76
N TYR B 253 -40.29 20.23 29.61
CA TYR B 253 -39.02 20.92 29.85
C TYR B 253 -38.24 21.10 28.56
N LEU B 254 -38.04 20.01 27.80
CA LEU B 254 -37.19 20.10 26.62
C LEU B 254 -37.84 20.91 25.50
N LEU B 255 -39.17 20.98 25.47
CA LEU B 255 -39.85 21.70 24.39
C LEU B 255 -40.11 23.16 24.74
N SER B 256 -39.99 23.52 26.01
CA SER B 256 -40.21 24.89 26.50
C SER B 256 -38.91 25.66 26.54
N ASP B 257 -39.05 26.95 26.86
CA ASP B 257 -37.93 27.86 27.06
C ASP B 257 -37.10 27.53 28.30
N LEU B 258 -37.57 26.63 29.17
CA LEU B 258 -36.77 26.25 30.33
C LEU B 258 -35.44 25.66 29.90
N SER B 259 -35.44 24.94 28.78
CA SER B 259 -34.27 24.23 28.29
C SER B 259 -33.57 25.00 27.18
N SER B 260 -33.66 26.33 27.21
CA SER B 260 -33.05 27.15 26.17
C SER B 260 -31.54 26.91 26.00
N GLY B 261 -30.86 26.39 27.01
CA GLY B 261 -29.45 26.08 26.88
C GLY B 261 -29.10 24.67 26.44
N VAL B 262 -30.09 23.84 26.10
CA VAL B 262 -29.94 22.39 25.96
C VAL B 262 -30.23 21.99 24.53
N THR B 263 -29.25 21.38 23.86
CA THR B 263 -29.50 20.77 22.57
C THR B 263 -28.53 19.62 22.37
N GLY B 264 -28.93 18.66 21.51
CA GLY B 264 -28.11 17.48 21.27
C GLY B 264 -28.07 16.49 22.41
N GLU B 265 -28.97 16.63 23.37
CA GLU B 265 -28.90 15.89 24.62
C GLU B 265 -29.72 14.61 24.53
N ILE B 266 -29.11 13.50 24.96
CA ILE B 266 -29.86 12.26 25.22
C ILE B 266 -30.17 12.28 26.72
N HIS B 267 -31.40 12.64 27.06
CA HIS B 267 -31.78 12.92 28.44
C HIS B 267 -32.49 11.71 29.01
N PHE B 268 -31.89 11.08 30.03
CA PHE B 268 -32.49 9.88 30.62
C PHE B 268 -33.60 10.24 31.61
N VAL B 269 -34.78 9.69 31.35
CA VAL B 269 -35.94 9.79 32.23
C VAL B 269 -36.35 8.36 32.49
N ASP B 270 -35.59 7.70 33.36
CA ASP B 270 -35.64 6.25 33.50
C ASP B 270 -35.45 5.83 34.96
N SER B 271 -35.78 6.71 35.91
CA SER B 271 -35.64 6.45 37.34
C SER B 271 -34.18 6.21 37.74
N GLY B 272 -33.23 6.66 36.93
CA GLY B 272 -31.82 6.46 37.20
C GLY B 272 -31.27 5.10 36.80
N TYR B 273 -32.07 4.25 36.16
CA TYR B 273 -31.66 2.88 35.85
C TYR B 273 -30.32 2.83 35.12
N ASN B 274 -30.12 3.73 34.16
CA ASN B 274 -28.93 3.69 33.34
C ASN B 274 -27.63 3.83 34.15
N ILE B 275 -27.68 4.38 35.37
CA ILE B 275 -26.44 4.62 36.11
C ILE B 275 -25.93 3.39 36.84
N VAL B 276 -26.76 2.36 37.05
CA VAL B 276 -26.31 1.24 37.88
C VAL B 276 -25.66 0.19 37.01
N SER B 277 -24.72 -0.54 37.61
CA SER B 277 -24.09 -1.68 36.95
C SER B 277 -24.80 -2.98 37.25
N MET B 278 -25.35 -3.10 38.45
CA MET B 278 -25.82 -4.37 39.00
C MET B 278 -27.17 -4.20 39.66
N PRO B 279 -27.85 -5.29 40.01
CA PRO B 279 -29.06 -5.17 40.83
C PRO B 279 -28.73 -4.75 42.26
N THR B 280 -29.76 -4.57 43.09
CA THR B 280 -29.51 -4.19 44.47
C THR B 280 -28.73 -5.30 45.16
N LEU B 281 -28.07 -4.92 46.27
CA LEU B 281 -27.29 -5.88 47.02
C LEU B 281 -28.15 -7.07 47.48
N GLU B 282 -29.36 -6.81 47.94
CA GLU B 282 -30.24 -7.91 48.35
C GLU B 282 -30.49 -8.87 47.19
N GLU B 283 -30.64 -8.34 45.97
CA GLU B 283 -30.88 -9.19 44.81
C GLU B 283 -29.61 -9.93 44.40
N LEU B 284 -28.45 -9.27 44.47
CA LEU B 284 -27.17 -9.94 44.22
C LEU B 284 -26.99 -11.13 45.14
N LYS B 285 -27.25 -10.95 46.42
CA LYS B 285 -27.08 -12.02 47.38
C LYS B 285 -28.06 -13.16 47.11
N SER B 286 -29.32 -12.84 46.80
CA SER B 286 -30.31 -13.86 46.47
C SER B 286 -29.89 -14.67 45.23
N SER B 287 -29.47 -13.98 44.17
CA SER B 287 -29.03 -14.68 42.96
C SER B 287 -27.78 -15.51 43.22
N ASP B 288 -26.85 -15.00 44.03
CA ASP B 288 -25.65 -15.79 44.34
C ASP B 288 -26.03 -17.05 45.10
N SER B 289 -26.95 -16.92 46.06
CA SER B 289 -27.39 -18.09 46.81
C SER B 289 -28.09 -19.11 45.92
N GLU B 290 -28.90 -18.65 44.97
CA GLU B 290 -29.70 -19.58 44.17
C GLU B 290 -28.98 -20.10 42.94
N ARG B 291 -28.07 -19.33 42.35
CA ARG B 291 -27.49 -19.71 41.07
C ARG B 291 -26.01 -20.04 41.13
N GLY B 292 -25.31 -19.68 42.20
CA GLY B 292 -23.97 -20.17 42.43
C GLY B 292 -22.90 -19.37 41.70
N GLU B 293 -21.71 -19.93 41.69
CA GLU B 293 -20.51 -19.23 41.19
C GLU B 293 -20.56 -19.03 39.67
N GLU C 23 -49.09 27.51 41.51
CA GLU C 23 -48.77 27.76 40.11
C GLU C 23 -47.27 27.74 39.87
N GLY C 24 -46.51 28.39 40.76
CA GLY C 24 -45.06 28.31 40.65
C GLY C 24 -44.58 26.88 40.78
N LEU C 25 -43.56 26.54 39.98
CA LEU C 25 -42.99 25.20 39.98
C LEU C 25 -42.37 24.81 41.33
N MET C 26 -42.00 25.78 42.15
CA MET C 26 -41.35 25.51 43.43
C MET C 26 -42.15 26.09 44.60
N GLN C 27 -43.45 26.30 44.42
CA GLN C 27 -44.26 26.97 45.42
C GLN C 27 -44.29 26.20 46.73
N GLY C 28 -43.97 26.89 47.83
CA GLY C 28 -43.93 26.27 49.14
C GLY C 28 -42.67 25.49 49.44
N LYS C 29 -41.78 25.31 48.46
CA LYS C 29 -40.57 24.54 48.70
C LYS C 29 -39.49 25.43 49.32
N ARG C 30 -38.70 24.84 50.21
CA ARG C 30 -37.63 25.53 50.91
CA ARG C 30 -37.63 25.53 50.91
C ARG C 30 -36.30 24.85 50.60
N GLY C 31 -35.27 25.64 50.33
CA GLY C 31 -34.00 25.01 50.01
C GLY C 31 -32.81 25.89 50.28
N LEU C 32 -31.64 25.25 50.30
CA LEU C 32 -30.36 25.89 50.60
C LEU C 32 -29.56 26.03 49.32
N ILE C 33 -29.03 27.24 49.10
CA ILE C 33 -28.18 27.57 47.95
C ILE C 33 -26.78 27.85 48.48
N MET C 34 -25.82 27.02 48.07
CA MET C 34 -24.43 27.18 48.45
C MET C 34 -23.64 27.63 47.22
N GLY C 35 -22.98 28.79 47.30
CA GLY C 35 -22.05 29.12 46.24
C GLY C 35 -22.26 30.46 45.57
N VAL C 36 -23.20 31.26 46.08
CA VAL C 36 -23.32 32.63 45.60
C VAL C 36 -22.12 33.43 46.07
N ALA C 37 -21.48 34.13 45.12
CA ALA C 37 -20.40 35.06 45.39
C ALA C 37 -20.70 36.47 44.91
N ASN C 38 -21.44 36.62 43.81
CA ASN C 38 -21.87 37.92 43.31
C ASN C 38 -23.01 37.68 42.34
N ASN C 39 -23.49 38.76 41.70
CA ASN C 39 -24.64 38.65 40.81
C ASN C 39 -24.29 38.06 39.45
N HIS C 40 -23.05 37.62 39.22
CA HIS C 40 -22.72 36.82 38.06
C HIS C 40 -22.63 35.32 38.36
N SER C 41 -22.74 34.92 39.62
CA SER C 41 -22.58 33.53 40.00
C SER C 41 -23.65 32.63 39.39
N LEU C 42 -23.25 31.43 38.99
N LEU C 42 -23.24 31.44 38.97
CA LEU C 42 -24.23 30.43 38.57
CA LEU C 42 -24.21 30.42 38.58
C LEU C 42 -25.26 30.17 39.67
C LEU C 42 -25.26 30.20 39.68
N ALA C 43 -24.82 30.13 40.93
CA ALA C 43 -25.77 29.92 42.02
C ALA C 43 -26.76 31.07 42.13
N TRP C 44 -26.38 32.27 41.70
CA TRP C 44 -27.31 33.39 41.75
C TRP C 44 -28.38 33.28 40.67
N GLY C 45 -27.98 32.92 39.44
CA GLY C 45 -28.97 32.64 38.41
C GLY C 45 -29.96 31.57 38.84
N ILE C 46 -29.44 30.54 39.52
CA ILE C 46 -30.30 29.47 40.05
C ILE C 46 -31.24 30.03 41.11
N ALA C 47 -30.71 30.83 42.03
CA ALA C 47 -31.53 31.39 43.11
C ALA C 47 -32.64 32.26 42.54
N LYS C 48 -32.33 33.09 41.54
CA LYS C 48 -33.33 33.99 40.98
C LYS C 48 -34.46 33.23 40.30
N GLN C 49 -34.12 32.16 39.57
CA GLN C 49 -35.18 31.41 38.89
C GLN C 49 -36.02 30.63 39.88
N LEU C 50 -35.37 30.05 40.91
CA LEU C 50 -36.14 29.35 41.94
C LEU C 50 -37.08 30.30 42.67
N ALA C 51 -36.62 31.50 42.99
CA ALA C 51 -37.47 32.48 43.66
C ALA C 51 -38.65 32.86 42.78
N ALA C 52 -38.43 33.03 41.48
CA ALA C 52 -39.52 33.38 40.57
C ALA C 52 -40.57 32.27 40.47
N GLN C 53 -40.21 31.03 40.77
CA GLN C 53 -41.11 29.90 40.80
C GLN C 53 -41.66 29.60 42.20
N GLY C 54 -41.42 30.49 43.17
CA GLY C 54 -42.07 30.41 44.45
C GLY C 54 -41.24 29.84 45.58
N ALA C 55 -39.97 29.51 45.36
CA ALA C 55 -39.16 28.87 46.39
C ALA C 55 -38.81 29.85 47.51
N GLU C 56 -38.69 29.31 48.73
CA GLU C 56 -38.13 30.03 49.86
C GLU C 56 -36.68 29.57 50.02
N LEU C 57 -35.76 30.53 50.22
CA LEU C 57 -34.34 30.27 50.03
C LEU C 57 -33.50 30.63 51.25
N ALA C 58 -32.48 29.80 51.49
CA ALA C 58 -31.40 30.09 52.42
C ALA C 58 -30.09 30.08 51.64
N PHE C 59 -29.12 30.87 52.12
CA PHE C 59 -27.86 31.07 51.41
C PHE C 59 -26.68 30.88 52.36
N THR C 60 -25.58 30.34 51.84
CA THR C 60 -24.31 30.41 52.53
C THR C 60 -23.35 31.31 51.77
N TYR C 61 -22.34 31.81 52.49
CA TYR C 61 -21.31 32.65 51.88
C TYR C 61 -19.98 32.32 52.53
N GLN C 62 -18.91 32.34 51.73
CA GLN C 62 -17.57 32.02 52.22
C GLN C 62 -16.84 33.32 52.52
N GLY C 63 -16.57 33.56 53.80
CA GLY C 63 -15.79 34.73 54.20
C GLY C 63 -16.65 35.97 54.37
N ASP C 64 -16.24 36.81 55.33
CA ASP C 64 -16.98 38.03 55.59
C ASP C 64 -17.03 38.94 54.37
N ALA C 65 -15.98 38.93 53.55
CA ALA C 65 -15.97 39.77 52.36
C ALA C 65 -17.10 39.42 51.41
N LEU C 66 -17.43 38.13 51.28
CA LEU C 66 -18.54 37.73 50.43
C LEU C 66 -19.90 37.92 51.10
N GLY C 67 -19.94 37.97 52.42
CA GLY C 67 -21.20 38.26 53.10
C GLY C 67 -21.80 39.58 52.66
N LYS C 68 -20.95 40.59 52.49
CA LYS C 68 -21.42 41.91 52.06
C LYS C 68 -22.08 41.86 50.69
N ARG C 69 -21.78 40.85 49.88
CA ARG C 69 -22.35 40.74 48.55
C ARG C 69 -23.54 39.77 48.50
N VAL C 70 -23.51 38.72 49.31
CA VAL C 70 -24.59 37.75 49.28
C VAL C 70 -25.84 38.27 49.99
N LYS C 71 -25.66 38.99 51.09
CA LYS C 71 -26.83 39.45 51.85
C LYS C 71 -27.74 40.37 51.04
N PRO C 72 -27.25 41.40 50.33
CA PRO C 72 -28.17 42.21 49.52
C PRO C 72 -28.84 41.44 48.41
N LEU C 73 -28.15 40.47 47.79
CA LEU C 73 -28.78 39.63 46.78
C LEU C 73 -29.90 38.80 47.38
N ALA C 74 -29.63 38.16 48.53
CA ALA C 74 -30.66 37.37 49.18
C ALA C 74 -31.90 38.22 49.50
N GLU C 75 -31.68 39.47 49.89
CA GLU C 75 -32.81 40.35 50.18
C GLU C 75 -33.65 40.61 48.93
N GLN C 76 -33.01 40.65 47.76
CA GLN C 76 -33.75 40.88 46.52
C GLN C 76 -34.78 39.79 46.25
N VAL C 77 -34.51 38.56 46.69
CA VAL C 77 -35.46 37.46 46.57
C VAL C 77 -36.17 37.16 47.89
N GLY C 78 -36.13 38.11 48.83
CA GLY C 78 -36.96 38.01 50.02
C GLY C 78 -36.43 37.13 51.13
N SER C 79 -35.11 36.93 51.19
CA SER C 79 -34.49 36.07 52.19
C SER C 79 -33.52 36.85 53.05
N ASP C 80 -33.58 36.64 54.38
CA ASP C 80 -32.50 37.07 55.26
C ASP C 80 -31.86 35.87 55.96
N PHE C 81 -32.12 34.66 55.45
CA PHE C 81 -31.57 33.43 56.00
C PHE C 81 -30.24 33.22 55.28
N VAL C 82 -29.21 33.89 55.79
CA VAL C 82 -27.90 33.91 55.15
C VAL C 82 -26.83 33.64 56.19
N LEU C 83 -26.00 32.63 55.94
CA LEU C 83 -25.10 32.11 56.95
C LEU C 83 -23.70 31.94 56.38
N PRO C 84 -22.66 32.19 57.16
CA PRO C 84 -21.29 31.95 56.68
C PRO C 84 -20.96 30.47 56.68
N CYS C 85 -20.18 30.06 55.68
CA CYS C 85 -19.79 28.66 55.61
C CYS C 85 -18.54 28.51 54.75
N ASP C 86 -17.53 27.87 55.31
CA ASP C 86 -16.34 27.41 54.60
C ASP C 86 -16.40 25.88 54.62
N VAL C 87 -16.66 25.26 53.46
CA VAL C 87 -16.89 23.82 53.46
C VAL C 87 -15.64 23.06 53.88
N GLU C 88 -14.47 23.71 53.85
CA GLU C 88 -13.27 23.04 54.32
C GLU C 88 -13.30 22.86 55.83
N ASP C 89 -14.05 23.72 56.53
CA ASP C 89 -14.17 23.69 57.99
C ASP C 89 -15.53 23.09 58.32
N ILE C 90 -15.54 21.81 58.67
CA ILE C 90 -16.81 21.08 58.79
C ILE C 90 -17.65 21.63 59.93
N ALA C 91 -17.04 22.28 60.91
CA ALA C 91 -17.81 22.89 62.00
C ALA C 91 -18.76 23.95 61.46
N THR C 92 -18.32 24.75 60.49
CA THR C 92 -19.19 25.77 59.93
C THR C 92 -20.34 25.15 59.15
N VAL C 93 -20.09 24.00 58.51
CA VAL C 93 -21.14 23.30 57.78
C VAL C 93 -22.19 22.75 58.75
N ASP C 94 -21.73 22.09 59.82
CA ASP C 94 -22.66 21.57 60.82
C ASP C 94 -23.54 22.68 61.38
N ALA C 95 -22.97 23.87 61.62
CA ALA C 95 -23.76 24.96 62.18
C ALA C 95 -24.81 25.46 61.20
N VAL C 96 -24.51 25.45 59.90
CA VAL C 96 -25.49 25.78 58.88
C VAL C 96 -26.70 24.84 58.99
N PHE C 97 -26.44 23.54 58.97
CA PHE C 97 -27.57 22.61 59.02
C PHE C 97 -28.25 22.60 60.39
N GLU C 98 -27.51 22.91 61.46
CA GLU C 98 -28.15 23.13 62.75
C GLU C 98 -29.17 24.26 62.65
N GLU C 99 -28.83 25.35 61.94
CA GLU C 99 -29.77 26.46 61.81
CA GLU C 99 -29.77 26.46 61.81
C GLU C 99 -30.96 26.09 60.95
N ILE C 100 -30.73 25.34 59.86
CA ILE C 100 -31.84 24.89 59.02
C ILE C 100 -32.79 24.01 59.82
N GLU C 101 -32.23 23.10 60.61
CA GLU C 101 -33.05 22.19 61.40
C GLU C 101 -33.92 22.95 62.38
N LYS C 102 -33.37 24.00 63.00
CA LYS C 102 -34.13 24.75 64.01
C LYS C 102 -35.14 25.69 63.38
N LYS C 103 -34.83 26.28 62.23
CA LYS C 103 -35.73 27.26 61.62
C LYS C 103 -36.79 26.61 60.73
N TRP C 104 -36.42 25.57 59.99
CA TRP C 104 -37.30 24.94 59.02
C TRP C 104 -37.72 23.53 59.39
N GLY C 105 -36.91 22.81 60.17
CA GLY C 105 -37.24 21.43 60.49
C GLY C 105 -37.15 20.48 59.33
N GLY C 106 -36.57 20.90 58.21
CA GLY C 106 -36.42 20.05 57.05
C GLY C 106 -35.98 20.85 55.84
N LEU C 107 -35.76 20.13 54.75
CA LEU C 107 -35.29 20.71 53.51
CA LEU C 107 -35.28 20.71 53.51
C LEU C 107 -36.01 20.07 52.34
N ASP C 108 -36.37 20.88 51.34
CA ASP C 108 -36.90 20.31 50.12
C ASP C 108 -35.85 20.14 49.05
N PHE C 109 -34.84 21.00 49.02
CA PHE C 109 -33.80 20.87 48.00
C PHE C 109 -32.51 21.52 48.47
N LEU C 110 -31.42 21.15 47.82
CA LEU C 110 -30.11 21.76 48.07
C LEU C 110 -29.42 21.98 46.74
N VAL C 111 -28.76 23.13 46.61
CA VAL C 111 -27.91 23.45 45.46
C VAL C 111 -26.47 23.60 45.95
N HIS C 112 -25.55 22.84 45.36
CA HIS C 112 -24.13 22.90 45.64
C HIS C 112 -23.45 23.47 44.41
N ALA C 113 -22.92 24.68 44.52
CA ALA C 113 -22.27 25.35 43.40
C ALA C 113 -20.94 25.92 43.85
N ILE C 114 -20.10 25.04 44.41
CA ILE C 114 -18.87 25.43 45.07
C ILE C 114 -17.71 24.74 44.35
N GLY C 115 -16.71 25.51 43.99
CA GLY C 115 -15.50 24.95 43.41
C GLY C 115 -14.32 25.81 43.77
N PHE C 116 -13.16 25.19 43.91
CA PHE C 116 -11.94 25.92 44.23
C PHE C 116 -10.74 25.08 43.83
N SER C 117 -9.74 25.74 43.23
CA SER C 117 -8.40 25.18 43.14
C SER C 117 -7.42 26.35 43.13
N ASP C 118 -6.18 26.07 43.55
CA ASP C 118 -5.12 27.08 43.46
C ASP C 118 -4.95 27.53 42.02
N LYS C 119 -5.12 28.83 41.78
CA LYS C 119 -5.13 29.35 40.42
C LYS C 119 -3.80 29.13 39.70
N THR C 120 -2.70 29.08 40.45
CA THR C 120 -1.41 28.83 39.83
C THR C 120 -1.32 27.43 39.21
N GLU C 121 -2.21 26.52 39.57
CA GLU C 121 -2.19 25.17 39.01
C GLU C 121 -3.24 25.00 37.93
N LEU C 122 -3.88 26.08 37.51
CA LEU C 122 -4.85 26.09 36.43
C LEU C 122 -4.31 26.89 35.25
N LYS C 123 -3.00 26.79 35.04
CA LYS C 123 -2.31 27.41 33.93
C LYS C 123 -1.06 26.58 33.67
N GLY C 124 -0.90 26.09 32.45
CA GLY C 124 0.17 25.17 32.13
C GLY C 124 -0.35 23.74 32.06
N ARG C 125 0.59 22.82 31.85
CA ARG C 125 0.21 21.41 31.75
C ARG C 125 -0.16 20.86 33.12
N TYR C 126 -1.23 20.05 33.17
CA TYR C 126 -1.63 19.37 34.40
C TYR C 126 -0.43 18.71 35.07
N ALA C 127 0.37 17.99 34.29
CA ALA C 127 1.49 17.24 34.85
C ALA C 127 2.55 18.16 35.42
N ASP C 128 2.74 19.34 34.84
CA ASP C 128 3.81 20.22 35.27
C ASP C 128 3.49 20.95 36.57
N VAL C 129 2.23 21.35 36.77
CA VAL C 129 1.92 22.34 37.80
C VAL C 129 1.20 21.75 39.01
N THR C 130 0.63 20.55 38.92
CA THR C 130 -0.20 20.07 40.01
C THR C 130 0.66 19.54 41.15
N THR C 131 0.24 19.84 42.37
CA THR C 131 0.88 19.38 43.60
C THR C 131 -0.10 18.56 44.42
N ARG C 132 0.44 17.71 45.29
CA ARG C 132 -0.44 16.91 46.15
C ARG C 132 -1.24 17.81 47.08
N GLU C 133 -0.60 18.84 47.65
CA GLU C 133 -1.31 19.70 48.59
C GLU C 133 -2.53 20.34 47.95
N ASN C 134 -2.37 20.85 46.72
CA ASN C 134 -3.52 21.46 46.05
C ASN C 134 -4.51 20.39 45.59
N PHE C 135 -4.01 19.27 45.09
CA PHE C 135 -4.90 18.15 44.76
C PHE C 135 -5.85 17.85 45.91
N SER C 136 -5.30 17.62 47.10
CA SER C 136 -6.13 17.17 48.19
C SER C 136 -7.13 18.24 48.62
N ARG C 137 -6.69 19.50 48.63
CA ARG C 137 -7.61 20.58 49.00
C ARG C 137 -8.68 20.78 47.94
N THR C 138 -8.28 20.73 46.66
CA THR C 138 -9.26 20.81 45.58
C THR C 138 -10.29 19.69 45.68
N MET C 139 -9.83 18.47 45.94
CA MET C 139 -10.79 17.36 45.99
CA MET C 139 -10.75 17.32 46.03
C MET C 139 -11.76 17.51 47.16
N VAL C 140 -11.32 18.06 48.29
CA VAL C 140 -12.24 18.26 49.42
C VAL C 140 -13.24 19.35 49.08
N ILE C 141 -12.76 20.51 48.62
CA ILE C 141 -13.65 21.65 48.46
C ILE C 141 -14.57 21.45 47.26
N SER C 142 -14.03 20.97 46.15
CA SER C 142 -14.80 20.91 44.91
C SER C 142 -15.59 19.62 44.76
N ALA C 143 -15.23 18.56 45.49
CA ALA C 143 -15.92 17.29 45.29
C ALA C 143 -16.48 16.76 46.61
N TYR C 144 -15.63 16.46 47.59
CA TYR C 144 -16.16 15.77 48.77
C TYR C 144 -17.17 16.64 49.54
N SER C 145 -17.03 17.97 49.49
CA SER C 145 -18.01 18.82 50.16
C SER C 145 -19.43 18.54 49.68
N PHE C 146 -19.59 18.11 48.41
CA PHE C 146 -20.92 17.73 47.94
C PHE C 146 -21.44 16.50 48.67
N THR C 147 -20.58 15.50 48.88
CA THR C 147 -21.00 14.35 49.67
C THR C 147 -21.37 14.79 51.09
N GLU C 148 -20.56 15.67 51.68
CA GLU C 148 -20.81 16.08 53.06
C GLU C 148 -22.13 16.83 53.20
N VAL C 149 -22.44 17.72 52.24
CA VAL C 149 -23.70 18.44 52.39
C VAL C 149 -24.88 17.56 51.97
N ALA C 150 -24.66 16.60 51.08
CA ALA C 150 -25.71 15.65 50.75
C ALA C 150 -26.06 14.78 51.95
N GLN C 151 -25.03 14.33 52.70
CA GLN C 151 -25.28 13.53 53.90
C GLN C 151 -26.11 14.31 54.92
N ARG C 152 -25.82 15.59 55.08
CA ARG C 152 -26.55 16.38 56.06
C ARG C 152 -27.95 16.72 55.57
N ALA C 153 -28.10 16.94 54.26
CA ALA C 153 -29.41 17.21 53.70
C ALA C 153 -30.33 16.01 53.84
N GLU C 154 -29.80 14.79 53.64
CA GLU C 154 -30.61 13.59 53.72
C GLU C 154 -31.34 13.50 55.05
N LYS C 155 -30.66 13.88 56.15
CA LYS C 155 -31.27 13.86 57.46
C LYS C 155 -32.50 14.74 57.54
N LEU C 156 -32.60 15.73 56.65
CA LEU C 156 -33.69 16.70 56.68
C LEU C 156 -34.69 16.50 55.56
N MET C 157 -34.55 15.45 54.77
CA MET C 157 -35.48 15.20 53.68
C MET C 157 -36.29 13.93 53.92
N LYS C 158 -37.06 13.90 55.00
CA LYS C 158 -37.80 12.70 55.39
C LYS C 158 -38.79 12.24 54.32
N ASP C 159 -39.37 13.18 53.58
CA ASP C 159 -40.36 12.84 52.56
C ASP C 159 -39.78 12.95 51.14
N GLY C 160 -38.47 12.93 51.01
CA GLY C 160 -37.84 13.11 49.72
C GLY C 160 -37.43 14.54 49.46
N GLY C 161 -36.94 14.78 48.25
CA GLY C 161 -36.34 16.04 47.90
C GLY C 161 -35.45 15.87 46.69
N SER C 162 -34.72 16.94 46.37
CA SER C 162 -33.87 16.96 45.19
C SER C 162 -32.59 17.72 45.52
N ILE C 163 -31.45 17.16 45.11
CA ILE C 163 -30.13 17.72 45.40
C ILE C 163 -29.42 17.90 44.07
N LEU C 164 -28.74 19.04 43.90
CA LEU C 164 -28.15 19.42 42.62
C LEU C 164 -26.75 19.95 42.86
N THR C 165 -25.81 19.56 41.99
CA THR C 165 -24.49 20.18 41.96
C THR C 165 -24.18 20.62 40.53
N LEU C 166 -23.19 21.49 40.40
CA LEU C 166 -22.75 22.00 39.11
C LEU C 166 -21.40 21.40 38.74
N THR C 167 -21.29 20.91 37.51
CA THR C 167 -20.03 20.37 37.01
C THR C 167 -19.71 21.00 35.66
N TYR C 168 -18.66 20.50 34.99
CA TYR C 168 -18.18 21.05 33.73
C TYR C 168 -17.59 19.90 32.92
N GLY C 169 -17.70 20.01 31.58
CA GLY C 169 -17.34 18.90 30.70
C GLY C 169 -15.86 18.57 30.69
N GLY C 170 -15.02 19.40 31.31
CA GLY C 170 -13.63 19.06 31.50
C GLY C 170 -13.41 17.82 32.35
N SER C 171 -14.45 17.32 32.99
CA SER C 171 -14.35 16.04 33.69
C SER C 171 -14.04 14.90 32.72
N THR C 172 -14.67 14.91 31.54
CA THR C 172 -14.62 13.75 30.64
C THR C 172 -13.93 14.01 29.32
N ARG C 173 -13.69 15.26 28.96
CA ARG C 173 -12.85 15.62 27.82
CA ARG C 173 -12.84 15.62 27.82
C ARG C 173 -11.82 16.63 28.31
N THR C 174 -10.57 16.49 27.86
CA THR C 174 -9.56 17.39 28.40
C THR C 174 -9.74 18.79 27.84
N ILE C 175 -9.65 19.78 28.73
CA ILE C 175 -9.76 21.19 28.38
C ILE C 175 -8.49 21.88 28.88
N PRO C 176 -7.82 22.66 28.04
CA PRO C 176 -6.55 23.27 28.50
C PRO C 176 -6.75 24.10 29.76
N ASN C 177 -5.77 23.99 30.65
CA ASN C 177 -5.70 24.70 31.94
C ASN C 177 -6.74 24.25 32.96
N TYR C 178 -7.72 23.43 32.56
CA TYR C 178 -8.71 23.00 33.54
C TYR C 178 -8.10 22.03 34.54
N ASN C 179 -7.19 21.17 34.06
CA ASN C 179 -6.24 20.45 34.92
C ASN C 179 -6.90 19.75 36.11
N VAL C 180 -6.47 20.07 37.33
CA VAL C 180 -6.96 19.28 38.46
C VAL C 180 -8.44 19.54 38.74
N MET C 181 -9.01 20.66 38.26
CA MET C 181 -10.45 20.83 38.40
C MET C 181 -11.19 19.79 37.57
N GLY C 182 -10.62 19.38 36.43
CA GLY C 182 -11.26 18.33 35.65
C GLY C 182 -11.27 17.01 36.41
N VAL C 183 -10.16 16.72 37.11
CA VAL C 183 -10.11 15.52 37.94
C VAL C 183 -11.14 15.59 39.05
N ALA C 184 -11.26 16.76 39.70
CA ALA C 184 -12.23 16.94 40.78
C ALA C 184 -13.67 16.81 40.25
N LYS C 185 -13.95 17.39 39.08
CA LYS C 185 -15.29 17.24 38.52
C LYS C 185 -15.58 15.79 38.14
N ALA C 186 -14.58 15.02 37.72
CA ALA C 186 -14.83 13.62 37.44
C ALA C 186 -15.23 12.88 38.71
N ALA C 187 -14.58 13.21 39.82
CA ALA C 187 -14.96 12.60 41.09
C ALA C 187 -16.35 13.04 41.51
N LEU C 188 -16.65 14.33 41.31
CA LEU C 188 -17.97 14.87 41.67
C LEU C 188 -19.08 14.16 40.92
N GLU C 189 -18.90 13.96 39.62
CA GLU C 189 -19.92 13.25 38.83
C GLU C 189 -20.10 11.82 39.32
N ALA C 190 -19.01 11.15 39.72
CA ALA C 190 -19.18 9.82 40.29
C ALA C 190 -19.97 9.88 41.60
N MET C 191 -19.74 10.94 42.40
CA MET C 191 -20.51 11.09 43.64
C MET C 191 -21.98 11.27 43.34
N VAL C 192 -22.30 12.03 42.29
CA VAL C 192 -23.69 12.18 41.90
C VAL C 192 -24.33 10.82 41.64
N ARG C 193 -23.59 9.92 40.97
CA ARG C 193 -24.17 8.62 40.65
C ARG C 193 -24.31 7.76 41.89
N TYR C 194 -23.26 7.71 42.73
CA TYR C 194 -23.33 6.87 43.92
C TYR C 194 -24.39 7.39 44.89
N LEU C 195 -24.47 8.71 45.06
CA LEU C 195 -25.48 9.27 45.96
C LEU C 195 -26.88 9.07 45.41
N ALA C 196 -27.06 9.20 44.10
CA ALA C 196 -28.36 8.90 43.50
C ALA C 196 -28.75 7.45 43.76
N ALA C 197 -27.80 6.53 43.62
CA ALA C 197 -28.12 5.13 43.86
C ALA C 197 -28.49 4.88 45.32
N ASP C 198 -27.85 5.61 46.25
CA ASP C 198 -28.13 5.43 47.68
C ASP C 198 -29.48 6.00 48.07
N TYR C 199 -29.78 7.22 47.61
CA TYR C 199 -30.89 8.00 48.12
C TYR C 199 -32.17 7.84 47.30
N GLY C 200 -32.07 7.32 46.07
CA GLY C 200 -33.25 7.09 45.26
C GLY C 200 -34.37 6.34 45.94
N PRO C 201 -34.08 5.26 46.68
CA PRO C 201 -35.18 4.50 47.29
C PRO C 201 -35.93 5.29 48.36
N GLN C 202 -35.34 6.36 48.88
CA GLN C 202 -36.00 7.27 49.82
C GLN C 202 -36.77 8.38 49.11
N GLY C 203 -36.76 8.40 47.78
CA GLY C 203 -37.36 9.50 47.06
C GLY C 203 -36.52 10.75 46.99
N ILE C 204 -35.21 10.65 47.20
CA ILE C 204 -34.33 11.81 47.11
C ILE C 204 -33.54 11.66 45.81
N ARG C 205 -33.67 12.66 44.93
CA ARG C 205 -33.04 12.66 43.62
C ARG C 205 -31.77 13.49 43.70
N VAL C 206 -30.75 13.06 42.96
CA VAL C 206 -29.44 13.69 43.00
C VAL C 206 -28.98 13.81 41.55
N ASN C 207 -28.69 15.03 41.10
CA ASN C 207 -28.36 15.28 39.71
C ASN C 207 -27.31 16.36 39.62
N ALA C 208 -26.77 16.54 38.42
CA ALA C 208 -25.82 17.62 38.19
C ALA C 208 -26.19 18.33 36.89
N ILE C 209 -25.88 19.62 36.84
CA ILE C 209 -25.86 20.34 35.58
C ILE C 209 -24.41 20.51 35.17
N SER C 210 -24.08 20.08 33.94
CA SER C 210 -22.78 20.37 33.35
C SER C 210 -22.95 21.61 32.50
N ALA C 211 -22.60 22.76 33.08
CA ALA C 211 -22.86 24.05 32.45
C ALA C 211 -21.73 24.41 31.49
N GLY C 212 -22.11 25.14 30.43
CA GLY C 212 -21.13 25.85 29.64
C GLY C 212 -20.54 26.97 30.46
N PRO C 213 -19.54 27.64 29.91
CA PRO C 213 -18.90 28.74 30.62
C PRO C 213 -19.81 29.98 30.64
N VAL C 214 -19.70 30.75 31.71
CA VAL C 214 -20.54 31.93 31.89
CA VAL C 214 -20.54 31.94 31.87
C VAL C 214 -19.66 33.16 32.11
N ARG C 215 -20.15 34.32 31.65
CA ARG C 215 -19.46 35.59 31.86
C ARG C 215 -19.27 35.87 33.35
N THR C 216 -18.07 36.30 33.71
CA THR C 216 -17.76 36.56 35.11
C THR C 216 -17.29 38.01 35.35
N GLY C 223 -5.61 36.50 30.47
CA GLY C 223 -4.74 35.47 29.93
C GLY C 223 -5.41 34.52 28.96
N ASP C 224 -5.29 33.21 29.22
CA ASP C 224 -5.82 32.18 28.32
C ASP C 224 -7.33 32.03 28.41
N ALA C 225 -7.98 32.61 29.41
CA ALA C 225 -9.41 32.42 29.59
C ALA C 225 -10.21 32.95 28.39
N ARG C 226 -9.77 34.06 27.79
CA ARG C 226 -10.55 34.65 26.69
CA ARG C 226 -10.53 34.65 26.69
C ARG C 226 -10.66 33.69 25.52
N ALA C 227 -9.55 33.05 25.12
CA ALA C 227 -9.57 32.16 23.96
C ALA C 227 -10.35 30.88 24.26
N ILE C 228 -10.25 30.37 25.48
CA ILE C 228 -10.99 29.16 25.85
C ILE C 228 -12.49 29.43 25.84
N PHE C 229 -12.86 30.60 26.36
CA PHE C 229 -14.27 31.00 26.39
C PHE C 229 -14.84 31.20 24.99
N SER C 230 -14.14 31.97 24.15
CA SER C 230 -14.68 32.27 22.83
C SER C 230 -14.77 31.03 21.96
N TYR C 231 -13.87 30.06 22.15
CA TYR C 231 -13.96 28.83 21.36
C TYR C 231 -15.30 28.14 21.58
N GLN C 232 -15.77 28.12 22.83
CA GLN C 232 -17.06 27.49 23.12
C GLN C 232 -18.21 28.32 22.57
N ARG C 233 -18.08 29.65 22.59
CA ARG C 233 -19.09 30.51 21.99
C ARG C 233 -19.20 30.22 20.48
N ARG C 234 -18.08 30.22 19.77
CA ARG C 234 -18.14 30.14 18.32
C ARG C 234 -18.53 28.76 17.83
N ASN C 235 -18.17 27.71 18.57
CA ASN C 235 -18.26 26.36 18.02
C ASN C 235 -19.34 25.51 18.65
N SER C 236 -20.05 26.04 19.63
CA SER C 236 -21.22 25.34 20.16
CA SER C 236 -21.20 25.32 20.14
C SER C 236 -22.34 25.37 19.12
N PRO C 237 -23.15 24.31 19.07
CA PRO C 237 -24.29 24.28 18.14
C PRO C 237 -25.20 25.50 18.23
N LEU C 238 -25.51 25.96 19.43
CA LEU C 238 -26.36 27.15 19.57
C LEU C 238 -25.63 28.45 19.31
N ARG C 239 -24.30 28.42 19.17
CA ARG C 239 -23.51 29.60 18.78
C ARG C 239 -23.58 30.70 19.84
N ARG C 240 -23.79 30.31 21.08
CA ARG C 240 -23.80 31.27 22.18
CA ARG C 240 -23.81 31.26 22.18
C ARG C 240 -23.37 30.54 23.44
N THR C 241 -22.84 31.28 24.40
CA THR C 241 -22.59 30.64 25.67
C THR C 241 -23.83 30.83 26.55
N VAL C 242 -24.11 29.81 27.36
CA VAL C 242 -25.28 29.87 28.23
C VAL C 242 -25.09 31.00 29.23
N ASP C 243 -26.21 31.52 29.72
CA ASP C 243 -26.11 32.50 30.80
C ASP C 243 -26.70 31.89 32.05
N ILE C 244 -26.57 32.62 33.17
CA ILE C 244 -26.98 32.02 34.44
C ILE C 244 -28.50 31.86 34.51
N ASP C 245 -29.25 32.52 33.62
CA ASP C 245 -30.69 32.25 33.54
C ASP C 245 -30.98 30.92 32.84
N ASP C 246 -30.21 30.57 31.80
CA ASP C 246 -30.35 29.24 31.21
C ASP C 246 -30.08 28.16 32.25
N VAL C 247 -28.97 28.29 32.98
CA VAL C 247 -28.64 27.33 34.02
C VAL C 247 -29.70 27.31 35.10
N GLY C 248 -30.17 28.51 35.49
CA GLY C 248 -31.17 28.58 36.54
C GLY C 248 -32.48 27.91 36.17
N LYS C 249 -32.89 28.03 34.90
CA LYS C 249 -34.12 27.39 34.48
C LYS C 249 -33.97 25.88 34.45
N SER C 250 -32.81 25.39 33.98
CA SER C 250 -32.56 23.96 34.06
C SER C 250 -32.49 23.48 35.51
N ALA C 251 -32.02 24.32 36.42
CA ALA C 251 -32.00 23.93 37.83
C ALA C 251 -33.41 23.85 38.39
N VAL C 252 -34.28 24.77 38.01
CA VAL C 252 -35.70 24.68 38.37
C VAL C 252 -36.27 23.34 37.92
N TYR C 253 -35.99 22.96 36.67
CA TYR C 253 -36.45 21.66 36.18
C TYR C 253 -35.99 20.52 37.10
N LEU C 254 -34.67 20.41 37.32
CA LEU C 254 -34.14 19.29 38.09
C LEU C 254 -34.55 19.32 39.56
N LEU C 255 -34.83 20.49 40.14
CA LEU C 255 -35.21 20.59 41.55
C LEU C 255 -36.71 20.48 41.76
N SER C 256 -37.50 20.58 40.69
CA SER C 256 -38.95 20.58 40.77
C SER C 256 -39.48 19.19 40.46
N ASP C 257 -40.80 19.05 40.60
CA ASP C 257 -41.48 17.82 40.27
C ASP C 257 -41.52 17.53 38.77
N LEU C 258 -41.11 18.48 37.90
CA LEU C 258 -41.08 18.18 36.48
C LEU C 258 -40.15 17.03 36.18
N SER C 259 -39.09 16.89 36.98
CA SER C 259 -38.04 15.89 36.76
C SER C 259 -38.18 14.70 37.70
N SER C 260 -39.41 14.37 38.08
CA SER C 260 -39.67 13.30 39.02
C SER C 260 -39.15 11.96 38.55
N GLY C 261 -38.92 11.77 37.24
CA GLY C 261 -38.36 10.56 36.72
C GLY C 261 -36.85 10.54 36.57
N VAL C 262 -36.15 11.60 37.01
CA VAL C 262 -34.76 11.84 36.64
C VAL C 262 -33.89 11.80 37.90
N THR C 263 -32.92 10.88 37.91
CA THR C 263 -31.94 10.93 38.98
C THR C 263 -30.63 10.34 38.49
N GLY C 264 -29.53 10.78 39.10
CA GLY C 264 -28.21 10.33 38.70
C GLY C 264 -27.70 10.92 37.40
N GLU C 265 -28.33 11.97 36.90
CA GLU C 265 -28.10 12.46 35.54
C GLU C 265 -27.04 13.56 35.55
N ILE C 266 -26.08 13.47 34.63
CA ILE C 266 -25.20 14.59 34.34
C ILE C 266 -25.82 15.28 33.13
N HIS C 267 -26.51 16.37 33.39
CA HIS C 267 -27.37 17.05 32.42
C HIS C 267 -26.59 18.20 31.80
N PHE C 268 -26.30 18.12 30.50
CA PHE C 268 -25.52 19.17 29.86
C PHE C 268 -26.39 20.38 29.51
N VAL C 269 -26.01 21.55 30.02
CA VAL C 269 -26.64 22.82 29.69
C VAL C 269 -25.53 23.72 29.18
N ASP C 270 -25.10 23.45 27.94
CA ASP C 270 -23.84 23.99 27.44
C ASP C 270 -23.95 24.37 25.97
N SER C 271 -25.16 24.69 25.50
CA SER C 271 -25.41 25.04 24.10
C SER C 271 -25.09 23.90 23.13
N GLY C 272 -25.04 22.65 23.60
CA GLY C 272 -24.70 21.50 22.79
C GLY C 272 -23.21 21.30 22.57
N TYR C 273 -22.37 22.12 23.21
CA TYR C 273 -20.94 22.07 22.93
C TYR C 273 -20.38 20.65 23.05
N ASN C 274 -20.82 19.90 24.06
CA ASN C 274 -20.22 18.59 24.32
C ASN C 274 -20.39 17.62 23.15
N ILE C 275 -21.35 17.85 22.25
CA ILE C 275 -21.62 16.85 21.21
C ILE C 275 -20.68 16.98 20.01
N VAL C 276 -19.97 18.12 19.85
CA VAL C 276 -19.20 18.30 18.62
C VAL C 276 -17.77 17.82 18.84
N SER C 277 -17.14 17.39 17.74
CA SER C 277 -15.75 16.95 17.77
C SER C 277 -14.78 18.09 17.57
N MET C 278 -15.14 19.04 16.72
CA MET C 278 -14.14 20.01 16.30
C MET C 278 -14.84 21.31 15.93
N PRO C 279 -14.11 22.38 15.58
CA PRO C 279 -14.77 23.65 15.28
C PRO C 279 -15.64 23.56 14.04
N THR C 280 -16.38 24.65 13.78
CA THR C 280 -17.16 24.74 12.55
C THR C 280 -16.24 24.58 11.33
N LEU C 281 -16.83 24.17 10.22
CA LEU C 281 -16.03 23.99 9.01
C LEU C 281 -15.38 25.30 8.57
N GLU C 282 -16.07 26.44 8.74
CA GLU C 282 -15.45 27.71 8.37
C GLU C 282 -14.22 27.98 9.22
N GLU C 283 -14.30 27.67 10.52
CA GLU C 283 -13.15 27.85 11.41
C GLU C 283 -12.03 26.87 11.08
N LEU C 284 -12.38 25.61 10.78
CA LEU C 284 -11.37 24.65 10.35
C LEU C 284 -10.61 25.13 9.12
N LYS C 285 -11.32 25.70 8.17
CA LYS C 285 -10.68 26.18 6.95
C LYS C 285 -9.77 27.37 7.23
N SER C 286 -10.20 28.28 8.10
CA SER C 286 -9.37 29.43 8.43
CA SER C 286 -9.34 29.43 8.39
C SER C 286 -8.09 29.00 9.15
N SER C 287 -8.22 28.04 10.09
CA SER C 287 -7.04 27.57 10.82
C SER C 287 -6.11 26.76 9.92
N ASP C 288 -6.66 25.99 8.99
CA ASP C 288 -5.81 25.30 8.03
C ASP C 288 -5.12 26.29 7.08
N SER C 289 -5.85 27.35 6.67
CA SER C 289 -5.27 28.36 5.80
C SER C 289 -4.05 29.03 6.43
N GLU C 290 -4.06 29.18 7.75
CA GLU C 290 -2.92 29.74 8.48
C GLU C 290 -2.00 28.62 8.97
N ARG C 291 -2.36 27.97 10.09
CA ARG C 291 -1.55 26.89 10.64
C ARG C 291 -1.58 25.68 9.72
N GLU D 23 5.38 -19.18 17.55
CA GLU D 23 5.97 -17.97 18.10
C GLU D 23 5.19 -16.71 17.68
N GLY D 24 4.78 -16.65 16.41
CA GLY D 24 3.96 -15.53 15.98
C GLY D 24 2.63 -15.51 16.70
N LEU D 25 2.09 -14.29 16.88
CA LEU D 25 0.86 -14.14 17.64
C LEU D 25 -0.34 -14.79 16.95
N MET D 26 -0.28 -15.00 15.65
CA MET D 26 -1.38 -15.61 14.91
C MET D 26 -0.98 -16.93 14.28
N GLN D 27 0.09 -17.54 14.79
CA GLN D 27 0.59 -18.76 14.15
C GLN D 27 -0.49 -19.83 14.14
N GLY D 28 -0.73 -20.40 12.96
CA GLY D 28 -1.73 -21.42 12.81
C GLY D 28 -3.15 -20.95 12.70
N LYS D 29 -3.40 -19.65 12.81
CA LYS D 29 -4.75 -19.12 12.71
C LYS D 29 -5.07 -18.79 11.26
N ARG D 30 -6.33 -19.00 10.89
CA ARG D 30 -6.82 -18.73 9.54
C ARG D 30 -7.97 -17.75 9.61
N GLY D 31 -7.98 -16.76 8.71
CA GLY D 31 -9.02 -15.76 8.80
C GLY D 31 -9.26 -15.04 7.48
N LEU D 32 -10.40 -14.36 7.45
CA LEU D 32 -10.90 -13.68 6.25
C LEU D 32 -10.80 -12.17 6.44
N ILE D 33 -10.24 -11.50 5.43
CA ILE D 33 -10.09 -10.03 5.40
C ILE D 33 -11.00 -9.49 4.31
N MET D 34 -11.98 -8.69 4.71
CA MET D 34 -12.88 -8.03 3.76
C MET D 34 -12.57 -6.54 3.74
N GLY D 35 -12.29 -6.01 2.55
CA GLY D 35 -12.13 -4.56 2.43
C GLY D 35 -10.81 -4.07 1.84
N VAL D 36 -9.92 -4.96 1.41
CA VAL D 36 -8.74 -4.47 0.68
C VAL D 36 -9.16 -3.95 -0.67
N ALA D 37 -8.78 -2.70 -0.98
CA ALA D 37 -8.91 -2.12 -2.30
C ALA D 37 -7.58 -1.82 -2.96
N ASN D 38 -6.59 -1.38 -2.18
CA ASN D 38 -5.24 -1.17 -2.69
C ASN D 38 -4.28 -1.16 -1.49
N ASN D 39 -3.01 -0.85 -1.73
CA ASN D 39 -2.06 -0.95 -0.61
C ASN D 39 -2.10 0.26 0.31
N HIS D 40 -3.10 1.14 0.18
CA HIS D 40 -3.37 2.16 1.18
C HIS D 40 -4.54 1.82 2.09
N SER D 41 -5.27 0.74 1.80
CA SER D 41 -6.44 0.36 2.59
C SER D 41 -6.05 0.01 4.01
N LEU D 42 -6.89 0.43 4.96
CA LEU D 42 -6.73 -0.02 6.35
C LEU D 42 -6.70 -1.53 6.43
N ALA D 43 -7.51 -2.21 5.62
CA ALA D 43 -7.53 -3.67 5.63
C ALA D 43 -6.21 -4.25 5.16
N TRP D 44 -5.48 -3.52 4.32
CA TRP D 44 -4.19 -4.02 3.87
C TRP D 44 -3.15 -3.89 4.99
N GLY D 45 -3.18 -2.78 5.74
CA GLY D 45 -2.32 -2.68 6.90
C GLY D 45 -2.57 -3.80 7.89
N ILE D 46 -3.84 -4.12 8.11
CA ILE D 46 -4.20 -5.24 8.97
C ILE D 46 -3.66 -6.55 8.40
N ALA D 47 -3.86 -6.77 7.09
CA ALA D 47 -3.38 -8.02 6.49
C ALA D 47 -1.88 -8.18 6.66
N LYS D 48 -1.11 -7.10 6.43
CA LYS D 48 0.35 -7.23 6.50
C LYS D 48 0.80 -7.60 7.90
N GLN D 49 0.20 -6.99 8.92
CA GLN D 49 0.58 -7.29 10.30
C GLN D 49 0.14 -8.69 10.69
N LEU D 50 -1.05 -9.12 10.27
CA LEU D 50 -1.48 -10.48 10.58
C LEU D 50 -0.57 -11.51 9.94
N ALA D 51 -0.17 -11.27 8.67
CA ALA D 51 0.67 -12.24 8.00
C ALA D 51 2.05 -12.31 8.64
N ALA D 52 2.57 -11.17 9.09
CA ALA D 52 3.86 -11.15 9.78
C ALA D 52 3.83 -11.94 11.08
N GLN D 53 2.64 -12.08 11.66
CA GLN D 53 2.46 -12.83 12.90
C GLN D 53 2.03 -14.28 12.65
N GLY D 54 2.12 -14.74 11.40
CA GLY D 54 1.91 -16.13 11.07
C GLY D 54 0.52 -16.52 10.60
N ALA D 55 -0.37 -15.56 10.38
CA ALA D 55 -1.73 -15.90 9.98
C ALA D 55 -1.79 -16.37 8.53
N GLU D 56 -2.68 -17.33 8.28
CA GLU D 56 -3.06 -17.72 6.93
C GLU D 56 -4.32 -16.93 6.56
N LEU D 57 -4.29 -16.29 5.39
CA LEU D 57 -5.30 -15.29 5.07
C LEU D 57 -6.09 -15.64 3.82
N ALA D 58 -7.36 -15.25 3.84
CA ALA D 58 -8.22 -15.19 2.68
C ALA D 58 -8.72 -13.76 2.54
N PHE D 59 -8.96 -13.33 1.29
CA PHE D 59 -9.40 -11.96 1.01
C PHE D 59 -10.63 -11.97 0.14
N THR D 60 -11.51 -11.00 0.35
CA THR D 60 -12.54 -10.70 -0.63
C THR D 60 -12.17 -9.45 -1.42
N TYR D 61 -12.81 -9.29 -2.58
CA TYR D 61 -12.60 -8.11 -3.39
C TYR D 61 -13.93 -7.75 -4.05
N GLN D 62 -14.16 -6.46 -4.23
CA GLN D 62 -15.39 -5.98 -4.84
C GLN D 62 -15.15 -5.63 -6.31
N GLY D 63 -15.55 -6.54 -7.19
CA GLY D 63 -15.45 -6.25 -8.63
C GLY D 63 -14.18 -6.77 -9.25
N ASP D 64 -14.27 -7.13 -10.53
CA ASP D 64 -13.15 -7.72 -11.24
C ASP D 64 -11.93 -6.80 -11.25
N ALA D 65 -12.16 -5.49 -11.39
CA ALA D 65 -11.04 -4.55 -11.40
C ALA D 65 -10.23 -4.61 -10.11
N LEU D 66 -10.91 -4.58 -8.96
CA LEU D 66 -10.20 -4.64 -7.68
C LEU D 66 -9.58 -6.02 -7.46
N GLY D 67 -10.20 -7.08 -8.00
CA GLY D 67 -9.62 -8.40 -7.86
C GLY D 67 -8.22 -8.49 -8.46
N LYS D 68 -8.00 -7.75 -9.55
CA LYS D 68 -6.68 -7.77 -10.19
C LYS D 68 -5.65 -7.01 -9.37
N ARG D 69 -6.10 -6.14 -8.46
CA ARG D 69 -5.26 -5.46 -7.49
C ARG D 69 -5.07 -6.32 -6.24
N VAL D 70 -6.14 -6.96 -5.77
CA VAL D 70 -6.06 -7.70 -4.51
C VAL D 70 -5.29 -9.01 -4.68
N LYS D 71 -5.40 -9.67 -5.83
CA LYS D 71 -4.71 -10.94 -6.01
C LYS D 71 -3.21 -10.80 -5.81
N PRO D 72 -2.51 -9.85 -6.43
CA PRO D 72 -1.06 -9.74 -6.18
C PRO D 72 -0.72 -9.31 -4.77
N LEU D 73 -1.55 -8.45 -4.14
CA LEU D 73 -1.30 -8.11 -2.74
C LEU D 73 -1.43 -9.33 -1.84
N ALA D 74 -2.46 -10.14 -2.06
CA ALA D 74 -2.59 -11.38 -1.29
C ALA D 74 -1.38 -12.27 -1.50
N GLU D 75 -0.89 -12.38 -2.73
CA GLU D 75 0.28 -13.22 -3.00
C GLU D 75 1.50 -12.75 -2.23
N GLN D 76 1.64 -11.43 -2.07
CA GLN D 76 2.77 -10.86 -1.32
C GLN D 76 2.81 -11.37 0.11
N VAL D 77 1.64 -11.63 0.72
CA VAL D 77 1.58 -12.14 2.08
C VAL D 77 1.28 -13.64 2.11
N GLY D 78 1.53 -14.35 1.02
CA GLY D 78 1.46 -15.79 1.02
C GLY D 78 0.10 -16.39 0.81
N SER D 79 -0.88 -15.63 0.33
CA SER D 79 -2.24 -16.12 0.13
C SER D 79 -2.57 -16.20 -1.36
N ASP D 80 -3.21 -17.30 -1.76
CA ASP D 80 -3.85 -17.39 -3.08
C ASP D 80 -5.36 -17.62 -2.96
N PHE D 81 -5.92 -17.31 -1.80
CA PHE D 81 -7.33 -17.55 -1.48
C PHE D 81 -8.04 -16.21 -1.55
N VAL D 82 -8.55 -15.86 -2.74
CA VAL D 82 -9.09 -14.53 -3.01
C VAL D 82 -10.43 -14.68 -3.72
N LEU D 83 -11.50 -14.12 -3.14
CA LEU D 83 -12.85 -14.38 -3.61
C LEU D 83 -13.61 -13.09 -3.88
N PRO D 84 -14.47 -13.09 -4.91
CA PRO D 84 -15.30 -11.90 -5.17
C PRO D 84 -16.43 -11.78 -4.16
N CYS D 85 -16.72 -10.55 -3.76
CA CYS D 85 -17.86 -10.32 -2.87
C CYS D 85 -18.34 -8.88 -2.99
N ASP D 86 -19.63 -8.71 -3.19
CA ASP D 86 -20.32 -7.43 -3.05
C ASP D 86 -21.35 -7.63 -1.94
N VAL D 87 -21.15 -6.98 -0.79
CA VAL D 87 -21.97 -7.29 0.37
C VAL D 87 -23.42 -6.88 0.14
N GLU D 88 -23.69 -6.04 -0.85
CA GLU D 88 -25.08 -5.73 -1.14
C GLU D 88 -25.79 -6.91 -1.79
N ASP D 89 -25.04 -7.82 -2.42
CA ASP D 89 -25.59 -9.01 -3.06
C ASP D 89 -25.33 -10.21 -2.14
N ILE D 90 -26.34 -10.60 -1.36
CA ILE D 90 -26.08 -11.59 -0.31
C ILE D 90 -25.65 -12.93 -0.89
N ALA D 91 -26.04 -13.24 -2.12
CA ALA D 91 -25.59 -14.50 -2.74
C ALA D 91 -24.06 -14.57 -2.85
N THR D 92 -23.40 -13.44 -3.12
CA THR D 92 -21.95 -13.47 -3.20
C THR D 92 -21.33 -13.72 -1.82
N VAL D 93 -21.98 -13.22 -0.77
CA VAL D 93 -21.52 -13.43 0.60
C VAL D 93 -21.69 -14.89 0.99
N ASP D 94 -22.86 -15.47 0.72
CA ASP D 94 -23.05 -16.90 0.95
C ASP D 94 -21.97 -17.72 0.24
N ALA D 95 -21.62 -17.33 -0.99
CA ALA D 95 -20.65 -18.10 -1.74
C ALA D 95 -19.25 -17.98 -1.14
N VAL D 96 -18.90 -16.82 -0.57
CA VAL D 96 -17.62 -16.69 0.11
C VAL D 96 -17.51 -17.70 1.25
N PHE D 97 -18.51 -17.73 2.13
CA PHE D 97 -18.40 -18.63 3.28
C PHE D 97 -18.54 -20.08 2.89
N GLU D 98 -19.23 -20.37 1.79
CA GLU D 98 -19.26 -21.75 1.30
C GLU D 98 -17.88 -22.19 0.85
N GLU D 99 -17.14 -21.30 0.20
CA GLU D 99 -15.78 -21.65 -0.23
C GLU D 99 -14.84 -21.79 0.95
N ILE D 100 -15.00 -20.93 1.97
CA ILE D 100 -14.19 -21.05 3.18
C ILE D 100 -14.45 -22.40 3.85
N GLU D 101 -15.71 -22.81 3.93
CA GLU D 101 -16.02 -24.11 4.52
C GLU D 101 -15.42 -25.24 3.70
N LYS D 102 -15.48 -25.13 2.36
CA LYS D 102 -14.93 -26.18 1.50
C LYS D 102 -13.43 -26.33 1.69
N LYS D 103 -12.71 -25.21 1.78
CA LYS D 103 -11.25 -25.23 1.77
C LYS D 103 -10.65 -25.38 3.17
N TRP D 104 -11.16 -24.62 4.13
CA TRP D 104 -10.64 -24.67 5.50
C TRP D 104 -11.50 -25.48 6.44
N GLY D 105 -12.83 -25.50 6.26
CA GLY D 105 -13.73 -26.14 7.19
C GLY D 105 -13.99 -25.34 8.44
N GLY D 106 -13.33 -24.22 8.62
CA GLY D 106 -13.52 -23.41 9.81
C GLY D 106 -12.80 -22.10 9.64
N LEU D 107 -13.03 -21.24 10.61
CA LEU D 107 -12.50 -19.88 10.62
CA LEU D 107 -12.50 -19.89 10.62
C LEU D 107 -12.03 -19.56 12.02
N ASP D 108 -10.88 -18.91 12.12
CA ASP D 108 -10.44 -18.39 13.40
C ASP D 108 -10.76 -16.92 13.58
N PHE D 109 -10.78 -16.13 12.50
CA PHE D 109 -11.08 -14.71 12.68
C PHE D 109 -11.63 -14.12 11.39
N LEU D 110 -12.24 -12.94 11.54
CA LEU D 110 -12.81 -12.22 10.41
C LEU D 110 -12.59 -10.74 10.63
N VAL D 111 -12.19 -10.03 9.58
CA VAL D 111 -12.00 -8.59 9.59
C VAL D 111 -12.98 -7.99 8.60
N HIS D 112 -13.81 -7.07 9.08
CA HIS D 112 -14.80 -6.34 8.27
C HIS D 112 -14.33 -4.89 8.20
N ALA D 113 -13.88 -4.47 7.02
CA ALA D 113 -13.30 -3.13 6.84
C ALA D 113 -13.91 -2.52 5.58
N ILE D 114 -15.24 -2.43 5.60
CA ILE D 114 -16.05 -2.11 4.43
C ILE D 114 -16.98 -0.96 4.80
N GLY D 115 -17.09 0.02 3.91
CA GLY D 115 -18.01 1.12 4.14
C GLY D 115 -18.30 1.83 2.84
N PHE D 116 -19.46 2.47 2.79
CA PHE D 116 -19.82 3.21 1.59
C PHE D 116 -20.94 4.18 1.90
N SER D 117 -20.89 5.35 1.28
CA SER D 117 -22.03 6.25 1.22
C SER D 117 -21.84 7.10 -0.02
N ASP D 118 -22.96 7.59 -0.57
CA ASP D 118 -22.90 8.49 -1.71
C ASP D 118 -22.10 9.74 -1.33
N LYS D 119 -20.99 9.97 -2.05
CA LYS D 119 -20.10 11.08 -1.73
C LYS D 119 -20.82 12.42 -1.76
N THR D 120 -21.89 12.55 -2.56
CA THR D 120 -22.60 13.83 -2.61
C THR D 120 -23.29 14.14 -1.30
N GLU D 121 -23.50 13.14 -0.44
CA GLU D 121 -24.13 13.39 0.85
C GLU D 121 -23.09 13.49 1.98
N LEU D 122 -21.80 13.44 1.65
CA LEU D 122 -20.72 13.62 2.61
C LEU D 122 -20.10 15.00 2.43
N LYS D 123 -20.94 15.98 2.15
CA LYS D 123 -20.58 17.39 2.16
C LYS D 123 -21.85 18.16 2.52
N GLY D 124 -21.70 19.41 2.91
CA GLY D 124 -22.87 20.15 3.37
C GLY D 124 -23.36 19.61 4.70
N ARG D 125 -24.48 20.17 5.17
CA ARG D 125 -25.06 19.74 6.44
C ARG D 125 -25.81 18.44 6.26
N TYR D 126 -25.67 17.53 7.23
CA TYR D 126 -26.44 16.28 7.25
C TYR D 126 -27.91 16.50 6.92
N ALA D 127 -28.50 17.50 7.56
CA ALA D 127 -29.93 17.75 7.40
C ALA D 127 -30.29 18.17 5.98
N ASP D 128 -29.37 18.86 5.29
CA ASP D 128 -29.70 19.39 3.97
C ASP D 128 -29.57 18.33 2.87
N VAL D 129 -28.57 17.44 2.97
CA VAL D 129 -28.16 16.64 1.83
C VAL D 129 -28.61 15.17 1.93
N THR D 130 -29.01 14.69 3.09
CA THR D 130 -29.23 13.26 3.22
C THR D 130 -30.57 12.88 2.61
N THR D 131 -30.59 11.74 1.93
CA THR D 131 -31.81 11.18 1.33
C THR D 131 -32.07 9.80 1.92
N ARG D 132 -33.34 9.37 1.85
CA ARG D 132 -33.65 8.01 2.35
C ARG D 132 -32.93 6.95 1.54
N GLU D 133 -32.88 7.12 0.21
CA GLU D 133 -32.24 6.11 -0.63
C GLU D 133 -30.78 5.89 -0.21
N ASN D 134 -30.03 6.99 -0.04
CA ASN D 134 -28.64 6.85 0.41
C ASN D 134 -28.56 6.34 1.84
N PHE D 135 -29.48 6.79 2.69
CA PHE D 135 -29.46 6.30 4.07
C PHE D 135 -29.58 4.78 4.09
N SER D 136 -30.57 4.24 3.39
CA SER D 136 -30.79 2.80 3.48
C SER D 136 -29.63 2.02 2.87
N ARG D 137 -29.10 2.47 1.73
CA ARG D 137 -27.98 1.77 1.11
C ARG D 137 -26.73 1.86 1.97
N THR D 138 -26.44 3.04 2.51
CA THR D 138 -25.32 3.20 3.44
C THR D 138 -25.48 2.28 4.65
N MET D 139 -26.68 2.19 5.21
CA MET D 139 -26.86 1.34 6.38
CA MET D 139 -26.91 1.33 6.37
C MET D 139 -26.62 -0.13 6.04
N VAL D 140 -27.07 -0.60 4.87
CA VAL D 140 -26.84 -1.99 4.49
C VAL D 140 -25.34 -2.26 4.33
N ILE D 141 -24.66 -1.42 3.56
CA ILE D 141 -23.27 -1.73 3.19
C ILE D 141 -22.34 -1.47 4.37
N SER D 142 -22.50 -0.34 5.06
CA SER D 142 -21.58 0.06 6.12
C SER D 142 -21.89 -0.56 7.48
N ALA D 143 -23.12 -1.01 7.72
CA ALA D 143 -23.47 -1.53 9.05
C ALA D 143 -24.04 -2.94 8.97
N TYR D 144 -25.15 -3.16 8.27
CA TYR D 144 -25.77 -4.49 8.36
C TYR D 144 -24.89 -5.59 7.76
N SER D 145 -24.06 -5.27 6.76
CA SER D 145 -23.15 -6.30 6.23
C SER D 145 -22.27 -6.89 7.33
N PHE D 146 -21.98 -6.13 8.38
CA PHE D 146 -21.22 -6.68 9.48
C PHE D 146 -22.01 -7.76 10.22
N THR D 147 -23.29 -7.51 10.47
CA THR D 147 -24.12 -8.54 11.06
C THR D 147 -24.18 -9.77 10.15
N GLU D 148 -24.33 -9.55 8.84
CA GLU D 148 -24.48 -10.67 7.92
C GLU D 148 -23.23 -11.53 7.87
N VAL D 149 -22.04 -10.92 7.87
CA VAL D 149 -20.85 -11.75 7.81
C VAL D 149 -20.56 -12.37 9.17
N ALA D 150 -20.90 -11.68 10.28
CA ALA D 150 -20.78 -12.28 11.60
C ALA D 150 -21.68 -13.50 11.74
N GLN D 151 -22.93 -13.40 11.28
CA GLN D 151 -23.84 -14.55 11.31
C GLN D 151 -23.26 -15.75 10.60
N ARG D 152 -22.59 -15.52 9.46
CA ARG D 152 -22.05 -16.62 8.68
C ARG D 152 -20.75 -17.13 9.28
N ALA D 153 -19.92 -16.23 9.80
CA ALA D 153 -18.68 -16.63 10.46
C ALA D 153 -18.96 -17.51 11.68
N GLU D 154 -20.04 -17.22 12.41
CA GLU D 154 -20.31 -17.94 13.65
C GLU D 154 -20.43 -19.45 13.40
N LYS D 155 -21.04 -19.84 12.29
CA LYS D 155 -21.19 -21.25 11.96
C LYS D 155 -19.85 -21.93 11.75
N LEU D 156 -18.81 -21.19 11.42
CA LEU D 156 -17.49 -21.73 11.16
C LEU D 156 -16.53 -21.56 12.32
N MET D 157 -16.98 -20.99 13.43
CA MET D 157 -16.12 -20.76 14.59
C MET D 157 -16.56 -21.64 15.77
N LYS D 158 -16.69 -22.94 15.55
CA LYS D 158 -17.17 -23.82 16.61
C LYS D 158 -16.26 -23.84 17.83
N ASP D 159 -14.97 -23.53 17.66
CA ASP D 159 -14.00 -23.53 18.74
C ASP D 159 -13.71 -22.13 19.28
N GLY D 160 -14.58 -21.17 19.01
CA GLY D 160 -14.28 -19.78 19.32
C GLY D 160 -13.66 -19.07 18.14
N GLY D 161 -13.38 -17.79 18.34
CA GLY D 161 -12.87 -16.97 17.27
C GLY D 161 -12.92 -15.51 17.66
N SER D 162 -12.48 -14.66 16.73
CA SER D 162 -12.47 -13.23 17.00
C SER D 162 -12.91 -12.51 15.74
N ILE D 163 -13.83 -11.55 15.89
CA ILE D 163 -14.42 -10.82 14.78
C ILE D 163 -14.18 -9.34 15.03
N LEU D 164 -13.72 -8.64 14.01
CA LEU D 164 -13.35 -7.23 14.14
C LEU D 164 -13.98 -6.41 13.03
N THR D 165 -14.46 -5.19 13.36
CA THR D 165 -14.85 -4.22 12.35
C THR D 165 -14.13 -2.90 12.62
N LEU D 166 -14.20 -2.00 11.64
CA LEU D 166 -13.57 -0.68 11.75
C LEU D 166 -14.64 0.38 11.84
N THR D 167 -14.47 1.31 12.79
CA THR D 167 -15.43 2.39 12.95
C THR D 167 -14.68 3.71 13.07
N TYR D 168 -15.40 4.80 13.33
CA TYR D 168 -14.82 6.13 13.41
C TYR D 168 -15.62 6.94 14.41
N GLY D 169 -14.94 7.87 15.10
CA GLY D 169 -15.53 8.61 16.21
C GLY D 169 -16.64 9.57 15.83
N GLY D 170 -16.90 9.77 14.53
CA GLY D 170 -18.07 10.50 14.10
C GLY D 170 -19.39 9.84 14.47
N SER D 171 -19.34 8.61 14.99
CA SER D 171 -20.53 7.95 15.49
C SER D 171 -21.10 8.69 16.69
N THR D 172 -20.22 9.18 17.59
CA THR D 172 -20.66 9.67 18.89
C THR D 172 -20.34 11.13 19.13
N ARG D 173 -19.51 11.75 18.30
CA ARG D 173 -19.29 13.19 18.30
CA ARG D 173 -19.32 13.20 18.31
C ARG D 173 -19.47 13.68 16.87
N THR D 174 -20.07 14.85 16.69
CA THR D 174 -20.34 15.27 15.32
C THR D 174 -19.08 15.79 14.64
N ILE D 175 -18.86 15.36 13.40
CA ILE D 175 -17.71 15.76 12.60
C ILE D 175 -18.24 16.33 11.29
N PRO D 176 -17.82 17.54 10.88
CA PRO D 176 -18.32 18.12 9.63
C PRO D 176 -18.14 17.16 8.47
N ASN D 177 -19.18 17.09 7.61
CA ASN D 177 -19.19 16.31 6.38
C ASN D 177 -19.33 14.80 6.59
N TYR D 178 -19.09 14.29 7.81
CA TYR D 178 -19.18 12.84 7.97
C TYR D 178 -20.63 12.36 7.90
N ASN D 179 -21.56 13.18 8.40
CA ASN D 179 -23.00 13.16 8.03
C ASN D 179 -23.53 11.74 8.20
N VAL D 180 -24.19 11.15 7.19
CA VAL D 180 -24.87 9.90 7.43
C VAL D 180 -23.90 8.75 7.71
N MET D 181 -22.62 8.88 7.37
CA MET D 181 -21.68 7.85 7.80
C MET D 181 -21.57 7.80 9.32
N GLY D 182 -21.71 8.96 9.99
CA GLY D 182 -21.69 8.96 11.44
C GLY D 182 -22.86 8.17 12.01
N VAL D 183 -24.03 8.32 11.38
CA VAL D 183 -25.20 7.56 11.81
C VAL D 183 -24.98 6.06 11.56
N ALA D 184 -24.41 5.71 10.41
CA ALA D 184 -24.12 4.31 10.09
C ALA D 184 -23.12 3.71 11.07
N LYS D 185 -22.08 4.47 11.43
CA LYS D 185 -21.10 3.95 12.39
C LYS D 185 -21.72 3.79 13.78
N ALA D 186 -22.65 4.66 14.16
CA ALA D 186 -23.30 4.47 15.45
C ALA D 186 -24.08 3.17 15.47
N ALA D 187 -24.74 2.85 14.36
CA ALA D 187 -25.46 1.59 14.27
C ALA D 187 -24.48 0.42 14.28
N LEU D 188 -23.37 0.57 13.58
CA LEU D 188 -22.36 -0.49 13.56
C LEU D 188 -21.84 -0.79 14.95
N GLU D 189 -21.57 0.26 15.74
CA GLU D 189 -21.06 0.07 17.10
C GLU D 189 -22.08 -0.65 17.98
N ALA D 190 -23.36 -0.33 17.82
CA ALA D 190 -24.38 -1.07 18.56
C ALA D 190 -24.41 -2.54 18.15
N MET D 191 -24.19 -2.81 16.86
CA MET D 191 -24.11 -4.20 16.43
C MET D 191 -22.93 -4.91 17.08
N VAL D 192 -21.80 -4.22 17.20
CA VAL D 192 -20.66 -4.83 17.90
C VAL D 192 -21.09 -5.28 19.29
N ARG D 193 -21.87 -4.45 19.99
CA ARG D 193 -22.27 -4.78 21.34
C ARG D 193 -23.25 -5.95 21.37
N TYR D 194 -24.30 -5.89 20.55
CA TYR D 194 -25.28 -6.98 20.58
C TYR D 194 -24.66 -8.30 20.12
N LEU D 195 -23.81 -8.26 19.10
CA LEU D 195 -23.17 -9.50 18.64
C LEU D 195 -22.22 -10.04 19.70
N ALA D 196 -21.50 -9.16 20.41
CA ALA D 196 -20.61 -9.65 21.45
C ALA D 196 -21.40 -10.32 22.58
N ALA D 197 -22.52 -9.73 22.96
CA ALA D 197 -23.35 -10.35 23.99
C ALA D 197 -23.92 -11.69 23.52
N ASP D 198 -24.24 -11.80 22.22
CA ASP D 198 -24.80 -13.05 21.68
C ASP D 198 -23.76 -14.17 21.62
N TYR D 199 -22.56 -13.84 21.17
CA TYR D 199 -21.57 -14.85 20.81
C TYR D 199 -20.53 -15.10 21.89
N GLY D 200 -20.45 -14.22 22.88
CA GLY D 200 -19.54 -14.38 24.01
C GLY D 200 -19.59 -15.76 24.66
N PRO D 201 -20.79 -16.28 24.92
CA PRO D 201 -20.87 -17.57 25.62
C PRO D 201 -20.27 -18.74 24.84
N GLN D 202 -20.19 -18.64 23.51
CA GLN D 202 -19.55 -19.63 22.66
CA GLN D 202 -19.53 -19.69 22.74
C GLN D 202 -18.06 -19.36 22.46
N GLY D 203 -17.53 -18.31 23.08
CA GLY D 203 -16.13 -18.00 22.95
C GLY D 203 -15.76 -17.21 21.71
N ILE D 204 -16.71 -16.54 21.09
CA ILE D 204 -16.45 -15.71 19.94
C ILE D 204 -16.47 -14.25 20.40
N ARG D 205 -15.33 -13.57 20.26
CA ARG D 205 -15.22 -12.18 20.67
C ARG D 205 -15.52 -11.28 19.48
N VAL D 206 -16.16 -10.15 19.73
CA VAL D 206 -16.57 -9.20 18.70
C VAL D 206 -16.16 -7.81 19.16
N ASN D 207 -15.35 -7.11 18.37
CA ASN D 207 -14.81 -5.82 18.76
C ASN D 207 -14.74 -4.91 17.53
N ALA D 208 -14.47 -3.63 17.80
CA ALA D 208 -14.24 -2.66 16.73
C ALA D 208 -13.00 -1.85 17.06
N ILE D 209 -12.27 -1.44 16.03
CA ILE D 209 -11.26 -0.39 16.17
C ILE D 209 -11.89 0.88 15.67
N SER D 210 -11.89 1.91 16.51
CA SER D 210 -12.26 3.26 16.05
C SER D 210 -10.98 3.96 15.64
N ALA D 211 -10.70 3.94 14.34
CA ALA D 211 -9.44 4.47 13.85
C ALA D 211 -9.50 5.98 13.70
N GLY D 212 -8.38 6.63 13.91
CA GLY D 212 -8.26 8.02 13.54
C GLY D 212 -8.26 8.12 12.02
N PRO D 213 -8.32 9.34 11.49
CA PRO D 213 -8.17 9.51 10.05
C PRO D 213 -6.80 9.03 9.61
N VAL D 214 -6.75 8.37 8.47
CA VAL D 214 -5.51 7.85 7.92
C VAL D 214 -5.27 8.48 6.56
N ARG D 215 -4.04 8.92 6.34
CA ARG D 215 -3.61 9.34 5.00
C ARG D 215 -2.24 8.74 4.76
N THR D 216 -2.17 7.79 3.82
CA THR D 216 -0.89 7.26 3.38
C THR D 216 -0.21 8.18 2.38
N LEU D 217 -0.98 9.03 1.69
CA LEU D 217 -0.39 10.04 0.83
C LEU D 217 0.20 11.17 1.67
N ALA D 218 1.12 11.92 1.07
CA ALA D 218 1.78 13.01 1.76
C ALA D 218 0.84 14.20 1.95
N GLY D 219 1.16 15.02 2.95
CA GLY D 219 0.38 16.20 3.25
C GLY D 219 -0.98 15.88 3.86
N ALA D 220 -1.79 16.93 3.99
CA ALA D 220 -3.14 16.79 4.54
C ALA D 220 -4.21 16.74 3.45
N GLY D 221 -3.87 17.00 2.19
CA GLY D 221 -4.82 16.84 1.10
C GLY D 221 -5.38 18.14 0.54
N ILE D 222 -6.62 18.08 0.04
CA ILE D 222 -7.26 19.20 -0.64
C ILE D 222 -8.65 19.45 -0.04
N GLY D 223 -9.13 20.69 -0.21
CA GLY D 223 -10.51 21.05 0.08
C GLY D 223 -10.89 20.97 1.55
N ASP D 224 -12.21 20.80 1.77
CA ASP D 224 -12.72 20.58 3.12
C ASP D 224 -11.96 19.49 3.85
N ALA D 225 -11.71 18.37 3.16
CA ALA D 225 -11.10 17.21 3.80
C ALA D 225 -9.73 17.57 4.38
N ARG D 226 -8.98 18.40 3.67
CA ARG D 226 -7.68 18.81 4.18
C ARG D 226 -7.82 19.55 5.51
N ALA D 227 -8.79 20.47 5.62
CA ALA D 227 -8.94 21.23 6.84
C ALA D 227 -9.39 20.34 8.00
N ILE D 228 -10.23 19.35 7.72
CA ILE D 228 -10.67 18.42 8.76
C ILE D 228 -9.52 17.51 9.17
N PHE D 229 -8.78 16.99 8.21
CA PHE D 229 -7.69 16.07 8.51
C PHE D 229 -6.58 16.78 9.29
N SER D 230 -6.16 17.96 8.81
CA SER D 230 -5.04 18.64 9.45
C SER D 230 -5.39 19.05 10.89
N TYR D 231 -6.66 19.38 11.14
CA TYR D 231 -7.06 19.66 12.52
C TYR D 231 -6.79 18.48 13.43
N GLN D 232 -7.15 17.27 12.98
CA GLN D 232 -6.92 16.09 13.80
C GLN D 232 -5.44 15.82 13.96
N ARG D 233 -4.66 16.04 12.89
CA ARG D 233 -3.22 15.85 13.00
C ARG D 233 -2.62 16.80 14.04
N ARG D 234 -2.96 18.09 13.96
CA ARG D 234 -2.34 19.11 14.80
C ARG D 234 -2.74 18.97 16.26
N ASN D 235 -3.94 18.46 16.52
CA ASN D 235 -4.53 18.58 17.84
C ASN D 235 -4.72 17.25 18.54
N SER D 236 -4.36 16.13 17.92
CA SER D 236 -4.32 14.85 18.63
CA SER D 236 -4.34 14.87 18.65
C SER D 236 -3.19 14.85 19.65
N PRO D 237 -3.36 14.21 20.79
CA PRO D 237 -2.27 14.12 21.77
C PRO D 237 -0.94 13.67 21.17
N LEU D 238 -0.93 12.66 20.30
CA LEU D 238 0.35 12.18 19.74
C LEU D 238 0.89 13.07 18.64
N ARG D 239 0.13 14.09 18.23
CA ARG D 239 0.55 15.09 17.25
C ARG D 239 0.85 14.45 15.90
N ARG D 240 0.22 13.30 15.65
CA ARG D 240 0.33 12.61 14.37
C ARG D 240 -0.96 11.84 14.17
N THR D 241 -1.29 11.58 12.91
CA THR D 241 -2.40 10.68 12.61
C THR D 241 -1.88 9.25 12.56
N VAL D 242 -2.74 8.30 12.91
CA VAL D 242 -2.29 6.91 12.87
C VAL D 242 -2.13 6.48 11.42
N ASP D 243 -1.29 5.47 11.21
CA ASP D 243 -1.12 4.93 9.88
C ASP D 243 -1.63 3.51 9.84
N ILE D 244 -1.57 2.88 8.66
CA ILE D 244 -2.23 1.59 8.58
C ILE D 244 -1.48 0.51 9.34
N ASP D 245 -0.19 0.75 9.66
CA ASP D 245 0.52 -0.17 10.55
C ASP D 245 0.06 -0.03 12.00
N ASP D 246 -0.19 1.19 12.50
CA ASP D 246 -0.79 1.32 13.82
C ASP D 246 -2.10 0.56 13.89
N VAL D 247 -2.97 0.76 12.90
CA VAL D 247 -4.26 0.07 12.89
C VAL D 247 -4.05 -1.43 12.81
N GLY D 248 -3.10 -1.87 11.98
CA GLY D 248 -2.89 -3.31 11.82
C GLY D 248 -2.37 -3.97 13.08
N LYS D 249 -1.49 -3.27 13.82
CA LYS D 249 -0.97 -3.84 15.05
C LYS D 249 -2.06 -3.94 16.12
N SER D 250 -2.95 -2.96 16.17
CA SER D 250 -4.07 -3.06 17.09
C SER D 250 -5.04 -4.15 16.66
N ALA D 251 -5.17 -4.37 15.35
CA ALA D 251 -5.98 -5.47 14.86
C ALA D 251 -5.39 -6.81 15.27
N VAL D 252 -4.06 -6.95 15.15
CA VAL D 252 -3.41 -8.18 15.63
C VAL D 252 -3.76 -8.43 17.08
N TYR D 253 -3.71 -7.40 17.91
CA TYR D 253 -4.04 -7.58 19.33
C TYR D 253 -5.45 -8.11 19.50
N LEU D 254 -6.45 -7.48 18.85
CA LEU D 254 -7.83 -7.85 19.07
C LEU D 254 -8.19 -9.20 18.46
N LEU D 255 -7.50 -9.61 17.40
CA LEU D 255 -7.73 -10.90 16.75
C LEU D 255 -6.94 -12.03 17.38
N SER D 256 -5.92 -11.72 18.16
CA SER D 256 -5.07 -12.75 18.77
C SER D 256 -5.54 -13.06 20.18
N ASP D 257 -4.94 -14.10 20.75
CA ASP D 257 -5.18 -14.49 22.13
C ASP D 257 -4.67 -13.46 23.14
N LEU D 258 -3.95 -12.42 22.71
CA LEU D 258 -3.56 -11.39 23.66
C LEU D 258 -4.78 -10.71 24.27
N SER D 259 -5.85 -10.57 23.50
CA SER D 259 -7.07 -9.91 23.89
C SER D 259 -8.15 -10.88 24.37
N SER D 260 -7.75 -12.01 24.94
CA SER D 260 -8.68 -13.05 25.33
C SER D 260 -9.75 -12.56 26.31
N GLY D 261 -9.50 -11.49 27.03
CA GLY D 261 -10.47 -10.94 27.96
C GLY D 261 -11.34 -9.81 27.41
N VAL D 262 -11.23 -9.52 26.12
CA VAL D 262 -11.80 -8.29 25.52
C VAL D 262 -12.90 -8.65 24.53
N THR D 263 -14.11 -8.16 24.78
CA THR D 263 -15.16 -8.31 23.78
C THR D 263 -16.15 -7.16 23.94
N GLY D 264 -16.80 -6.79 22.84
CA GLY D 264 -17.75 -5.70 22.82
C GLY D 264 -17.14 -4.32 22.89
N GLU D 265 -15.85 -4.22 22.65
CA GLU D 265 -15.10 -3.01 22.92
C GLU D 265 -15.02 -2.16 21.66
N ILE D 266 -15.27 -0.86 21.80
CA ILE D 266 -14.97 0.11 20.75
C ILE D 266 -13.61 0.70 21.13
N HIS D 267 -12.56 0.22 20.47
CA HIS D 267 -11.18 0.48 20.88
C HIS D 267 -10.62 1.61 20.02
N PHE D 268 -10.34 2.78 20.64
CA PHE D 268 -9.85 3.92 19.88
C PHE D 268 -8.37 3.78 19.55
N VAL D 269 -8.05 3.83 18.26
CA VAL D 269 -6.69 3.84 17.76
C VAL D 269 -6.59 5.11 16.92
N ASP D 270 -6.47 6.24 17.61
CA ASP D 270 -6.68 7.54 16.97
C ASP D 270 -5.73 8.58 17.55
N SER D 271 -4.60 8.16 18.10
CA SER D 271 -3.59 9.06 18.67
C SER D 271 -4.14 9.86 19.85
N GLY D 272 -5.19 9.36 20.49
CA GLY D 272 -5.81 10.05 21.61
C GLY D 272 -6.76 11.16 21.25
N TYR D 273 -7.03 11.37 19.96
CA TYR D 273 -7.85 12.51 19.54
C TYR D 273 -9.20 12.55 20.27
N ASN D 274 -9.81 11.40 20.48
CA ASN D 274 -11.14 11.39 21.07
C ASN D 274 -11.18 11.98 22.49
N ILE D 275 -10.04 12.05 23.19
CA ILE D 275 -10.11 12.50 24.59
C ILE D 275 -10.12 14.02 24.72
N VAL D 276 -9.76 14.77 23.69
CA VAL D 276 -9.59 16.21 23.85
C VAL D 276 -10.89 16.91 23.54
N SER D 277 -11.06 18.09 24.12
CA SER D 277 -12.19 18.95 23.79
C SER D 277 -11.83 20.02 22.79
N MET D 278 -10.63 20.55 22.88
CA MET D 278 -10.26 21.77 22.18
C MET D 278 -8.93 21.58 21.48
N PRO D 279 -8.60 22.46 20.55
CA PRO D 279 -7.26 22.45 19.96
C PRO D 279 -6.20 22.96 20.94
N THR D 280 -4.92 22.95 20.54
CA THR D 280 -3.88 23.45 21.41
C THR D 280 -4.11 24.91 21.79
N LEU D 281 -3.47 25.31 22.89
CA LEU D 281 -3.62 26.68 23.37
C LEU D 281 -3.17 27.68 22.31
N GLU D 282 -2.10 27.36 21.58
CA GLU D 282 -1.63 28.27 20.53
C GLU D 282 -2.69 28.46 19.45
N GLU D 283 -3.41 27.39 19.11
CA GLU D 283 -4.45 27.47 18.09
C GLU D 283 -5.73 28.11 18.64
N LEU D 284 -6.05 27.86 19.91
CA LEU D 284 -7.15 28.62 20.54
C LEU D 284 -6.92 30.12 20.44
N LYS D 285 -5.69 30.55 20.72
CA LYS D 285 -5.44 31.98 20.76
C LYS D 285 -5.45 32.59 19.35
N SER D 286 -4.87 31.89 18.38
CA SER D 286 -4.89 32.42 17.02
C SER D 286 -6.31 32.48 16.48
N SER D 287 -7.12 31.43 16.71
CA SER D 287 -8.51 31.46 16.26
CA SER D 287 -8.49 31.48 16.24
C SER D 287 -9.30 32.54 16.99
N ASP D 288 -9.02 32.75 18.28
CA ASP D 288 -9.72 33.79 19.04
C ASP D 288 -9.46 35.15 18.42
N SER D 289 -8.20 35.44 18.12
CA SER D 289 -7.88 36.73 17.53
C SER D 289 -8.42 36.85 16.10
N GLU D 290 -8.38 35.76 15.34
CA GLU D 290 -8.81 35.79 13.95
C GLU D 290 -10.32 35.88 13.82
N ARG D 291 -11.05 35.15 14.66
CA ARG D 291 -12.51 35.05 14.46
C ARG D 291 -13.31 35.80 15.51
N GLY D 292 -12.73 36.17 16.63
CA GLY D 292 -13.40 37.05 17.57
C GLY D 292 -14.23 36.31 18.60
N GLU D 293 -15.06 37.10 19.28
CA GLU D 293 -15.85 36.61 20.41
C GLU D 293 -16.97 35.66 19.95
N GLU E 23 49.24 -29.45 -16.77
CA GLU E 23 49.28 -28.03 -16.45
C GLU E 23 48.70 -27.19 -17.59
N GLY E 24 48.93 -27.61 -18.83
CA GLY E 24 48.30 -26.94 -19.96
C GLY E 24 46.79 -27.06 -19.89
N LEU E 25 46.09 -25.99 -20.33
CA LEU E 25 44.64 -25.94 -20.22
C LEU E 25 43.94 -26.98 -21.09
N MET E 26 44.63 -27.53 -22.09
CA MET E 26 44.06 -28.51 -23.01
C MET E 26 44.84 -29.82 -22.98
N GLN E 27 45.61 -30.04 -21.92
CA GLN E 27 46.47 -31.22 -21.85
C GLN E 27 45.64 -32.50 -21.97
N GLY E 28 46.04 -33.35 -22.92
CA GLY E 28 45.33 -34.59 -23.16
C GLY E 28 44.03 -34.46 -23.93
N LYS E 29 43.72 -33.27 -24.46
CA LYS E 29 42.51 -33.06 -25.23
C LYS E 29 42.81 -33.17 -26.72
N ARG E 30 41.87 -33.75 -27.46
CA ARG E 30 42.01 -33.95 -28.90
CA ARG E 30 42.01 -33.95 -28.89
C ARG E 30 40.85 -33.26 -29.60
N GLY E 31 41.16 -32.57 -30.70
CA GLY E 31 40.11 -31.80 -31.34
C GLY E 31 40.40 -31.53 -32.80
N LEU E 32 39.36 -31.11 -33.50
CA LEU E 32 39.40 -30.89 -34.94
C LEU E 32 39.25 -29.40 -35.24
N ILE E 33 40.10 -28.89 -36.11
CA ILE E 33 40.07 -27.48 -36.49
C ILE E 33 39.78 -27.39 -37.97
N MET E 34 38.68 -26.74 -38.33
CA MET E 34 38.23 -26.62 -39.70
C MET E 34 38.32 -25.16 -40.12
N GLY E 35 39.14 -24.89 -41.14
CA GLY E 35 39.18 -23.54 -41.67
C GLY E 35 40.53 -22.87 -41.79
N VAL E 36 41.63 -23.57 -41.51
CA VAL E 36 42.94 -22.99 -41.77
C VAL E 36 43.14 -22.88 -43.27
N ALA E 37 43.52 -21.68 -43.72
CA ALA E 37 43.92 -21.43 -45.10
C ALA E 37 45.38 -21.07 -45.25
N ASN E 38 45.89 -20.24 -44.35
CA ASN E 38 47.29 -19.81 -44.34
C ASN E 38 47.61 -19.34 -42.92
N ASN E 39 48.80 -18.77 -42.73
CA ASN E 39 49.21 -18.43 -41.37
C ASN E 39 48.58 -17.15 -40.84
N HIS E 40 47.65 -16.53 -41.58
CA HIS E 40 46.89 -15.39 -41.08
C HIS E 40 45.48 -15.76 -40.66
N SER E 41 45.05 -17.00 -40.93
CA SER E 41 43.71 -17.46 -40.61
C SER E 41 43.43 -17.37 -39.12
N LEU E 42 42.20 -16.98 -38.77
CA LEU E 42 41.78 -17.07 -37.37
C LEU E 42 41.92 -18.50 -36.87
N ALA E 43 41.58 -19.50 -37.70
CA ALA E 43 41.73 -20.89 -37.29
C ALA E 43 43.18 -21.24 -36.93
N TRP E 44 44.15 -20.61 -37.60
CA TRP E 44 45.55 -20.90 -37.31
C TRP E 44 45.97 -20.29 -35.98
N GLY E 45 45.51 -19.07 -35.68
CA GLY E 45 45.78 -18.50 -34.37
C GLY E 45 45.17 -19.33 -33.26
N ILE E 46 43.97 -19.88 -33.49
CA ILE E 46 43.34 -20.77 -32.55
C ILE E 46 44.18 -22.03 -32.37
N ALA E 47 44.65 -22.60 -33.49
CA ALA E 47 45.46 -23.81 -33.44
C ALA E 47 46.75 -23.59 -32.65
N LYS E 48 47.43 -22.47 -32.89
CA LYS E 48 48.69 -22.23 -32.19
C LYS E 48 48.49 -22.13 -30.68
N GLN E 49 47.43 -21.44 -30.24
CA GLN E 49 47.18 -21.31 -28.81
C GLN E 49 46.74 -22.64 -28.21
N LEU E 50 45.93 -23.42 -28.95
CA LEU E 50 45.52 -24.73 -28.44
C LEU E 50 46.71 -25.67 -28.34
N ALA E 51 47.59 -25.67 -29.33
CA ALA E 51 48.77 -26.51 -29.26
C ALA E 51 49.66 -26.10 -28.09
N ALA E 52 49.75 -24.80 -27.82
CA ALA E 52 50.58 -24.34 -26.71
C ALA E 52 50.02 -24.78 -25.37
N GLN E 53 48.72 -25.02 -25.30
CA GLN E 53 48.09 -25.51 -24.08
C GLN E 53 48.00 -27.02 -24.03
N GLY E 54 48.67 -27.72 -24.94
CA GLY E 54 48.82 -29.16 -24.89
C GLY E 54 47.84 -29.94 -25.72
N ALA E 55 47.00 -29.29 -26.53
CA ALA E 55 46.03 -30.00 -27.35
C ALA E 55 46.69 -30.84 -28.42
N GLU E 56 46.07 -31.97 -28.74
CA GLU E 56 46.37 -32.76 -29.93
C GLU E 56 45.37 -32.37 -31.01
N LEU E 57 45.85 -32.09 -32.22
CA LEU E 57 45.02 -31.42 -33.21
C LEU E 57 44.92 -32.19 -34.52
N ALA E 58 43.74 -32.10 -35.13
CA ALA E 58 43.48 -32.51 -36.50
C ALA E 58 42.95 -31.32 -37.29
N PHE E 59 43.25 -31.29 -38.59
CA PHE E 59 42.93 -30.15 -39.45
C PHE E 59 42.21 -30.61 -40.70
N THR E 60 41.31 -29.77 -41.21
CA THR E 60 40.83 -29.95 -42.58
C THR E 60 41.29 -28.78 -43.45
N TYR E 61 41.23 -29.00 -44.76
CA TYR E 61 41.60 -27.98 -45.73
C TYR E 61 40.69 -28.10 -46.94
N GLN E 62 40.33 -26.96 -47.53
CA GLN E 62 39.44 -26.92 -48.67
C GLN E 62 40.23 -26.79 -49.96
N GLY E 63 40.16 -27.82 -50.81
CA GLY E 63 40.79 -27.75 -52.10
C GLY E 63 42.14 -28.43 -52.14
N ASP E 64 42.42 -29.14 -53.23
CA ASP E 64 43.68 -29.88 -53.33
C ASP E 64 44.87 -28.96 -53.17
N ALA E 65 44.80 -27.76 -53.76
CA ALA E 65 45.94 -26.85 -53.73
C ALA E 65 46.25 -26.37 -52.32
N LEU E 66 45.24 -26.33 -51.44
CA LEU E 66 45.50 -25.87 -50.07
C LEU E 66 46.24 -26.90 -49.24
N GLY E 67 46.19 -28.18 -49.63
CA GLY E 67 46.85 -29.20 -48.83
C GLY E 67 48.31 -28.91 -48.58
N LYS E 68 49.03 -28.47 -49.61
CA LYS E 68 50.45 -28.19 -49.45
C LYS E 68 50.72 -26.93 -48.63
N ARG E 69 49.70 -26.14 -48.33
CA ARG E 69 49.87 -24.99 -47.46
C ARG E 69 49.48 -25.27 -46.02
N VAL E 70 48.43 -26.07 -45.81
CA VAL E 70 47.99 -26.35 -44.45
C VAL E 70 48.85 -27.45 -43.82
N LYS E 71 49.30 -28.42 -44.61
CA LYS E 71 50.10 -29.50 -44.04
C LYS E 71 51.37 -29.00 -43.35
N PRO E 72 52.19 -28.11 -43.94
CA PRO E 72 53.37 -27.63 -43.20
C PRO E 72 53.02 -26.80 -41.98
N LEU E 73 51.88 -26.09 -41.98
CA LEU E 73 51.45 -25.38 -40.78
C LEU E 73 51.13 -26.36 -39.66
N ALA E 74 50.29 -27.37 -39.97
CA ALA E 74 49.99 -28.41 -38.99
C ALA E 74 51.25 -29.08 -38.46
N GLU E 75 52.27 -29.25 -39.30
CA GLU E 75 53.51 -29.85 -38.83
C GLU E 75 54.17 -28.99 -37.77
N GLN E 76 54.03 -27.66 -37.85
CA GLN E 76 54.64 -26.79 -36.86
C GLN E 76 54.07 -27.03 -35.47
N VAL E 77 52.81 -27.42 -35.37
CA VAL E 77 52.22 -27.75 -34.08
C VAL E 77 52.16 -29.26 -33.85
N GLY E 78 53.01 -30.02 -34.55
CA GLY E 78 53.16 -31.43 -34.31
C GLY E 78 52.04 -32.32 -34.81
N SER E 79 51.28 -31.88 -35.81
CA SER E 79 50.17 -32.66 -36.35
C SER E 79 50.44 -33.02 -37.81
N ASP E 80 50.24 -34.30 -38.16
CA ASP E 80 50.09 -34.70 -39.55
C ASP E 80 48.72 -35.29 -39.81
N PHE E 81 47.76 -34.98 -38.94
CA PHE E 81 46.38 -35.44 -39.08
C PHE E 81 45.62 -34.35 -39.84
N VAL E 82 45.77 -34.37 -41.16
CA VAL E 82 45.30 -33.28 -42.04
C VAL E 82 44.53 -33.90 -43.20
N LEU E 83 43.27 -33.49 -43.37
CA LEU E 83 42.36 -34.15 -44.30
C LEU E 83 41.63 -33.14 -45.19
N PRO E 84 41.38 -33.48 -46.45
CA PRO E 84 40.61 -32.57 -47.32
C PRO E 84 39.14 -32.56 -46.95
N CYS E 85 38.51 -31.40 -47.07
CA CYS E 85 37.09 -31.32 -46.76
C CYS E 85 36.52 -30.07 -47.40
N ASP E 86 35.48 -30.25 -48.21
CA ASP E 86 34.63 -29.17 -48.69
C ASP E 86 33.27 -29.38 -48.03
N VAL E 87 32.87 -28.45 -47.15
CA VAL E 87 31.63 -28.63 -46.41
C VAL E 87 30.41 -28.65 -47.32
N GLU E 88 30.53 -28.11 -48.52
CA GLU E 88 29.42 -28.20 -49.47
C GLU E 88 29.21 -29.63 -49.94
N ASP E 89 30.26 -30.46 -49.90
CA ASP E 89 30.22 -31.85 -50.33
C ASP E 89 30.18 -32.73 -49.09
N ILE E 90 28.97 -33.11 -48.67
CA ILE E 90 28.83 -33.78 -47.37
C ILE E 90 29.56 -35.13 -47.34
N ALA E 91 29.81 -35.74 -48.51
CA ALA E 91 30.58 -36.98 -48.53
C ALA E 91 31.98 -36.77 -47.98
N THR E 92 32.60 -35.62 -48.26
CA THR E 92 33.94 -35.36 -47.71
C THR E 92 33.89 -35.09 -46.20
N VAL E 93 32.79 -34.50 -45.71
CA VAL E 93 32.63 -34.31 -44.27
C VAL E 93 32.47 -35.66 -43.57
N ASP E 94 31.64 -36.55 -44.14
CA ASP E 94 31.49 -37.87 -43.55
C ASP E 94 32.82 -38.61 -43.49
N ALA E 95 33.68 -38.41 -44.48
CA ALA E 95 34.97 -39.10 -44.49
C ALA E 95 35.89 -38.56 -43.39
N VAL E 96 35.85 -37.25 -43.13
CA VAL E 96 36.66 -36.67 -42.07
C VAL E 96 36.30 -37.32 -40.73
N PHE E 97 35.02 -37.38 -40.41
CA PHE E 97 34.64 -37.90 -39.10
C PHE E 97 34.79 -39.41 -39.02
N GLU E 98 34.75 -40.11 -40.15
CA GLU E 98 35.08 -41.53 -40.15
C GLU E 98 36.55 -41.74 -39.78
N GLU E 99 37.44 -40.89 -40.27
CA GLU E 99 38.86 -41.04 -39.92
C GLU E 99 39.11 -40.69 -38.47
N ILE E 100 38.44 -39.66 -37.95
CA ILE E 100 38.58 -39.33 -36.54
C ILE E 100 38.10 -40.50 -35.68
N GLU E 101 36.96 -41.09 -36.05
CA GLU E 101 36.45 -42.23 -35.31
C GLU E 101 37.43 -43.39 -35.36
N LYS E 102 38.05 -43.62 -36.52
CA LYS E 102 38.97 -44.74 -36.68
C LYS E 102 40.28 -44.52 -35.93
N LYS E 103 40.81 -43.30 -35.96
CA LYS E 103 42.12 -43.03 -35.35
C LYS E 103 42.03 -42.68 -33.86
N TRP E 104 41.05 -41.88 -33.46
CA TRP E 104 40.94 -41.40 -32.09
C TRP E 104 39.85 -42.08 -31.29
N GLY E 105 38.72 -42.41 -31.93
CA GLY E 105 37.60 -43.00 -31.26
C GLY E 105 36.67 -42.00 -30.61
N GLY E 106 37.06 -40.74 -30.55
CA GLY E 106 36.26 -39.71 -29.92
C GLY E 106 36.90 -38.36 -30.15
N LEU E 107 36.14 -37.33 -29.80
CA LEU E 107 36.57 -35.95 -29.93
CA LEU E 107 36.55 -35.95 -29.94
C LEU E 107 36.35 -35.23 -28.61
N ASP E 108 37.24 -34.31 -28.28
CA ASP E 108 37.02 -33.43 -27.13
C ASP E 108 36.51 -32.05 -27.52
N PHE E 109 36.86 -31.56 -28.71
CA PHE E 109 36.42 -30.23 -29.09
C PHE E 109 36.45 -30.12 -30.61
N LEU E 110 35.75 -29.11 -31.11
CA LEU E 110 35.68 -28.82 -32.53
C LEU E 110 35.64 -27.31 -32.72
N VAL E 111 36.43 -26.83 -33.68
CA VAL E 111 36.46 -25.43 -34.10
C VAL E 111 35.98 -25.36 -35.55
N HIS E 112 34.97 -24.53 -35.77
CA HIS E 112 34.40 -24.27 -37.09
C HIS E 112 34.74 -22.83 -37.46
N ALA E 113 35.65 -22.66 -38.41
CA ALA E 113 36.11 -21.34 -38.82
C ALA E 113 36.02 -21.21 -40.33
N ILE E 114 34.80 -21.38 -40.83
CA ILE E 114 34.53 -21.48 -42.26
C ILE E 114 33.51 -20.42 -42.61
N GLY E 115 33.79 -19.66 -43.66
CA GLY E 115 32.89 -18.63 -44.13
C GLY E 115 33.12 -18.38 -45.61
N PHE E 116 32.05 -18.15 -46.36
CA PHE E 116 32.20 -17.89 -47.79
C PHE E 116 30.97 -17.16 -48.29
N SER E 117 31.20 -16.20 -49.19
CA SER E 117 30.16 -15.62 -50.00
C SER E 117 30.82 -15.08 -51.27
N ASP E 118 30.08 -15.11 -52.39
CA ASP E 118 30.57 -14.47 -53.62
C ASP E 118 30.94 -13.02 -53.35
N LYS E 119 32.21 -12.68 -53.58
CA LYS E 119 32.70 -11.32 -53.31
C LYS E 119 31.96 -10.24 -54.11
N THR E 120 31.39 -10.58 -55.25
CA THR E 120 30.61 -9.62 -56.03
CA THR E 120 30.65 -9.58 -56.01
C THR E 120 29.44 -9.07 -55.24
N GLU E 121 28.95 -9.83 -54.27
CA GLU E 121 27.81 -9.43 -53.47
C GLU E 121 28.21 -8.85 -52.13
N LEU E 122 29.52 -8.67 -51.89
CA LEU E 122 30.01 -8.00 -50.70
C LEU E 122 30.49 -6.59 -51.01
N LYS E 123 29.95 -6.00 -52.08
CA LYS E 123 30.19 -4.61 -52.46
C LYS E 123 28.85 -4.06 -52.96
N GLY E 124 28.58 -2.79 -52.67
CA GLY E 124 27.29 -2.22 -53.01
C GLY E 124 26.24 -2.51 -51.95
N ARG E 125 25.02 -2.06 -52.22
CA ARG E 125 23.95 -2.28 -51.26
C ARG E 125 23.51 -3.72 -51.27
N TYR E 126 23.30 -4.28 -50.07
CA TYR E 126 22.73 -5.61 -49.93
C TYR E 126 21.54 -5.82 -50.87
N ALA E 127 20.60 -4.88 -50.86
CA ALA E 127 19.39 -5.02 -51.67
C ALA E 127 19.70 -5.05 -53.17
N ASP E 128 20.71 -4.28 -53.59
CA ASP E 128 21.00 -4.19 -55.03
C ASP E 128 21.70 -5.44 -55.54
N VAL E 129 22.61 -6.02 -54.76
CA VAL E 129 23.58 -6.97 -55.30
C VAL E 129 23.27 -8.43 -54.95
N THR E 130 22.43 -8.71 -53.97
CA THR E 130 22.28 -10.08 -53.48
C THR E 130 21.39 -10.88 -54.42
N THR E 131 21.78 -12.13 -54.67
CA THR E 131 21.02 -13.06 -55.48
C THR E 131 20.64 -14.27 -54.66
N ARG E 132 19.62 -15.00 -55.12
CA ARG E 132 19.21 -16.20 -54.38
C ARG E 132 20.29 -17.27 -54.45
N GLU E 133 20.95 -17.41 -55.60
CA GLU E 133 21.97 -18.46 -55.74
C GLU E 133 23.09 -18.25 -54.73
N ASN E 134 23.56 -17.01 -54.58
CA ASN E 134 24.61 -16.76 -53.58
C ASN E 134 24.07 -16.85 -52.17
N PHE E 135 22.84 -16.36 -51.94
CA PHE E 135 22.26 -16.48 -50.61
C PHE E 135 22.29 -17.93 -50.14
N SER E 136 21.79 -18.85 -50.97
CA SER E 136 21.63 -20.23 -50.52
C SER E 136 22.98 -20.91 -50.33
N ARG E 137 23.93 -20.63 -51.22
CA ARG E 137 25.27 -21.21 -51.05
C ARG E 137 25.98 -20.61 -49.85
N THR E 138 25.86 -19.29 -49.66
CA THR E 138 26.45 -18.67 -48.46
C THR E 138 25.86 -19.27 -47.20
N MET E 139 24.55 -19.51 -47.19
CA MET E 139 23.93 -20.03 -45.97
CA MET E 139 23.90 -20.04 -45.99
C MET E 139 24.37 -21.46 -45.67
N VAL E 140 24.56 -22.30 -46.71
CA VAL E 140 25.03 -23.66 -46.48
C VAL E 140 26.46 -23.64 -45.94
N ILE E 141 27.35 -22.91 -46.61
CA ILE E 141 28.77 -22.97 -46.26
C ILE E 141 29.04 -22.23 -44.96
N SER E 142 28.47 -21.03 -44.81
CA SER E 142 28.80 -20.18 -43.67
C SER E 142 27.97 -20.51 -42.43
N ALA E 143 26.79 -21.09 -42.60
CA ALA E 143 25.93 -21.36 -41.44
C ALA E 143 25.60 -22.83 -41.28
N TYR E 144 24.95 -23.48 -42.26
CA TYR E 144 24.44 -24.82 -41.99
C TYR E 144 25.57 -25.83 -41.80
N SER E 145 26.72 -25.62 -42.44
CA SER E 145 27.86 -26.51 -42.21
C SER E 145 28.21 -26.61 -40.73
N PHE E 146 27.96 -25.54 -39.94
CA PHE E 146 28.21 -25.63 -38.49
C PHE E 146 27.25 -26.61 -37.83
N THR E 147 25.96 -26.57 -38.18
CA THR E 147 25.04 -27.59 -37.69
C THR E 147 25.47 -28.99 -38.14
N GLU E 148 25.92 -29.11 -39.40
CA GLU E 148 26.30 -30.42 -39.92
C GLU E 148 27.49 -31.00 -39.17
N VAL E 149 28.53 -30.19 -38.89
CA VAL E 149 29.68 -30.74 -38.17
C VAL E 149 29.38 -30.90 -36.68
N ALA E 150 28.50 -30.08 -36.11
CA ALA E 150 28.11 -30.31 -34.73
C ALA E 150 27.34 -31.62 -34.58
N GLN E 151 26.46 -31.91 -35.55
CA GLN E 151 25.72 -33.17 -35.54
C GLN E 151 26.67 -34.36 -35.56
N ARG E 152 27.72 -34.27 -36.38
CA ARG E 152 28.67 -35.37 -36.47
C ARG E 152 29.58 -35.45 -35.26
N ALA E 153 30.02 -34.30 -34.72
CA ALA E 153 30.87 -34.31 -33.55
C ALA E 153 30.15 -34.89 -32.32
N GLU E 154 28.84 -34.66 -32.21
CA GLU E 154 28.11 -35.12 -31.03
C GLU E 154 28.23 -36.62 -30.85
N LYS E 155 28.22 -37.36 -31.96
CA LYS E 155 28.32 -38.81 -31.92
C LYS E 155 29.67 -39.28 -31.40
N LEU E 156 30.67 -38.39 -31.40
CA LEU E 156 32.01 -38.70 -30.91
C LEU E 156 32.31 -38.00 -29.58
N MET E 157 31.31 -37.38 -28.95
CA MET E 157 31.54 -36.66 -27.70
C MET E 157 30.71 -37.28 -26.58
N LYS E 158 30.87 -38.59 -26.39
CA LYS E 158 30.04 -39.33 -25.45
C LYS E 158 30.23 -38.85 -24.01
N ASP E 159 31.39 -38.27 -23.68
CA ASP E 159 31.67 -37.81 -22.33
C ASP E 159 31.63 -36.29 -22.21
N GLY E 160 30.98 -35.61 -23.15
CA GLY E 160 30.97 -34.17 -23.19
C GLY E 160 32.02 -33.60 -24.14
N GLY E 161 31.97 -32.29 -24.29
CA GLY E 161 32.89 -31.62 -25.19
C GLY E 161 32.55 -30.15 -25.32
N SER E 162 33.31 -29.49 -26.19
CA SER E 162 33.11 -28.07 -26.43
C SER E 162 33.20 -27.81 -27.93
N ILE E 163 32.26 -27.04 -28.47
CA ILE E 163 32.18 -26.76 -29.89
C ILE E 163 32.15 -25.26 -30.09
N LEU E 164 32.99 -24.74 -31.00
CA LEU E 164 33.17 -23.31 -31.17
C LEU E 164 33.04 -22.92 -32.64
N THR E 165 32.31 -21.82 -32.92
CA THR E 165 32.33 -21.21 -34.25
C THR E 165 32.72 -19.75 -34.11
N LEU E 166 33.00 -19.11 -35.25
CA LEU E 166 33.40 -17.71 -35.30
C LEU E 166 32.35 -16.90 -36.03
N THR E 167 31.96 -15.77 -35.45
CA THR E 167 30.96 -14.91 -36.07
C THR E 167 31.44 -13.46 -36.06
N TYR E 168 30.59 -12.53 -36.48
CA TYR E 168 30.96 -11.12 -36.60
C TYR E 168 29.74 -10.27 -36.29
N GLY E 169 30.01 -9.10 -35.70
CA GLY E 169 28.95 -8.21 -35.21
C GLY E 169 28.03 -7.69 -36.27
N GLY E 170 28.39 -7.84 -37.55
CA GLY E 170 27.50 -7.54 -38.66
C GLY E 170 26.21 -8.34 -38.65
N SER E 171 26.12 -9.38 -37.80
CA SER E 171 24.88 -10.12 -37.65
C SER E 171 23.77 -9.25 -37.07
N THR E 172 24.10 -8.41 -36.08
CA THR E 172 23.08 -7.72 -35.30
C THR E 172 23.13 -6.20 -35.44
N ARG E 173 24.18 -5.65 -36.05
CA ARG E 173 24.25 -4.24 -36.40
CA ARG E 173 24.26 -4.25 -36.39
C ARG E 173 24.75 -4.15 -37.83
N THR E 174 24.17 -3.26 -38.61
CA THR E 174 24.50 -3.25 -40.04
C THR E 174 25.86 -2.61 -40.28
N ILE E 175 26.63 -3.25 -41.15
CA ILE E 175 27.93 -2.76 -41.58
C ILE E 175 27.89 -2.69 -43.10
N PRO E 176 28.32 -1.57 -43.69
CA PRO E 176 28.28 -1.49 -45.15
C PRO E 176 29.04 -2.63 -45.80
N ASN E 177 28.50 -3.12 -46.91
CA ASN E 177 29.13 -4.16 -47.75
C ASN E 177 29.11 -5.56 -47.13
N TYR E 178 28.95 -5.69 -45.81
CA TYR E 178 28.95 -7.02 -45.22
C TYR E 178 27.76 -7.83 -45.74
N ASN E 179 26.62 -7.17 -45.95
CA ASN E 179 25.51 -7.66 -46.82
C ASN E 179 25.11 -9.08 -46.41
N VAL E 180 25.03 -10.04 -47.34
CA VAL E 180 24.46 -11.34 -47.01
C VAL E 180 25.31 -12.09 -45.98
N MET E 181 26.59 -11.75 -45.80
CA MET E 181 27.33 -12.39 -44.72
C MET E 181 26.75 -12.03 -43.37
N GLY E 182 26.20 -10.82 -43.23
CA GLY E 182 25.54 -10.46 -41.97
C GLY E 182 24.32 -11.31 -41.71
N VAL E 183 23.56 -11.59 -42.77
CA VAL E 183 22.39 -12.47 -42.66
C VAL E 183 22.83 -13.88 -42.28
N ALA E 184 23.89 -14.39 -42.92
CA ALA E 184 24.40 -15.72 -42.60
C ALA E 184 24.90 -15.80 -41.15
N LYS E 185 25.60 -14.77 -40.67
CA LYS E 185 26.08 -14.77 -39.29
C LYS E 185 24.92 -14.75 -38.30
N ALA E 186 23.84 -14.03 -38.62
CA ALA E 186 22.67 -14.02 -37.75
C ALA E 186 22.08 -15.42 -37.63
N ALA E 187 22.02 -16.15 -38.75
CA ALA E 187 21.53 -17.53 -38.71
C ALA E 187 22.51 -18.43 -37.95
N LEU E 188 23.81 -18.22 -38.17
CA LEU E 188 24.82 -18.98 -37.43
C LEU E 188 24.68 -18.79 -35.92
N GLU E 189 24.47 -17.55 -35.47
CA GLU E 189 24.33 -17.30 -34.03
C GLU E 189 23.07 -17.96 -33.47
N ALA E 190 21.99 -18.02 -34.25
CA ALA E 190 20.80 -18.73 -33.78
C ALA E 190 21.06 -20.23 -33.67
N MET E 191 21.84 -20.77 -34.61
CA MET E 191 22.26 -22.17 -34.50
C MET E 191 23.05 -22.42 -33.22
N VAL E 192 23.93 -21.49 -32.86
CA VAL E 192 24.70 -21.66 -31.63
C VAL E 192 23.76 -21.82 -30.45
N ARG E 193 22.70 -21.00 -30.40
CA ARG E 193 21.77 -21.07 -29.28
C ARG E 193 20.98 -22.38 -29.29
N TYR E 194 20.43 -22.76 -30.45
CA TYR E 194 19.62 -23.98 -30.51
C TYR E 194 20.48 -25.21 -30.24
N LEU E 195 21.70 -25.24 -30.79
CA LEU E 195 22.58 -26.38 -30.55
C LEU E 195 23.00 -26.46 -29.09
N ALA E 196 23.26 -25.30 -28.47
CA ALA E 196 23.60 -25.29 -27.06
C ALA E 196 22.45 -25.82 -26.21
N ALA E 197 21.23 -25.41 -26.54
CA ALA E 197 20.08 -25.92 -25.79
C ALA E 197 19.89 -27.42 -25.99
N ASP E 198 20.18 -27.93 -27.20
CA ASP E 198 20.01 -29.36 -27.49
C ASP E 198 21.03 -30.21 -26.74
N TYR E 199 22.30 -29.79 -26.78
CA TYR E 199 23.43 -30.61 -26.37
C TYR E 199 23.87 -30.37 -24.94
N GLY E 200 23.45 -29.25 -24.33
CA GLY E 200 23.78 -28.96 -22.96
C GLY E 200 23.51 -30.08 -21.96
N PRO E 201 22.37 -30.76 -22.04
CA PRO E 201 22.10 -31.82 -21.06
C PRO E 201 23.10 -32.97 -21.11
N GLN E 202 23.77 -33.19 -22.25
CA GLN E 202 24.80 -34.20 -22.41
CA GLN E 202 24.79 -34.24 -22.27
C GLN E 202 26.19 -33.68 -22.09
N GLY E 203 26.31 -32.44 -21.63
CA GLY E 203 27.62 -31.90 -21.31
C GLY E 203 28.40 -31.39 -22.48
N ILE E 204 27.76 -31.10 -23.61
CA ILE E 204 28.45 -30.55 -24.77
C ILE E 204 28.11 -29.07 -24.83
N ARG E 205 29.13 -28.23 -24.69
CA ARG E 205 28.90 -26.79 -24.75
C ARG E 205 29.15 -26.30 -26.17
N VAL E 206 28.39 -25.27 -26.55
CA VAL E 206 28.40 -24.73 -27.90
C VAL E 206 28.42 -23.20 -27.80
N ASN E 207 29.45 -22.56 -28.34
CA ASN E 207 29.62 -21.11 -28.20
C ASN E 207 30.18 -20.54 -29.48
N ALA E 208 30.15 -19.21 -29.58
CA ALA E 208 30.78 -18.51 -30.70
C ALA E 208 31.67 -17.39 -30.17
N ILE E 209 32.71 -17.07 -30.92
CA ILE E 209 33.47 -15.84 -30.74
C ILE E 209 33.03 -14.87 -31.83
N SER E 210 32.61 -13.67 -31.44
CA SER E 210 32.35 -12.59 -32.38
C SER E 210 33.62 -11.74 -32.40
N ALA E 211 34.49 -12.02 -33.37
CA ALA E 211 35.78 -11.37 -33.42
C ALA E 211 35.68 -10.00 -34.06
N GLY E 212 36.63 -9.12 -33.69
CA GLY E 212 36.91 -7.94 -34.44
C GLY E 212 37.54 -8.29 -35.78
N PRO E 213 37.81 -7.26 -36.60
CA PRO E 213 38.28 -7.51 -37.96
C PRO E 213 39.76 -7.85 -38.00
N VAL E 214 40.09 -8.79 -38.89
CA VAL E 214 41.46 -9.28 -39.06
C VAL E 214 41.74 -9.39 -40.56
N ARG E 215 42.95 -9.04 -40.97
CA ARG E 215 43.27 -8.98 -42.40
C ARG E 215 43.65 -10.37 -42.90
N THR E 216 42.63 -11.18 -43.14
CA THR E 216 42.73 -12.55 -43.65
C THR E 216 42.34 -12.57 -45.11
N LEU E 217 42.47 -13.75 -45.74
CA LEU E 217 42.00 -13.92 -47.11
C LEU E 217 40.51 -13.61 -47.21
N ALA E 218 39.70 -14.25 -46.37
CA ALA E 218 38.26 -13.98 -46.37
C ALA E 218 37.96 -12.53 -46.01
N GLY E 219 38.73 -11.96 -45.08
CA GLY E 219 38.49 -10.58 -44.69
C GLY E 219 38.61 -9.60 -45.85
N ALA E 220 39.45 -9.93 -46.83
CA ALA E 220 39.64 -9.06 -47.98
C ALA E 220 38.51 -9.14 -49.00
N GLY E 221 37.53 -10.02 -48.80
CA GLY E 221 36.43 -10.14 -49.73
C GLY E 221 35.47 -8.96 -49.73
N ILE E 222 35.41 -8.21 -48.65
CA ILE E 222 34.46 -7.12 -48.53
C ILE E 222 34.99 -5.91 -49.30
N GLY E 223 34.10 -5.21 -50.00
CA GLY E 223 34.51 -3.99 -50.65
C GLY E 223 34.89 -2.93 -49.65
N ASP E 224 35.83 -2.06 -50.04
CA ASP E 224 36.31 -0.96 -49.20
C ASP E 224 36.75 -1.44 -47.83
N ALA E 225 37.48 -2.56 -47.82
CA ALA E 225 37.88 -3.18 -46.56
C ALA E 225 38.77 -2.24 -45.73
N ARG E 226 39.62 -1.46 -46.39
CA ARG E 226 40.54 -0.58 -45.67
C ARG E 226 39.78 0.40 -44.78
N ALA E 227 38.74 1.04 -45.32
CA ALA E 227 38.04 2.08 -44.57
C ALA E 227 37.17 1.47 -43.48
N ILE E 228 36.54 0.33 -43.77
CA ILE E 228 35.74 -0.35 -42.75
C ILE E 228 36.63 -0.84 -41.62
N PHE E 229 37.80 -1.39 -41.97
CA PHE E 229 38.76 -1.88 -40.97
C PHE E 229 39.30 -0.72 -40.12
N SER E 230 39.76 0.35 -40.77
CA SER E 230 40.36 1.46 -40.02
C SER E 230 39.35 2.13 -39.08
N TYR E 231 38.08 2.17 -39.46
CA TYR E 231 37.09 2.73 -38.55
C TYR E 231 37.07 1.97 -37.23
N GLN E 232 37.13 0.64 -37.29
CA GLN E 232 37.11 -0.14 -36.05
C GLN E 232 38.41 0.03 -35.29
N ARG E 233 39.53 0.21 -36.00
CA ARG E 233 40.79 0.46 -35.33
C ARG E 233 40.75 1.78 -34.56
N ARG E 234 40.28 2.85 -35.22
CA ARG E 234 40.34 4.16 -34.58
C ARG E 234 39.33 4.28 -33.45
N ASN E 235 38.22 3.55 -33.53
CA ASN E 235 37.07 3.88 -32.67
C ASN E 235 36.68 2.78 -31.70
N SER E 236 37.36 1.64 -31.72
CA SER E 236 37.17 0.63 -30.68
CA SER E 236 37.15 0.64 -30.67
C SER E 236 37.73 1.14 -29.36
N PRO E 237 37.09 0.81 -28.23
CA PRO E 237 37.65 1.20 -26.92
C PRO E 237 39.14 0.89 -26.76
N LEU E 238 39.60 -0.29 -27.18
CA LEU E 238 41.02 -0.59 -27.01
C LEU E 238 41.92 0.10 -28.03
N ARG E 239 41.34 0.82 -29.00
CA ARG E 239 42.07 1.59 -30.00
C ARG E 239 43.01 0.71 -30.82
N ARG E 240 42.63 -0.57 -30.95
CA ARG E 240 43.36 -1.52 -31.77
C ARG E 240 42.39 -2.59 -32.21
N THR E 241 42.73 -3.27 -33.29
CA THR E 241 41.95 -4.41 -33.74
C THR E 241 42.60 -5.69 -33.22
N VAL E 242 41.76 -6.68 -32.91
CA VAL E 242 42.29 -7.92 -32.34
C VAL E 242 43.15 -8.63 -33.38
N ASP E 243 44.13 -9.40 -32.90
CA ASP E 243 44.88 -10.27 -33.78
C ASP E 243 44.48 -11.71 -33.51
N ILE E 244 45.05 -12.63 -34.29
CA ILE E 244 44.62 -14.02 -34.19
C ILE E 244 45.11 -14.67 -32.90
N ASP E 245 46.03 -14.03 -32.17
CA ASP E 245 46.38 -14.51 -30.84
C ASP E 245 45.33 -14.14 -29.81
N ASP E 246 44.78 -12.91 -29.87
CA ASP E 246 43.61 -12.56 -29.04
C ASP E 246 42.50 -13.57 -29.24
N VAL E 247 42.14 -13.80 -30.51
CA VAL E 247 41.08 -14.75 -30.83
C VAL E 247 41.44 -16.15 -30.33
N GLY E 248 42.68 -16.56 -30.55
CA GLY E 248 43.09 -17.90 -30.15
C GLY E 248 43.02 -18.13 -28.66
N LYS E 249 43.39 -17.12 -27.86
CA LYS E 249 43.37 -17.29 -26.42
C LYS E 249 41.93 -17.34 -25.91
N SER E 250 41.04 -16.55 -26.51
CA SER E 250 39.64 -16.62 -26.14
C SER E 250 39.06 -17.97 -26.54
N ALA E 251 39.57 -18.55 -27.63
CA ALA E 251 39.14 -19.88 -28.03
C ALA E 251 39.60 -20.94 -27.04
N VAL E 252 40.83 -20.83 -26.54
CA VAL E 252 41.29 -21.74 -25.50
C VAL E 252 40.34 -21.70 -24.31
N TYR E 253 39.97 -20.49 -23.89
CA TYR E 253 39.02 -20.35 -22.78
C TYR E 253 37.74 -21.13 -23.03
N LEU E 254 37.08 -20.87 -24.17
CA LEU E 254 35.77 -21.47 -24.42
C LEU E 254 35.87 -22.97 -24.71
N LEU E 255 37.00 -23.44 -25.21
CA LEU E 255 37.14 -24.87 -25.46
C LEU E 255 37.65 -25.63 -24.23
N SER E 256 38.23 -24.94 -23.27
CA SER E 256 38.80 -25.58 -22.10
C SER E 256 37.77 -25.67 -20.97
N ASP E 257 38.18 -26.33 -19.89
CA ASP E 257 37.39 -26.44 -18.67
C ASP E 257 37.24 -25.10 -17.93
N LEU E 258 37.98 -24.06 -18.31
CA LEU E 258 37.78 -22.75 -17.68
C LEU E 258 36.35 -22.25 -17.86
N SER E 259 35.74 -22.56 -19.00
CA SER E 259 34.41 -22.07 -19.35
C SER E 259 33.32 -23.09 -19.06
N SER E 260 33.53 -23.95 -18.06
CA SER E 260 32.59 -25.03 -17.77
C SER E 260 31.18 -24.50 -17.50
N GLY E 261 31.03 -23.26 -17.10
CA GLY E 261 29.72 -22.69 -16.85
C GLY E 261 29.07 -21.98 -18.02
N VAL E 262 29.67 -22.05 -19.21
CA VAL E 262 29.34 -21.17 -20.33
C VAL E 262 28.86 -22.00 -21.52
N THR E 263 27.63 -21.73 -21.97
CA THR E 263 27.21 -22.29 -23.24
C THR E 263 26.15 -21.39 -23.88
N GLY E 264 26.05 -21.49 -25.20
CA GLY E 264 25.14 -20.67 -25.98
C GLY E 264 25.56 -19.22 -26.09
N GLU E 265 26.81 -18.92 -25.78
CA GLU E 265 27.27 -17.55 -25.63
C GLU E 265 27.84 -17.03 -26.95
N ILE E 266 27.42 -15.82 -27.34
CA ILE E 266 28.06 -15.08 -28.41
C ILE E 266 29.02 -14.12 -27.73
N HIS E 267 30.30 -14.47 -27.73
CA HIS E 267 31.32 -13.85 -26.88
C HIS E 267 32.11 -12.87 -27.74
N PHE E 268 31.97 -11.58 -27.45
CA PHE E 268 32.63 -10.57 -28.27
C PHE E 268 34.10 -10.49 -27.91
N VAL E 269 34.96 -10.69 -28.91
CA VAL E 269 36.39 -10.50 -28.76
C VAL E 269 36.76 -9.48 -29.84
N ASP E 270 36.39 -8.22 -29.60
CA ASP E 270 36.38 -7.21 -30.64
C ASP E 270 36.86 -5.87 -30.13
N SER E 271 37.73 -5.86 -29.11
CA SER E 271 38.28 -4.64 -28.53
C SER E 271 37.18 -3.74 -27.97
N GLY E 272 36.01 -4.30 -27.70
CA GLY E 272 34.88 -3.53 -27.16
C GLY E 272 34.10 -2.77 -28.20
N TYR E 273 34.42 -2.95 -29.48
CA TYR E 273 33.78 -2.15 -30.52
C TYR E 273 32.26 -2.21 -30.44
N ASN E 274 31.70 -3.37 -30.11
CA ASN E 274 30.23 -3.51 -30.16
C ASN E 274 29.50 -2.61 -29.16
N ILE E 275 30.18 -2.11 -28.12
CA ILE E 275 29.48 -1.35 -27.09
C ILE E 275 29.31 0.13 -27.45
N VAL E 276 30.07 0.65 -28.45
CA VAL E 276 30.06 2.08 -28.72
C VAL E 276 29.01 2.38 -29.79
N SER E 277 28.46 3.60 -29.71
CA SER E 277 27.56 4.08 -30.73
C SER E 277 28.28 4.86 -31.82
N MET E 278 29.22 5.69 -31.43
CA MET E 278 29.79 6.71 -32.30
C MET E 278 31.30 6.61 -32.31
N PRO E 279 31.95 7.25 -33.29
CA PRO E 279 33.41 7.38 -33.25
C PRO E 279 33.82 8.32 -32.13
N THR E 280 35.13 8.43 -31.93
CA THR E 280 35.63 9.32 -30.89
C THR E 280 35.19 10.75 -31.16
N LEU E 281 35.21 11.56 -30.09
CA LEU E 281 34.75 12.94 -30.20
C LEU E 281 35.56 13.72 -31.22
N GLU E 282 36.88 13.49 -31.27
CA GLU E 282 37.71 14.18 -32.25
C GLU E 282 37.26 13.86 -33.67
N GLU E 283 36.94 12.59 -33.94
CA GLU E 283 36.49 12.18 -35.26
C GLU E 283 35.09 12.71 -35.55
N LEU E 284 34.23 12.73 -34.54
CA LEU E 284 32.90 13.34 -34.67
C LEU E 284 33.02 14.78 -35.13
N LYS E 285 33.89 15.56 -34.50
CA LYS E 285 33.98 16.98 -34.83
C LYS E 285 34.58 17.17 -36.21
N SER E 286 35.58 16.37 -36.58
CA SER E 286 36.17 16.48 -37.92
CA SER E 286 36.15 16.51 -37.91
C SER E 286 35.13 16.15 -38.99
N SER E 287 34.33 15.10 -38.78
CA SER E 287 33.31 14.75 -39.75
C SER E 287 32.21 15.81 -39.81
N ASP E 288 31.86 16.38 -38.67
CA ASP E 288 30.85 17.44 -38.64
C ASP E 288 31.30 18.62 -39.49
N SER E 289 32.54 19.07 -39.31
CA SER E 289 33.01 20.22 -40.06
C SER E 289 33.15 19.90 -41.54
N GLU E 290 33.60 18.69 -41.85
CA GLU E 290 33.87 18.30 -43.23
C GLU E 290 32.60 18.00 -44.00
N ARG E 291 31.61 17.40 -43.36
CA ARG E 291 30.42 16.95 -44.08
CA ARG E 291 30.42 16.91 -44.03
C ARG E 291 29.14 17.67 -43.68
N GLY E 292 29.16 18.47 -42.62
CA GLY E 292 28.05 19.35 -42.32
C GLY E 292 26.88 18.69 -41.60
N GLU E 293 25.78 19.44 -41.61
CA GLU E 293 24.57 19.06 -40.87
C GLU E 293 23.95 17.79 -41.45
N GLU F 23 -13.91 8.41 -33.36
CA GLU F 23 -13.08 8.20 -34.55
C GLU F 23 -11.62 8.53 -34.25
N GLY F 24 -11.38 9.58 -33.47
CA GLY F 24 -10.04 9.83 -32.99
C GLY F 24 -9.50 8.66 -32.20
N LEU F 25 -8.20 8.43 -32.31
CA LEU F 25 -7.58 7.27 -31.66
C LEU F 25 -7.60 7.37 -30.14
N MET F 26 -7.77 8.57 -29.59
CA MET F 26 -7.79 8.79 -28.14
C MET F 26 -9.10 9.46 -27.71
N GLN F 27 -10.16 9.25 -28.49
CA GLN F 27 -11.45 9.87 -28.19
C GLN F 27 -11.94 9.46 -26.80
N GLY F 28 -12.23 10.45 -25.97
CA GLY F 28 -12.75 10.22 -24.64
C GLY F 28 -11.72 9.86 -23.59
N LYS F 29 -10.45 9.75 -23.96
CA LYS F 29 -9.41 9.35 -23.01
C LYS F 29 -8.85 10.58 -22.30
N ARG F 30 -8.52 10.41 -21.02
CA ARG F 30 -7.99 11.47 -20.17
CA ARG F 30 -7.99 11.47 -20.17
C ARG F 30 -6.63 11.06 -19.64
N GLY F 31 -5.64 11.95 -19.75
CA GLY F 31 -4.31 11.56 -19.34
C GLY F 31 -3.48 12.74 -18.87
N LEU F 32 -2.38 12.39 -18.22
CA LEU F 32 -1.45 13.35 -17.62
C LEU F 32 -0.15 13.37 -18.43
N ILE F 33 0.31 14.57 -18.77
CA ILE F 33 1.54 14.78 -19.53
CA ILE F 33 1.55 14.74 -19.51
C ILE F 33 2.53 15.47 -18.59
N MET F 34 3.64 14.81 -18.29
CA MET F 34 4.66 15.38 -17.42
C MET F 34 5.91 15.70 -18.25
N GLY F 35 6.34 16.95 -18.22
CA GLY F 35 7.62 17.27 -18.83
C GLY F 35 7.62 18.30 -19.94
N VAL F 36 6.50 19.00 -20.18
CA VAL F 36 6.54 20.10 -21.14
C VAL F 36 7.36 21.25 -20.55
N ALA F 37 8.32 21.74 -21.33
CA ALA F 37 9.06 22.94 -20.96
C ALA F 37 8.87 24.08 -21.95
N ASN F 38 8.65 23.77 -23.23
CA ASN F 38 8.47 24.79 -24.26
C ASN F 38 7.88 24.08 -25.47
N ASN F 39 7.70 24.82 -26.56
CA ASN F 39 7.08 24.24 -27.75
C ASN F 39 8.03 23.37 -28.57
N HIS F 40 9.26 23.14 -28.10
CA HIS F 40 10.15 22.17 -28.71
C HIS F 40 10.26 20.88 -27.91
N SER F 41 9.59 20.80 -26.76
CA SER F 41 9.70 19.64 -25.88
C SER F 41 9.09 18.40 -26.52
N LEU F 42 9.75 17.26 -26.32
CA LEU F 42 9.17 15.98 -26.72
C LEU F 42 7.77 15.84 -26.18
N ALA F 43 7.56 16.22 -24.91
CA ALA F 43 6.25 16.05 -24.30
C ALA F 43 5.21 16.93 -24.96
N TRP F 44 5.63 18.06 -25.56
CA TRP F 44 4.68 18.92 -26.25
C TRP F 44 4.26 18.34 -27.59
N GLY F 45 5.20 17.78 -28.34
CA GLY F 45 4.82 17.06 -29.55
C GLY F 45 3.83 15.94 -29.25
N ILE F 46 4.05 15.25 -28.13
CA ILE F 46 3.14 14.20 -27.70
C ILE F 46 1.77 14.79 -27.38
N ALA F 47 1.76 15.87 -26.60
CA ALA F 47 0.49 16.54 -26.26
C ALA F 47 -0.28 16.94 -27.51
N LYS F 48 0.39 17.55 -28.49
CA LYS F 48 -0.34 18.02 -29.66
C LYS F 48 -0.97 16.87 -30.42
N GLN F 49 -0.24 15.76 -30.56
CA GLN F 49 -0.79 14.63 -31.30
C GLN F 49 -1.92 13.96 -30.53
N LEU F 50 -1.78 13.83 -29.20
CA LEU F 50 -2.85 13.23 -28.41
C LEU F 50 -4.11 14.06 -28.51
N ALA F 51 -3.96 15.39 -28.44
CA ALA F 51 -5.09 16.30 -28.52
C ALA F 51 -5.77 16.21 -29.87
N ALA F 52 -4.98 16.14 -30.96
CA ALA F 52 -5.54 15.99 -32.29
C ALA F 52 -6.32 14.69 -32.44
N GLN F 53 -6.01 13.68 -31.63
CA GLN F 53 -6.73 12.41 -31.64
C GLN F 53 -7.82 12.35 -30.58
N GLY F 54 -8.15 13.47 -29.96
CA GLY F 54 -9.31 13.58 -29.09
C GLY F 54 -9.07 13.41 -27.60
N ALA F 55 -7.82 13.31 -27.16
CA ALA F 55 -7.56 13.15 -25.73
C ALA F 55 -7.84 14.44 -24.97
N GLU F 56 -8.30 14.28 -23.73
CA GLU F 56 -8.35 15.35 -22.75
C GLU F 56 -7.10 15.27 -21.89
N LEU F 57 -6.44 16.41 -21.68
CA LEU F 57 -5.09 16.43 -21.12
C LEU F 57 -5.00 17.25 -19.85
N ALA F 58 -4.14 16.79 -18.95
CA ALA F 58 -3.62 17.56 -17.83
C ALA F 58 -2.11 17.63 -17.95
N PHE F 59 -1.53 18.71 -17.44
CA PHE F 59 -0.10 18.98 -17.58
C PHE F 59 0.50 19.29 -16.22
N THR F 60 1.76 18.88 -16.03
CA THR F 60 2.52 19.35 -14.89
C THR F 60 3.60 20.32 -15.37
N TYR F 61 4.06 21.18 -14.47
CA TYR F 61 5.15 22.09 -14.80
C TYR F 61 6.07 22.22 -13.59
N GLN F 62 7.36 22.37 -13.86
CA GLN F 62 8.36 22.54 -12.81
C GLN F 62 8.82 24.00 -12.80
N GLY F 63 8.41 24.74 -11.78
CA GLY F 63 8.89 26.10 -11.60
C GLY F 63 7.93 27.15 -12.12
N ASP F 64 7.83 28.28 -11.42
CA ASP F 64 6.85 29.30 -11.78
C ASP F 64 7.06 29.81 -13.19
N ALA F 65 8.32 29.90 -13.64
CA ALA F 65 8.59 30.39 -14.99
C ALA F 65 8.04 29.43 -16.03
N LEU F 66 8.38 28.14 -15.93
CA LEU F 66 7.92 27.17 -16.91
C LEU F 66 6.40 27.11 -16.96
N GLY F 67 5.74 27.27 -15.81
CA GLY F 67 4.29 27.33 -15.81
C GLY F 67 3.74 28.44 -16.67
N LYS F 68 4.41 29.60 -16.67
CA LYS F 68 3.97 30.71 -17.52
C LYS F 68 4.15 30.40 -19.00
N ARG F 69 4.96 29.38 -19.33
CA ARG F 69 5.07 28.86 -20.69
C ARG F 69 4.10 27.71 -20.94
N VAL F 70 3.93 26.84 -19.95
CA VAL F 70 3.11 25.64 -20.15
C VAL F 70 1.62 25.99 -20.20
N LYS F 71 1.18 26.91 -19.34
CA LYS F 71 -0.23 27.26 -19.33
C LYS F 71 -0.72 27.78 -20.67
N PRO F 72 -0.02 28.69 -21.38
CA PRO F 72 -0.51 29.05 -22.72
C PRO F 72 -0.44 27.92 -23.73
N LEU F 73 0.59 27.07 -23.66
CA LEU F 73 0.62 25.90 -24.55
C LEU F 73 -0.58 25.00 -24.29
N ALA F 74 -0.85 24.69 -23.03
CA ALA F 74 -2.00 23.84 -22.71
C ALA F 74 -3.30 24.47 -23.20
N GLU F 75 -3.39 25.80 -23.11
CA GLU F 75 -4.55 26.49 -23.66
C GLU F 75 -4.74 26.21 -25.14
N GLN F 76 -3.64 26.01 -25.89
CA GLN F 76 -3.76 25.79 -27.33
C GLN F 76 -4.41 24.46 -27.67
N VAL F 77 -4.34 23.48 -26.77
CA VAL F 77 -5.00 22.20 -26.98
C VAL F 77 -6.26 22.09 -26.14
N GLY F 78 -6.76 23.20 -25.62
CA GLY F 78 -8.02 23.22 -24.92
C GLY F 78 -7.98 22.77 -23.48
N SER F 79 -6.81 22.74 -22.86
CA SER F 79 -6.68 22.36 -21.45
C SER F 79 -6.33 23.58 -20.59
N ASP F 80 -6.99 23.69 -19.43
CA ASP F 80 -6.52 24.55 -18.35
C ASP F 80 -6.22 23.74 -17.09
N PHE F 81 -6.03 22.42 -17.23
CA PHE F 81 -5.69 21.54 -16.11
C PHE F 81 -4.17 21.43 -16.04
N VAL F 82 -3.56 22.41 -15.36
CA VAL F 82 -2.11 22.58 -15.36
C VAL F 82 -1.67 22.73 -13.92
N LEU F 83 -0.78 21.83 -13.47
CA LEU F 83 -0.42 21.74 -12.06
C LEU F 83 1.09 21.82 -11.86
N PRO F 84 1.55 22.45 -10.78
CA PRO F 84 3.00 22.47 -10.50
C PRO F 84 3.47 21.15 -9.92
N CYS F 85 4.68 20.73 -10.30
CA CYS F 85 5.23 19.48 -9.79
C CYS F 85 6.75 19.50 -9.93
N ASP F 86 7.43 19.18 -8.85
CA ASP F 86 8.87 18.91 -8.83
C ASP F 86 9.00 17.47 -8.35
N VAL F 87 9.35 16.55 -9.26
CA VAL F 87 9.30 15.14 -8.90
C VAL F 87 10.29 14.81 -7.79
N GLU F 88 11.26 15.68 -7.52
CA GLU F 88 12.14 15.43 -6.38
C GLU F 88 11.40 15.60 -5.06
N ASP F 89 10.30 16.35 -5.06
CA ASP F 89 9.52 16.64 -3.86
C ASP F 89 8.21 15.85 -3.96
N ILE F 90 8.17 14.68 -3.31
CA ILE F 90 7.08 13.73 -3.55
C ILE F 90 5.73 14.30 -3.14
N ALA F 91 5.72 15.27 -2.21
CA ALA F 91 4.47 15.86 -1.78
C ALA F 91 3.76 16.55 -2.95
N THR F 92 4.52 17.16 -3.87
CA THR F 92 3.88 17.80 -5.01
C THR F 92 3.34 16.78 -6.00
N VAL F 93 3.99 15.60 -6.06
CA VAL F 93 3.50 14.51 -6.90
C VAL F 93 2.19 13.96 -6.36
N ASP F 94 2.14 13.70 -5.04
CA ASP F 94 0.89 13.23 -4.44
C ASP F 94 -0.24 14.22 -4.69
N ALA F 95 0.06 15.51 -4.63
CA ALA F 95 -0.97 16.52 -4.83
C ALA F 95 -1.51 16.50 -6.26
N VAL F 96 -0.63 16.26 -7.24
CA VAL F 96 -1.10 16.15 -8.63
C VAL F 96 -2.15 15.06 -8.76
N PHE F 97 -1.88 13.87 -8.22
CA PHE F 97 -2.80 12.78 -8.42
C PHE F 97 -4.07 12.93 -7.59
N GLU F 98 -3.97 13.61 -6.44
CA GLU F 98 -5.18 13.95 -5.70
C GLU F 98 -6.08 14.91 -6.49
N GLU F 99 -5.48 15.90 -7.15
CA GLU F 99 -6.28 16.79 -7.99
C GLU F 99 -6.88 16.04 -9.17
N ILE F 100 -6.12 15.12 -9.76
CA ILE F 100 -6.66 14.29 -10.82
C ILE F 100 -7.81 13.43 -10.32
N GLU F 101 -7.65 12.83 -9.12
CA GLU F 101 -8.74 12.03 -8.58
C GLU F 101 -10.00 12.88 -8.37
N LYS F 102 -9.82 14.09 -7.83
CA LYS F 102 -10.97 14.97 -7.57
C LYS F 102 -11.67 15.37 -8.86
N LYS F 103 -10.91 15.68 -9.90
CA LYS F 103 -11.49 16.26 -11.11
C LYS F 103 -11.99 15.19 -12.08
N TRP F 104 -11.25 14.10 -12.23
CA TRP F 104 -11.59 13.07 -13.20
C TRP F 104 -12.08 11.77 -12.58
N GLY F 105 -11.66 11.44 -11.35
CA GLY F 105 -12.03 10.18 -10.77
C GLY F 105 -11.21 8.99 -11.26
N GLY F 106 -10.35 9.19 -12.24
CA GLY F 106 -9.56 8.11 -12.79
C GLY F 106 -8.66 8.66 -13.88
N LEU F 107 -7.90 7.75 -14.48
CA LEU F 107 -6.86 8.11 -15.44
CA LEU F 107 -6.86 8.11 -15.44
C LEU F 107 -6.79 7.05 -16.53
N ASP F 108 -6.63 7.49 -17.77
CA ASP F 108 -6.47 6.54 -18.87
C ASP F 108 -5.01 6.38 -19.30
N PHE F 109 -4.20 7.41 -19.18
CA PHE F 109 -2.82 7.26 -19.63
C PHE F 109 -1.95 8.28 -18.91
N LEU F 110 -0.65 8.02 -18.93
CA LEU F 110 0.33 8.90 -18.33
C LEU F 110 1.56 8.94 -19.23
N VAL F 111 2.09 10.14 -19.44
CA VAL F 111 3.33 10.34 -20.20
C VAL F 111 4.38 10.94 -19.26
N HIS F 112 5.53 10.26 -19.14
CA HIS F 112 6.66 10.71 -18.33
C HIS F 112 7.78 11.08 -19.28
N ALA F 113 8.10 12.37 -19.36
CA ALA F 113 9.18 12.83 -20.24
C ALA F 113 10.10 13.76 -19.46
N ILE F 114 10.59 13.27 -18.32
CA ILE F 114 11.36 14.08 -17.37
C ILE F 114 12.77 13.51 -17.30
N GLY F 115 13.76 14.41 -17.33
CA GLY F 115 15.15 14.02 -17.18
C GLY F 115 15.95 15.18 -16.65
N PHE F 116 17.04 14.85 -15.94
CA PHE F 116 17.91 15.89 -15.40
C PHE F 116 19.23 15.28 -14.96
N SER F 117 20.31 16.00 -15.24
CA SER F 117 21.60 15.74 -14.63
C SER F 117 22.36 17.05 -14.61
N ASP F 118 23.33 17.14 -13.69
CA ASP F 118 24.24 18.28 -13.69
C ASP F 118 24.99 18.33 -15.02
N LYS F 119 24.79 19.41 -15.79
CA LYS F 119 25.36 19.46 -17.13
C LYS F 119 26.88 19.43 -17.11
N THR F 120 27.51 19.83 -16.01
CA THR F 120 28.95 19.73 -15.89
CA THR F 120 28.95 19.73 -15.92
C THR F 120 29.44 18.29 -15.96
N GLU F 121 28.57 17.33 -15.63
CA GLU F 121 28.97 15.93 -15.68
C GLU F 121 28.59 15.27 -17.00
N LEU F 122 28.05 16.05 -17.94
CA LEU F 122 27.71 15.59 -19.27
C LEU F 122 28.68 16.17 -20.30
N LYS F 123 29.94 16.28 -19.89
CA LYS F 123 31.05 16.67 -20.74
C LYS F 123 32.28 15.99 -20.19
N GLY F 124 33.07 15.39 -21.07
CA GLY F 124 34.24 14.65 -20.62
C GLY F 124 33.91 13.19 -20.42
N ARG F 125 34.89 12.46 -19.92
CA ARG F 125 34.70 11.05 -19.67
C ARG F 125 33.81 10.83 -18.46
N TYR F 126 32.86 9.89 -18.62
CA TYR F 126 32.02 9.45 -17.50
C TYR F 126 32.85 9.26 -16.25
N ALA F 127 33.97 8.53 -16.39
CA ALA F 127 34.79 8.18 -15.24
C ALA F 127 35.42 9.39 -14.57
N ASP F 128 35.75 10.43 -15.35
CA ASP F 128 36.45 11.59 -14.80
C ASP F 128 35.52 12.54 -14.06
N VAL F 129 34.29 12.70 -14.53
CA VAL F 129 33.46 13.83 -14.10
C VAL F 129 32.31 13.45 -13.20
N THR F 130 31.93 12.17 -13.12
CA THR F 130 30.73 11.82 -12.37
C THR F 130 31.01 11.84 -10.87
N THR F 131 30.02 12.33 -10.11
CA THR F 131 30.09 12.35 -8.65
C THR F 131 28.91 11.57 -8.09
N ARG F 132 29.05 11.10 -6.85
CA ARG F 132 27.94 10.37 -6.24
C ARG F 132 26.73 11.28 -6.06
N GLU F 133 26.96 12.53 -5.65
CA GLU F 133 25.85 13.43 -5.40
C GLU F 133 25.00 13.59 -6.66
N ASN F 134 25.64 13.83 -7.81
CA ASN F 134 24.88 13.97 -9.05
C ASN F 134 24.31 12.63 -9.51
N PHE F 135 25.07 11.54 -9.34
CA PHE F 135 24.50 10.22 -9.65
C PHE F 135 23.17 10.02 -8.93
N SER F 136 23.16 10.26 -7.62
CA SER F 136 21.95 9.89 -6.88
C SER F 136 20.78 10.80 -7.24
N ARG F 137 21.05 12.08 -7.47
CA ARG F 137 19.98 13.00 -7.85
C ARG F 137 19.49 12.72 -9.27
N THR F 138 20.42 12.44 -10.19
CA THR F 138 20.03 12.05 -11.55
C THR F 138 19.17 10.79 -11.53
N MET F 139 19.54 9.82 -10.70
CA MET F 139 18.78 8.57 -10.70
CA MET F 139 18.79 8.56 -10.66
C MET F 139 17.37 8.80 -10.17
N VAL F 140 17.20 9.65 -9.18
CA VAL F 140 15.87 9.94 -8.66
C VAL F 140 15.02 10.66 -9.70
N ILE F 141 15.55 11.75 -10.27
CA ILE F 141 14.74 12.57 -11.17
C ILE F 141 14.52 11.87 -12.50
N SER F 142 15.56 11.25 -13.06
CA SER F 142 15.45 10.72 -14.42
C SER F 142 14.93 9.30 -14.47
N ALA F 143 15.01 8.54 -13.38
CA ALA F 143 14.56 7.16 -13.39
C ALA F 143 13.52 6.86 -12.31
N TYR F 144 13.84 7.06 -11.03
CA TYR F 144 12.90 6.58 -10.03
C TYR F 144 11.59 7.37 -10.04
N SER F 145 11.62 8.62 -10.51
CA SER F 145 10.37 9.37 -10.60
C SER F 145 9.37 8.67 -11.50
N PHE F 146 9.84 7.90 -12.50
CA PHE F 146 8.90 7.13 -13.32
C PHE F 146 8.21 6.04 -12.51
N THR F 147 8.96 5.33 -11.67
CA THR F 147 8.32 4.38 -10.76
C THR F 147 7.31 5.08 -9.85
N GLU F 148 7.68 6.23 -9.31
CA GLU F 148 6.80 6.91 -8.37
C GLU F 148 5.50 7.34 -9.04
N VAL F 149 5.58 7.90 -10.25
CA VAL F 149 4.32 8.35 -10.85
C VAL F 149 3.55 7.14 -11.38
N ALA F 150 4.24 6.06 -11.76
CA ALA F 150 3.51 4.86 -12.18
C ALA F 150 2.77 4.22 -11.01
N GLN F 151 3.41 4.18 -9.84
CA GLN F 151 2.74 3.69 -8.64
C GLN F 151 1.47 4.48 -8.36
N ARG F 152 1.52 5.79 -8.52
CA ARG F 152 0.36 6.60 -8.18
C ARG F 152 -0.69 6.53 -9.26
N ALA F 153 -0.28 6.51 -10.54
CA ALA F 153 -1.25 6.41 -11.62
C ALA F 153 -1.99 5.08 -11.58
N GLU F 154 -1.30 4.00 -11.20
CA GLU F 154 -1.96 2.69 -11.17
C GLU F 154 -3.21 2.71 -10.29
N LYS F 155 -3.17 3.45 -9.19
CA LYS F 155 -4.32 3.47 -8.29
C LYS F 155 -5.53 4.10 -8.95
N LEU F 156 -5.33 4.86 -10.03
CA LEU F 156 -6.42 5.54 -10.73
C LEU F 156 -6.75 4.90 -12.07
N MET F 157 -6.12 3.77 -12.41
CA MET F 157 -6.22 3.17 -13.75
C MET F 157 -6.92 1.82 -13.71
N LYS F 158 -7.24 1.32 -14.91
CA LYS F 158 -7.97 0.06 -15.04
C LYS F 158 -7.55 -0.62 -16.34
N ASP F 159 -8.21 -1.73 -16.66
CA ASP F 159 -7.89 -2.48 -17.86
C ASP F 159 -8.04 -1.58 -19.07
N GLY F 160 -6.96 -1.48 -19.85
CA GLY F 160 -6.87 -0.54 -20.97
C GLY F 160 -5.91 0.60 -20.74
N GLY F 161 -5.48 0.86 -19.50
CA GLY F 161 -4.60 1.99 -19.23
C GLY F 161 -3.23 1.78 -19.84
N SER F 162 -2.56 2.90 -20.13
CA SER F 162 -1.27 2.85 -20.78
C SER F 162 -0.35 3.92 -20.21
N ILE F 163 0.90 3.55 -19.95
CA ILE F 163 1.90 4.40 -19.32
C ILE F 163 3.13 4.42 -20.22
N LEU F 164 3.67 5.61 -20.48
CA LEU F 164 4.76 5.80 -21.42
C LEU F 164 5.86 6.66 -20.81
N THR F 165 7.11 6.28 -21.01
CA THR F 165 8.23 7.15 -20.68
C THR F 165 9.12 7.28 -21.91
N LEU F 166 10.03 8.25 -21.86
CA LEU F 166 10.93 8.52 -22.97
CA LEU F 166 10.95 8.55 -22.96
C LEU F 166 12.36 8.17 -22.57
N THR F 167 13.06 7.46 -23.45
CA THR F 167 14.44 7.09 -23.16
C THR F 167 15.33 7.43 -24.36
N TYR F 168 16.58 6.98 -24.32
CA TYR F 168 17.54 7.30 -25.37
C TYR F 168 18.54 6.15 -25.44
N GLY F 169 19.04 5.89 -26.66
CA GLY F 169 19.87 4.72 -26.93
C GLY F 169 21.21 4.72 -26.24
N GLY F 170 21.60 5.84 -25.61
CA GLY F 170 22.78 5.86 -24.78
C GLY F 170 22.66 4.96 -23.56
N SER F 171 21.47 4.44 -23.29
CA SER F 171 21.30 3.43 -22.25
C SER F 171 22.12 2.19 -22.53
N THR F 172 22.09 1.70 -23.78
CA THR F 172 22.67 0.40 -24.11
C THR F 172 23.87 0.46 -25.04
N ARG F 173 24.14 1.60 -25.66
CA ARG F 173 25.39 1.82 -26.37
CA ARG F 173 25.37 1.84 -26.41
C ARG F 173 25.99 3.12 -25.87
N THR F 174 27.31 3.18 -25.81
CA THR F 174 27.90 4.36 -25.19
C THR F 174 27.89 5.51 -26.18
N ILE F 175 27.43 6.67 -25.73
CA ILE F 175 27.37 7.87 -26.56
C ILE F 175 28.20 8.93 -25.84
N PRO F 176 29.12 9.60 -26.53
CA PRO F 176 29.99 10.56 -25.86
C PRO F 176 29.19 11.64 -25.14
N ASN F 177 29.67 11.99 -23.94
CA ASN F 177 29.09 12.98 -23.05
C ASN F 177 27.78 12.56 -22.41
N TYR F 178 27.14 11.48 -22.88
CA TYR F 178 25.84 11.16 -22.30
C TYR F 178 26.00 10.62 -20.88
N ASN F 179 27.09 9.87 -20.62
CA ASN F 179 27.65 9.66 -19.28
C ASN F 179 26.59 9.16 -18.31
N VAL F 180 26.40 9.80 -17.15
CA VAL F 180 25.52 9.23 -16.15
C VAL F 180 24.06 9.24 -16.61
N MET F 181 23.71 10.06 -17.61
CA MET F 181 22.35 9.95 -18.14
C MET F 181 22.13 8.62 -18.84
N GLY F 182 23.18 8.05 -19.42
CA GLY F 182 23.04 6.72 -20.01
C GLY F 182 22.81 5.66 -18.96
N VAL F 183 23.49 5.81 -17.82
CA VAL F 183 23.28 4.91 -16.68
C VAL F 183 21.85 5.05 -16.16
N ALA F 184 21.37 6.29 -16.05
CA ALA F 184 20.00 6.53 -15.61
C ALA F 184 18.98 5.96 -16.59
N LYS F 185 19.20 6.15 -17.90
CA LYS F 185 18.26 5.58 -18.87
C LYS F 185 18.28 4.05 -18.84
N ALA F 186 19.46 3.44 -18.63
CA ALA F 186 19.49 1.99 -18.48
C ALA F 186 18.61 1.54 -17.32
N ALA F 187 18.66 2.26 -16.19
CA ALA F 187 17.81 1.91 -15.06
C ALA F 187 16.34 2.17 -15.40
N LEU F 188 16.07 3.24 -16.14
CA LEU F 188 14.70 3.55 -16.53
C LEU F 188 14.11 2.44 -17.41
N GLU F 189 14.90 1.94 -18.37
CA GLU F 189 14.38 0.88 -19.22
C GLU F 189 14.13 -0.39 -18.42
N ALA F 190 14.96 -0.67 -17.42
CA ALA F 190 14.67 -1.83 -16.57
C ALA F 190 13.38 -1.61 -15.77
N MET F 191 13.12 -0.37 -15.35
CA MET F 191 11.86 -0.10 -14.67
C MET F 191 10.67 -0.34 -15.59
N VAL F 192 10.80 0.05 -16.85
CA VAL F 192 9.73 -0.21 -17.81
C VAL F 192 9.43 -1.70 -17.86
N ARG F 193 10.47 -2.54 -17.90
CA ARG F 193 10.21 -3.98 -17.96
C ARG F 193 9.56 -4.48 -16.67
N TYR F 194 10.12 -4.12 -15.52
CA TYR F 194 9.56 -4.66 -14.26
C TYR F 194 8.14 -4.14 -14.04
N LEU F 195 7.88 -2.86 -14.36
CA LEU F 195 6.52 -2.34 -14.19
C LEU F 195 5.56 -2.97 -15.17
N ALA F 196 6.01 -3.24 -16.40
CA ALA F 196 5.13 -3.89 -17.37
C ALA F 196 4.77 -5.29 -16.89
N ALA F 197 5.73 -6.00 -16.31
CA ALA F 197 5.46 -7.33 -15.78
C ALA F 197 4.52 -7.27 -14.59
N ASP F 198 4.68 -6.25 -13.72
CA ASP F 198 3.78 -6.10 -12.58
C ASP F 198 2.36 -5.78 -13.01
N TYR F 199 2.20 -4.83 -13.93
CA TYR F 199 0.89 -4.23 -14.18
C TYR F 199 0.15 -4.86 -15.35
N GLY F 200 0.82 -5.66 -16.18
CA GLY F 200 0.19 -6.40 -17.24
C GLY F 200 -1.07 -7.16 -16.85
N PRO F 201 -1.04 -7.90 -15.74
CA PRO F 201 -2.24 -8.69 -15.36
C PRO F 201 -3.45 -7.83 -15.06
N GLN F 202 -3.28 -6.55 -14.71
CA GLN F 202 -4.35 -5.59 -14.52
CA GLN F 202 -4.45 -5.70 -14.54
C GLN F 202 -4.78 -4.92 -15.81
N GLY F 203 -4.13 -5.22 -16.92
CA GLY F 203 -4.45 -4.57 -18.17
C GLY F 203 -3.86 -3.21 -18.33
N ILE F 204 -2.79 -2.90 -17.60
CA ILE F 204 -2.11 -1.61 -17.71
C ILE F 204 -0.79 -1.87 -18.41
N ARG F 205 -0.61 -1.24 -19.57
CA ARG F 205 0.58 -1.43 -20.38
C ARG F 205 1.59 -0.35 -20.09
N VAL F 206 2.88 -0.71 -20.15
CA VAL F 206 3.97 0.18 -19.77
C VAL F 206 5.05 0.04 -20.84
N ASN F 207 5.39 1.15 -21.50
CA ASN F 207 6.30 1.12 -22.64
C ASN F 207 7.17 2.37 -22.62
N ALA F 208 8.22 2.35 -23.44
CA ALA F 208 9.07 3.51 -23.62
C ALA F 208 9.27 3.79 -25.10
N ILE F 209 9.43 5.06 -25.44
CA ILE F 209 9.96 5.43 -26.75
C ILE F 209 11.41 5.83 -26.55
N SER F 210 12.32 5.18 -27.29
CA SER F 210 13.70 5.59 -27.35
C SER F 210 13.83 6.53 -28.53
N ALA F 211 13.81 7.83 -28.25
CA ALA F 211 13.77 8.82 -29.30
C ALA F 211 15.17 9.14 -29.80
N GLY F 212 15.26 9.53 -31.08
CA GLY F 212 16.43 10.20 -31.56
C GLY F 212 16.47 11.59 -30.96
N PRO F 213 17.58 12.30 -31.12
CA PRO F 213 17.61 13.70 -30.67
C PRO F 213 16.66 14.55 -31.49
N VAL F 214 16.17 15.64 -30.88
CA VAL F 214 15.29 16.55 -31.61
C VAL F 214 15.90 17.95 -31.54
N ARG F 215 15.55 18.77 -32.54
CA ARG F 215 16.03 20.14 -32.56
C ARG F 215 15.54 20.91 -31.33
N THR F 216 16.35 21.85 -30.87
CA THR F 216 16.01 22.67 -29.72
C THR F 216 15.80 24.13 -30.14
N LEU F 217 15.28 24.92 -29.19
CA LEU F 217 15.00 26.32 -29.48
C LEU F 217 16.27 27.09 -29.78
N ALA F 218 17.25 27.02 -28.88
CA ALA F 218 18.49 27.77 -29.07
C ALA F 218 19.32 27.20 -30.21
N GLY F 219 19.33 25.88 -30.35
CA GLY F 219 20.20 25.21 -31.30
C GLY F 219 21.36 24.53 -30.59
N ALA F 220 22.32 24.07 -31.40
CA ALA F 220 23.44 23.30 -30.85
C ALA F 220 24.29 24.12 -29.90
N GLY F 221 24.43 25.42 -30.15
CA GLY F 221 25.26 26.21 -29.26
C GLY F 221 26.73 25.83 -29.35
N ILE F 222 27.47 26.27 -28.34
CA ILE F 222 28.92 26.04 -28.29
C ILE F 222 29.18 24.73 -27.57
N GLY F 223 29.86 23.81 -28.25
CA GLY F 223 30.32 22.61 -27.60
C GLY F 223 30.17 21.41 -28.51
N ASP F 224 30.19 20.25 -27.88
CA ASP F 224 30.22 18.97 -28.60
C ASP F 224 28.86 18.55 -29.13
N ALA F 225 27.76 19.18 -28.69
CA ALA F 225 26.45 18.68 -29.05
C ALA F 225 26.21 18.75 -30.56
N ARG F 226 26.79 19.75 -31.23
CA ARG F 226 26.59 19.91 -32.66
C ARG F 226 27.07 18.69 -33.44
N ALA F 227 28.30 18.22 -33.14
CA ALA F 227 28.86 17.09 -33.88
C ALA F 227 28.15 15.79 -33.53
N ILE F 228 27.69 15.66 -32.28
CA ILE F 228 26.98 14.45 -31.88
C ILE F 228 25.63 14.39 -32.57
N PHE F 229 24.94 15.54 -32.64
CA PHE F 229 23.64 15.65 -33.29
C PHE F 229 23.75 15.37 -34.79
N SER F 230 24.72 15.99 -35.46
CA SER F 230 24.80 15.84 -36.90
C SER F 230 25.24 14.44 -37.32
N TYR F 231 26.04 13.77 -36.48
CA TYR F 231 26.38 12.38 -36.75
C TYR F 231 25.13 11.53 -36.87
N GLN F 232 24.16 11.72 -35.97
CA GLN F 232 22.92 10.96 -36.05
C GLN F 232 22.11 11.35 -37.28
N ARG F 233 22.07 12.63 -37.63
CA ARG F 233 21.39 13.07 -38.84
C ARG F 233 21.97 12.39 -40.08
N ARG F 234 23.30 12.49 -40.25
CA ARG F 234 23.93 12.04 -41.49
C ARG F 234 23.87 10.51 -41.64
N ASN F 235 23.91 9.77 -40.53
CA ASN F 235 24.20 8.34 -40.58
C ASN F 235 23.03 7.48 -40.17
N SER F 236 21.91 8.09 -39.80
CA SER F 236 20.70 7.30 -39.58
CA SER F 236 20.70 7.31 -39.58
C SER F 236 20.15 6.83 -40.93
N PRO F 237 19.55 5.64 -40.96
CA PRO F 237 18.93 5.15 -42.20
C PRO F 237 17.99 6.14 -42.87
N LEU F 238 17.16 6.85 -42.11
CA LEU F 238 16.23 7.79 -42.75
C LEU F 238 16.87 9.13 -43.05
N ARG F 239 18.14 9.31 -42.68
CA ARG F 239 18.92 10.49 -43.04
C ARG F 239 18.30 11.78 -42.50
N ARG F 240 17.68 11.72 -41.33
CA ARG F 240 17.03 12.89 -40.76
CA ARG F 240 17.06 12.89 -40.76
C ARG F 240 16.90 12.72 -39.27
N THR F 241 16.92 13.86 -38.57
CA THR F 241 16.53 13.96 -37.17
C THR F 241 15.01 13.73 -37.06
N VAL F 242 14.58 12.86 -36.14
CA VAL F 242 13.13 12.80 -35.91
C VAL F 242 12.69 14.13 -35.30
N ASP F 243 11.43 14.45 -35.47
CA ASP F 243 10.91 15.63 -34.80
C ASP F 243 9.87 15.23 -33.76
N ILE F 244 9.37 16.23 -33.04
CA ILE F 244 8.46 15.91 -31.95
C ILE F 244 7.12 15.45 -32.48
N ASP F 245 6.81 15.69 -33.77
CA ASP F 245 5.61 15.10 -34.37
C ASP F 245 5.78 13.59 -34.60
N ASP F 246 6.96 13.17 -35.08
CA ASP F 246 7.21 11.72 -35.20
C ASP F 246 7.05 11.05 -33.84
N VAL F 247 7.71 11.60 -32.83
CA VAL F 247 7.63 11.04 -31.49
C VAL F 247 6.19 11.10 -30.98
N GLY F 248 5.49 12.20 -31.25
CA GLY F 248 4.12 12.32 -30.78
C GLY F 248 3.19 11.28 -31.38
N LYS F 249 3.37 10.99 -32.67
CA LYS F 249 2.52 9.98 -33.31
C LYS F 249 2.83 8.59 -32.77
N SER F 250 4.11 8.29 -32.55
CA SER F 250 4.46 7.01 -31.93
C SER F 250 3.89 6.91 -30.52
N ALA F 251 3.82 8.03 -29.79
CA ALA F 251 3.18 8.01 -28.48
C ALA F 251 1.69 7.75 -28.59
N VAL F 252 1.01 8.38 -29.55
CA VAL F 252 -0.40 8.08 -29.82
C VAL F 252 -0.59 6.58 -30.00
N TYR F 253 0.27 5.95 -30.80
CA TYR F 253 0.18 4.50 -31.00
C TYR F 253 0.25 3.77 -29.67
N LEU F 254 1.32 4.02 -28.90
CA LEU F 254 1.57 3.25 -27.68
C LEU F 254 0.55 3.53 -26.59
N LEU F 255 -0.08 4.71 -26.59
CA LEU F 255 -1.08 5.05 -25.59
C LEU F 255 -2.49 4.67 -25.99
N SER F 256 -2.72 4.37 -27.27
CA SER F 256 -4.04 4.06 -27.79
C SER F 256 -4.26 2.55 -27.83
N ASP F 257 -5.48 2.16 -28.19
CA ASP F 257 -5.85 0.76 -28.36
C ASP F 257 -5.14 0.10 -29.55
N LEU F 258 -4.52 0.88 -30.44
CA LEU F 258 -3.76 0.28 -31.53
C LEU F 258 -2.68 -0.67 -31.01
N SER F 259 -2.09 -0.34 -29.86
CA SER F 259 -0.97 -1.10 -29.33
C SER F 259 -1.41 -2.05 -28.22
N SER F 260 -2.65 -2.52 -28.28
CA SER F 260 -3.21 -3.37 -27.23
C SER F 260 -2.40 -4.63 -26.99
N GLY F 261 -1.60 -5.07 -27.95
CA GLY F 261 -0.74 -6.22 -27.79
C GLY F 261 0.66 -5.94 -27.25
N VAL F 262 0.98 -4.69 -26.90
CA VAL F 262 2.36 -4.25 -26.71
C VAL F 262 2.58 -3.82 -25.27
N THR F 263 3.54 -4.46 -24.59
CA THR F 263 3.92 -3.93 -23.29
C THR F 263 5.36 -4.30 -23.01
N GLY F 264 6.00 -3.49 -22.17
CA GLY F 264 7.40 -3.70 -21.80
C GLY F 264 8.39 -3.38 -22.90
N GLU F 265 7.94 -2.67 -23.91
CA GLU F 265 8.71 -2.50 -25.15
C GLU F 265 9.51 -1.21 -25.07
N ILE F 266 10.80 -1.30 -25.40
CA ILE F 266 11.62 -0.12 -25.63
C ILE F 266 11.56 0.11 -27.14
N HIS F 267 10.73 1.05 -27.57
CA HIS F 267 10.40 1.24 -28.98
C HIS F 267 11.25 2.36 -29.56
N PHE F 268 12.11 2.04 -30.56
CA PHE F 268 13.01 3.06 -31.09
C PHE F 268 12.30 3.92 -32.12
N VAL F 269 12.28 5.24 -31.88
CA VAL F 269 11.76 6.21 -32.82
C VAL F 269 12.92 7.17 -33.09
N ASP F 270 13.90 6.68 -33.86
CA ASP F 270 15.19 7.35 -33.99
C ASP F 270 15.71 7.31 -35.42
N SER F 271 14.81 7.24 -36.41
CA SER F 271 15.17 7.16 -37.81
C SER F 271 16.01 5.91 -38.13
N GLY F 272 15.91 4.88 -37.28
CA GLY F 272 16.67 3.67 -37.49
C GLY F 272 18.12 3.73 -37.04
N TYR F 273 18.54 4.82 -36.42
CA TYR F 273 19.95 4.99 -36.04
C TYR F 273 20.50 3.80 -35.26
N ASN F 274 19.71 3.26 -34.33
CA ASN F 274 20.23 2.21 -33.46
C ASN F 274 20.66 0.95 -34.21
N ILE F 275 20.19 0.73 -35.44
CA ILE F 275 20.50 -0.53 -36.13
C ILE F 275 21.85 -0.53 -36.81
N VAL F 276 22.49 0.62 -36.98
CA VAL F 276 23.74 0.67 -37.74
C VAL F 276 24.93 0.53 -36.80
N SER F 277 26.02 -0.02 -37.34
CA SER F 277 27.28 -0.10 -36.64
C SER F 277 28.17 1.11 -36.92
N MET F 278 28.13 1.60 -38.13
CA MET F 278 29.11 2.52 -38.70
C MET F 278 28.43 3.66 -39.41
N PRO F 279 29.16 4.73 -39.71
CA PRO F 279 28.62 5.76 -40.61
C PRO F 279 28.45 5.23 -42.03
N THR F 280 27.91 6.07 -42.91
CA THR F 280 27.74 5.67 -44.29
C THR F 280 29.10 5.35 -44.91
N LEU F 281 29.06 4.55 -45.97
CA LEU F 281 30.29 4.18 -46.65
C LEU F 281 31.08 5.41 -47.10
N GLU F 282 30.39 6.44 -47.61
CA GLU F 282 31.08 7.64 -48.07
C GLU F 282 31.76 8.35 -46.90
N GLU F 283 31.10 8.39 -45.74
CA GLU F 283 31.72 8.99 -44.56
C GLU F 283 32.88 8.14 -44.06
N LEU F 284 32.72 6.81 -44.09
CA LEU F 284 33.82 5.91 -43.75
C LEU F 284 35.04 6.18 -44.60
N LYS F 285 34.84 6.27 -45.91
CA LYS F 285 35.96 6.47 -46.82
C LYS F 285 36.62 7.83 -46.59
N SER F 286 35.80 8.85 -46.34
CA SER F 286 36.35 10.17 -46.06
C SER F 286 37.15 10.18 -44.77
N SER F 287 36.66 9.51 -43.73
CA SER F 287 37.40 9.45 -42.46
C SER F 287 38.69 8.64 -42.60
N ASP F 288 38.67 7.58 -43.41
CA ASP F 288 39.90 6.82 -43.65
C ASP F 288 40.93 7.68 -44.35
N SER F 289 40.50 8.46 -45.36
CA SER F 289 41.43 9.31 -46.10
C SER F 289 42.03 10.38 -45.19
N GLU F 290 41.22 10.95 -44.30
CA GLU F 290 41.65 12.09 -43.48
C GLU F 290 42.29 11.68 -42.16
N ARG F 291 41.86 10.58 -41.54
CA ARG F 291 42.37 10.21 -40.23
C ARG F 291 43.35 9.04 -40.27
N GLY F 292 43.34 8.24 -41.33
CA GLY F 292 44.35 7.22 -41.51
C GLY F 292 44.03 5.91 -40.81
N GLU F 293 45.05 5.06 -40.74
CA GLU F 293 44.89 3.70 -40.22
C GLU F 293 44.64 3.64 -38.70
N GLU G 23 -9.30 10.72 -43.06
CA GLU G 23 -9.23 10.45 -41.63
C GLU G 23 -8.71 9.02 -41.38
N GLY G 24 -8.98 8.12 -42.32
CA GLY G 24 -8.39 6.79 -42.24
C GLY G 24 -6.88 6.85 -42.39
N LEU G 25 -6.18 6.11 -41.52
CA LEU G 25 -4.72 6.17 -41.48
C LEU G 25 -4.05 5.69 -42.74
N MET G 26 -4.75 4.92 -43.57
CA MET G 26 -4.21 4.40 -44.83
C MET G 26 -5.01 4.89 -46.02
N GLN G 27 -5.70 6.01 -45.89
CA GLN G 27 -6.61 6.47 -46.93
C GLN G 27 -5.85 6.78 -48.22
N GLY G 28 -6.26 6.14 -49.31
CA GLY G 28 -5.62 6.34 -50.59
C GLY G 28 -4.35 5.55 -50.80
N LYS G 29 -3.97 4.67 -49.86
CA LYS G 29 -2.74 3.91 -49.98
C LYS G 29 -3.03 2.53 -50.57
N ARG G 30 -2.18 2.10 -51.48
CA ARG G 30 -2.31 0.81 -52.15
CA ARG G 30 -2.31 0.81 -52.15
C ARG G 30 -1.13 -0.09 -51.75
N GLY G 31 -1.43 -1.33 -51.39
CA GLY G 31 -0.38 -2.24 -50.96
C GLY G 31 -0.70 -3.70 -51.21
N LEU G 32 0.34 -4.51 -51.14
CA LEU G 32 0.27 -5.94 -51.43
C LEU G 32 0.41 -6.74 -50.14
N ILE G 33 -0.48 -7.71 -49.95
CA ILE G 33 -0.46 -8.59 -48.78
CA ILE G 33 -0.42 -8.59 -48.78
C ILE G 33 -0.13 -10.00 -49.25
N MET G 34 0.97 -10.55 -48.77
CA MET G 34 1.39 -11.91 -49.09
C MET G 34 1.28 -12.78 -47.85
N GLY G 35 0.53 -13.87 -47.95
CA GLY G 35 0.45 -14.80 -46.84
C GLY G 35 -0.92 -15.07 -46.25
N VAL G 36 -2.00 -14.54 -46.83
CA VAL G 36 -3.32 -14.96 -46.39
C VAL G 36 -3.56 -16.41 -46.81
N ALA G 37 -3.92 -17.24 -45.85
CA ALA G 37 -4.37 -18.60 -46.11
C ALA G 37 -5.81 -18.86 -45.73
N ASN G 38 -6.30 -18.24 -44.66
CA ASN G 38 -7.69 -18.38 -44.24
C ASN G 38 -8.00 -17.22 -43.30
N ASN G 39 -9.19 -17.24 -42.71
CA ASN G 39 -9.61 -16.11 -41.88
C ASN G 39 -8.96 -16.11 -40.49
N HIS G 40 -8.08 -17.06 -40.20
CA HIS G 40 -7.28 -17.01 -38.99
C HIS G 40 -5.85 -16.51 -39.23
N SER G 41 -5.46 -16.31 -40.50
CA SER G 41 -4.10 -15.87 -40.82
C SER G 41 -3.78 -14.52 -40.20
N LEU G 42 -2.53 -14.37 -39.73
CA LEU G 42 -2.05 -13.06 -39.32
C LEU G 42 -2.20 -12.05 -40.46
N ALA G 43 -1.92 -12.47 -41.70
CA ALA G 43 -2.03 -11.56 -42.83
C ALA G 43 -3.47 -11.11 -43.04
N TRP G 44 -4.44 -11.93 -42.63
CA TRP G 44 -5.84 -11.53 -42.74
C TRP G 44 -6.20 -10.51 -41.68
N GLY G 45 -5.74 -10.69 -40.44
CA GLY G 45 -5.97 -9.65 -39.44
C GLY G 45 -5.36 -8.33 -39.86
N ILE G 46 -4.20 -8.38 -40.51
CA ILE G 46 -3.57 -7.17 -41.03
C ILE G 46 -4.43 -6.56 -42.15
N ALA G 47 -4.91 -7.40 -43.07
CA ALA G 47 -5.73 -6.89 -44.18
C ALA G 47 -6.99 -6.20 -43.68
N LYS G 48 -7.69 -6.81 -42.72
CA LYS G 48 -8.93 -6.24 -42.21
C LYS G 48 -8.68 -4.87 -41.58
N GLN G 49 -7.61 -4.73 -40.80
CA GLN G 49 -7.34 -3.44 -40.16
C GLN G 49 -6.90 -2.41 -41.20
N LEU G 50 -6.08 -2.83 -42.16
CA LEU G 50 -5.67 -1.92 -43.23
C LEU G 50 -6.89 -1.43 -44.02
N ALA G 51 -7.78 -2.35 -44.38
CA ALA G 51 -8.99 -1.98 -45.12
C ALA G 51 -9.89 -1.07 -44.28
N ALA G 52 -9.96 -1.31 -42.97
CA ALA G 52 -10.77 -0.44 -42.12
C ALA G 52 -10.22 0.99 -42.08
N GLN G 53 -8.92 1.15 -42.32
CA GLN G 53 -8.28 2.46 -42.34
C GLN G 53 -8.19 3.05 -43.74
N GLY G 54 -8.83 2.43 -44.74
CA GLY G 54 -8.96 3.03 -46.05
C GLY G 54 -8.03 2.49 -47.12
N ALA G 55 -7.22 1.48 -46.81
CA ALA G 55 -6.24 1.00 -47.77
C ALA G 55 -6.91 0.22 -48.90
N GLU G 56 -6.31 0.33 -50.08
CA GLU G 56 -6.64 -0.49 -51.24
CA GLU G 56 -6.65 -0.50 -51.24
C GLU G 56 -5.67 -1.66 -51.29
N LEU G 57 -6.18 -2.88 -51.40
CA LEU G 57 -5.38 -4.08 -51.20
C LEU G 57 -5.33 -4.99 -52.42
N ALA G 58 -4.15 -5.59 -52.60
CA ALA G 58 -3.93 -6.74 -53.48
C ALA G 58 -3.45 -7.90 -52.62
N PHE G 59 -3.75 -9.12 -53.06
CA PHE G 59 -3.43 -10.33 -52.31
C PHE G 59 -2.74 -11.34 -53.22
N THR G 60 -1.82 -12.11 -52.63
CA THR G 60 -1.32 -13.32 -53.28
C THR G 60 -1.78 -14.53 -52.48
N TYR G 61 -1.86 -15.67 -53.16
CA TYR G 61 -2.18 -16.93 -52.52
C TYR G 61 -1.26 -18.02 -53.06
N GLN G 62 -0.92 -18.97 -52.21
CA GLN G 62 -0.11 -20.11 -52.62
C GLN G 62 -1.03 -21.27 -53.02
N GLY G 63 -1.01 -21.63 -54.30
CA GLY G 63 -1.75 -22.79 -54.77
C GLY G 63 -3.22 -22.53 -55.02
N ASP G 64 -3.77 -23.19 -56.04
CA ASP G 64 -5.18 -23.02 -56.36
C ASP G 64 -6.07 -23.39 -55.17
N ALA G 65 -5.57 -24.26 -54.30
CA ALA G 65 -6.33 -24.66 -53.11
C ALA G 65 -6.63 -23.46 -52.24
N LEU G 66 -5.59 -22.75 -51.79
CA LEU G 66 -5.81 -21.57 -50.96
C LEU G 66 -6.50 -20.44 -51.70
N GLY G 67 -6.38 -20.39 -53.04
CA GLY G 67 -7.04 -19.34 -53.79
C GLY G 67 -8.54 -19.30 -53.57
N LYS G 68 -9.16 -20.46 -53.33
CA LYS G 68 -10.60 -20.49 -53.08
C LYS G 68 -10.98 -19.87 -51.74
N ARG G 69 -10.08 -19.86 -50.77
CA ARG G 69 -10.38 -19.20 -49.50
C ARG G 69 -9.98 -17.74 -49.48
N VAL G 70 -8.92 -17.37 -50.23
CA VAL G 70 -8.44 -15.99 -50.19
C VAL G 70 -9.34 -15.07 -51.01
N LYS G 71 -9.86 -15.55 -52.15
CA LYS G 71 -10.65 -14.69 -53.01
C LYS G 71 -11.91 -14.15 -52.34
N PRO G 72 -12.74 -14.95 -51.65
CA PRO G 72 -13.89 -14.37 -50.95
C PRO G 72 -13.49 -13.49 -49.78
N LEU G 73 -12.40 -13.82 -49.08
CA LEU G 73 -11.89 -12.90 -48.06
C LEU G 73 -11.55 -11.55 -48.68
N ALA G 74 -10.81 -11.55 -49.79
CA ALA G 74 -10.46 -10.31 -50.45
C ALA G 74 -11.69 -9.51 -50.84
N GLU G 75 -12.75 -10.20 -51.26
CA GLU G 75 -14.00 -9.53 -51.60
C GLU G 75 -14.61 -8.83 -50.39
N GLN G 76 -14.48 -9.41 -49.19
CA GLN G 76 -15.02 -8.77 -47.99
C GLN G 76 -14.44 -7.38 -47.78
N VAL G 77 -13.18 -7.17 -48.16
CA VAL G 77 -12.54 -5.88 -48.01
C VAL G 77 -12.51 -5.11 -49.34
N GLY G 78 -13.27 -5.55 -50.33
CA GLY G 78 -13.46 -4.78 -51.55
C GLY G 78 -12.39 -4.96 -52.60
N SER G 79 -11.64 -6.05 -52.57
CA SER G 79 -10.58 -6.29 -53.54
C SER G 79 -10.89 -7.56 -54.33
N ASP G 80 -10.72 -7.47 -55.66
CA ASP G 80 -10.63 -8.66 -56.50
C ASP G 80 -9.23 -8.79 -57.12
N PHE G 81 -8.26 -8.07 -56.57
CA PHE G 81 -6.88 -8.08 -57.04
C PHE G 81 -6.17 -9.21 -56.29
N VAL G 82 -6.31 -10.43 -56.81
CA VAL G 82 -5.86 -11.64 -56.12
C VAL G 82 -5.10 -12.50 -57.11
N LEU G 83 -3.82 -12.79 -56.81
CA LEU G 83 -2.94 -13.45 -57.77
C LEU G 83 -2.21 -14.64 -57.15
N PRO G 84 -2.02 -15.71 -57.91
CA PRO G 84 -1.27 -16.85 -57.38
C PRO G 84 0.21 -16.54 -57.28
N CYS G 85 0.84 -17.03 -56.22
CA CYS G 85 2.27 -16.82 -56.07
C CYS G 85 2.85 -17.89 -55.15
N ASP G 86 3.87 -18.58 -55.64
CA ASP G 86 4.70 -19.48 -54.86
C ASP G 86 6.09 -18.84 -54.83
N VAL G 87 6.48 -18.32 -53.66
CA VAL G 87 7.71 -17.53 -53.62
C VAL G 87 8.93 -18.36 -53.95
N GLU G 88 8.82 -19.68 -53.88
CA GLU G 88 9.93 -20.52 -54.30
C GLU G 88 10.13 -20.47 -55.81
N ASP G 89 9.08 -20.14 -56.56
CA ASP G 89 9.12 -20.07 -58.02
C ASP G 89 9.16 -18.60 -58.41
N ILE G 90 10.36 -18.08 -58.66
CA ILE G 90 10.55 -16.64 -58.80
C ILE G 90 9.77 -16.09 -59.99
N ALA G 91 9.52 -16.93 -61.00
CA ALA G 91 8.75 -16.49 -62.16
C ALA G 91 7.34 -16.05 -61.74
N THR G 92 6.75 -16.74 -60.77
CA THR G 92 5.42 -16.33 -60.32
C THR G 92 5.49 -15.04 -59.50
N VAL G 93 6.59 -14.80 -58.80
CA VAL G 93 6.78 -13.52 -58.11
C VAL G 93 6.91 -12.39 -59.13
N ASP G 94 7.72 -12.60 -60.16
CA ASP G 94 7.86 -11.57 -61.20
C ASP G 94 6.51 -11.24 -61.83
N ALA G 95 5.67 -12.25 -62.07
CA ALA G 95 4.37 -11.98 -62.69
C ALA G 95 3.45 -11.18 -61.78
N VAL G 96 3.55 -11.38 -60.46
CA VAL G 96 2.76 -10.58 -59.53
C VAL G 96 3.15 -9.11 -59.63
N PHE G 97 4.45 -8.81 -59.58
CA PHE G 97 4.87 -7.42 -59.61
C PHE G 97 4.70 -6.82 -61.00
N GLU G 98 4.79 -7.62 -62.06
CA GLU G 98 4.39 -7.14 -63.38
C GLU G 98 2.93 -6.72 -63.39
N GLU G 99 2.06 -7.48 -62.71
CA GLU G 99 0.65 -7.14 -62.68
C GLU G 99 0.40 -5.92 -61.80
N ILE G 100 1.16 -5.77 -60.72
CA ILE G 100 1.04 -4.57 -59.89
C ILE G 100 1.50 -3.35 -60.68
N GLU G 101 2.63 -3.47 -61.39
CA GLU G 101 3.13 -2.35 -62.18
C GLU G 101 2.12 -1.94 -63.24
N LYS G 102 1.47 -2.91 -63.88
CA LYS G 102 0.53 -2.58 -64.95
C LYS G 102 -0.74 -1.97 -64.39
N LYS G 103 -1.29 -2.53 -63.31
CA LYS G 103 -2.56 -2.05 -62.80
C LYS G 103 -2.41 -0.78 -61.97
N TRP G 104 -1.35 -0.69 -61.15
CA TRP G 104 -1.20 0.41 -60.20
C TRP G 104 -0.08 1.37 -60.52
N GLY G 105 0.99 0.91 -61.18
CA GLY G 105 2.11 1.78 -61.49
C GLY G 105 2.93 2.18 -60.28
N GLY G 106 2.65 1.60 -59.13
CA GLY G 106 3.37 1.94 -57.93
C GLY G 106 2.81 1.16 -56.76
N LEU G 107 3.51 1.27 -55.65
CA LEU G 107 3.14 0.58 -54.41
CA LEU G 107 3.15 0.57 -54.42
C LEU G 107 3.40 1.53 -53.25
N ASP G 108 2.47 1.56 -52.31
CA ASP G 108 2.68 2.29 -51.07
C ASP G 108 3.19 1.40 -49.95
N PHE G 109 2.83 0.12 -49.93
CA PHE G 109 3.30 -0.73 -48.85
C PHE G 109 3.26 -2.19 -49.28
N LEU G 110 4.01 -3.02 -48.55
CA LEU G 110 4.01 -4.46 -48.78
C LEU G 110 4.02 -5.16 -47.43
N VAL G 111 3.21 -6.20 -47.32
CA VAL G 111 3.19 -7.06 -46.13
C VAL G 111 3.67 -8.44 -46.55
N HIS G 112 4.71 -8.93 -45.87
CA HIS G 112 5.25 -10.26 -46.09
C HIS G 112 4.95 -11.09 -44.85
N ALA G 113 4.03 -12.05 -44.99
CA ALA G 113 3.62 -12.90 -43.86
C ALA G 113 3.70 -14.36 -44.30
N ILE G 114 4.87 -14.77 -44.75
CA ILE G 114 5.09 -16.06 -45.39
C ILE G 114 6.12 -16.83 -44.57
N GLY G 115 5.79 -18.07 -44.23
CA GLY G 115 6.72 -18.94 -43.55
C GLY G 115 6.44 -20.39 -43.89
N PHE G 116 7.50 -21.19 -43.93
CA PHE G 116 7.33 -22.61 -44.19
C PHE G 116 8.55 -23.38 -43.70
N SER G 117 8.31 -24.53 -43.09
CA SER G 117 9.34 -25.52 -42.90
C SER G 117 8.66 -26.89 -42.86
N ASP G 118 9.40 -27.93 -43.26
CA ASP G 118 8.90 -29.30 -43.15
C ASP G 118 8.50 -29.58 -41.70
N LYS G 119 7.23 -29.95 -41.49
CA LYS G 119 6.72 -30.11 -40.13
C LYS G 119 7.42 -31.22 -39.37
N THR G 120 7.94 -32.23 -40.05
CA THR G 120 8.66 -33.29 -39.36
C THR G 120 9.95 -32.79 -38.72
N GLU G 121 10.47 -31.64 -39.13
CA GLU G 121 11.66 -31.09 -38.51
C GLU G 121 11.34 -30.03 -37.47
N LEU G 122 10.06 -29.81 -37.19
CA LEU G 122 9.63 -28.94 -36.10
C LEU G 122 9.12 -29.74 -34.91
N LYS G 123 9.71 -30.91 -34.67
CA LYS G 123 9.38 -31.71 -33.50
C LYS G 123 10.61 -32.55 -33.16
N GLY G 124 11.09 -32.40 -31.94
CA GLY G 124 12.34 -33.02 -31.53
C GLY G 124 13.43 -31.97 -31.44
N ARG G 125 14.62 -32.44 -31.12
CA ARG G 125 15.76 -31.53 -31.01
C ARG G 125 16.14 -31.00 -32.38
N TYR G 126 16.43 -29.70 -32.45
CA TYR G 126 16.92 -29.09 -33.69
C TYR G 126 18.04 -29.94 -34.31
N ALA G 127 18.99 -30.36 -33.48
CA ALA G 127 20.17 -31.06 -33.98
C ALA G 127 19.82 -32.46 -34.49
N ASP G 128 18.77 -33.08 -33.93
CA ASP G 128 18.38 -34.43 -34.33
C ASP G 128 17.65 -34.47 -35.66
N VAL G 129 16.78 -33.50 -35.94
CA VAL G 129 15.82 -33.66 -37.02
C VAL G 129 16.08 -32.77 -38.22
N THR G 130 16.94 -31.75 -38.11
CA THR G 130 17.13 -30.84 -39.23
C THR G 130 18.01 -31.47 -40.30
N THR G 131 17.66 -31.21 -41.56
CA THR G 131 18.40 -31.68 -42.72
C THR G 131 18.79 -30.48 -43.57
N ARG G 132 19.80 -30.67 -44.42
CA ARG G 132 20.21 -29.56 -45.29
C ARG G 132 19.12 -29.22 -46.30
N GLU G 133 18.44 -30.23 -46.86
CA GLU G 133 17.42 -29.96 -47.85
C GLU G 133 16.32 -29.09 -47.29
N ASN G 134 15.84 -29.42 -46.08
CA ASN G 134 14.82 -28.57 -45.48
C ASN G 134 15.40 -27.24 -45.01
N PHE G 135 16.64 -27.23 -44.52
CA PHE G 135 17.25 -25.95 -44.17
C PHE G 135 17.21 -25.00 -45.35
N SER G 136 17.69 -25.44 -46.51
CA SER G 136 17.81 -24.53 -47.64
C SER G 136 16.45 -24.07 -48.14
N ARG G 137 15.47 -24.97 -48.19
CA ARG G 137 14.13 -24.59 -48.60
C ARG G 137 13.47 -23.64 -47.59
N THR G 138 13.60 -23.94 -46.30
CA THR G 138 13.08 -23.05 -45.27
C THR G 138 13.69 -21.65 -45.38
N MET G 139 15.01 -21.57 -45.57
CA MET G 139 15.65 -20.26 -45.66
CA MET G 139 15.68 -20.28 -45.69
C MET G 139 15.15 -19.48 -46.87
N VAL G 140 14.97 -20.14 -48.01
CA VAL G 140 14.47 -19.44 -49.19
C VAL G 140 13.05 -18.96 -48.96
N ILE G 141 12.18 -19.83 -48.46
CA ILE G 141 10.77 -19.47 -48.37
C ILE G 141 10.51 -18.51 -47.21
N SER G 142 11.12 -18.76 -46.05
CA SER G 142 10.79 -17.98 -44.87
C SER G 142 11.64 -16.73 -44.69
N ALA G 143 12.79 -16.63 -45.37
CA ALA G 143 13.64 -15.47 -45.18
C ALA G 143 13.97 -14.79 -46.52
N TYR G 144 14.63 -15.49 -47.45
CA TYR G 144 15.10 -14.77 -48.62
C TYR G 144 13.95 -14.26 -49.50
N SER G 145 12.79 -14.92 -49.45
CA SER G 145 11.64 -14.41 -50.17
C SER G 145 11.31 -12.97 -49.76
N PHE G 146 11.60 -12.60 -48.50
CA PHE G 146 11.39 -11.22 -48.07
C PHE G 146 12.31 -10.26 -48.82
N THR G 147 13.59 -10.63 -48.92
CA THR G 147 14.51 -9.82 -49.73
C THR G 147 14.04 -9.73 -51.17
N GLU G 148 13.58 -10.84 -51.74
CA GLU G 148 13.17 -10.84 -53.14
C GLU G 148 11.98 -9.92 -53.37
N VAL G 149 10.98 -9.94 -52.49
CA VAL G 149 9.82 -9.09 -52.73
C VAL G 149 10.12 -7.64 -52.34
N ALA G 150 11.06 -7.43 -51.42
CA ALA G 150 11.47 -6.07 -51.11
C ALA G 150 12.20 -5.45 -52.28
N GLN G 151 13.08 -6.23 -52.94
CA GLN G 151 13.80 -5.71 -54.11
C GLN G 151 12.83 -5.27 -55.20
N ARG G 152 11.74 -6.02 -55.37
CA ARG G 152 10.78 -5.73 -56.42
C ARG G 152 9.87 -4.58 -56.03
N ALA G 153 9.49 -4.52 -54.75
CA ALA G 153 8.67 -3.40 -54.27
C ALA G 153 9.42 -2.07 -54.37
N GLU G 154 10.74 -2.09 -54.14
CA GLU G 154 11.52 -0.86 -54.24
C GLU G 154 11.40 -0.22 -55.62
N LYS G 155 11.29 -1.02 -56.67
CA LYS G 155 11.16 -0.46 -58.02
C LYS G 155 9.86 0.31 -58.18
N LEU G 156 8.86 0.03 -57.33
CA LEU G 156 7.55 0.65 -57.43
C LEU G 156 7.30 1.66 -56.32
N MET G 157 8.32 2.02 -55.54
CA MET G 157 8.12 2.93 -54.42
C MET G 157 8.88 4.23 -54.64
N LYS G 158 8.63 4.89 -55.78
CA LYS G 158 9.41 6.05 -56.17
C LYS G 158 9.38 7.16 -55.13
N ASP G 159 8.25 7.34 -54.44
CA ASP G 159 8.10 8.38 -53.44
C ASP G 159 8.27 7.86 -52.02
N GLY G 160 8.81 6.67 -51.86
CA GLY G 160 8.89 6.04 -50.55
C GLY G 160 7.75 5.07 -50.32
N GLY G 161 7.69 4.57 -49.09
CA GLY G 161 6.76 3.52 -48.76
C GLY G 161 7.17 2.83 -47.46
N SER G 162 6.46 1.75 -47.16
CA SER G 162 6.69 1.00 -45.94
C SER G 162 6.55 -0.49 -46.22
N ILE G 163 7.50 -1.29 -45.73
CA ILE G 163 7.55 -2.72 -45.97
C ILE G 163 7.57 -3.42 -44.60
N LEU G 164 6.76 -4.47 -44.46
CA LEU G 164 6.59 -5.13 -43.17
C LEU G 164 6.70 -6.64 -43.34
N THR G 165 7.38 -7.30 -42.41
CA THR G 165 7.38 -8.76 -42.36
C THR G 165 7.03 -9.19 -40.94
N LEU G 166 6.71 -10.47 -40.79
CA LEU G 166 6.33 -11.02 -39.49
C LEU G 166 7.40 -11.98 -39.01
N THR G 167 7.80 -11.83 -37.75
CA THR G 167 8.78 -12.75 -37.19
C THR G 167 8.26 -13.27 -35.85
N TYR G 168 9.11 -14.01 -35.13
CA TYR G 168 8.74 -14.66 -33.89
C TYR G 168 9.98 -14.70 -33.00
N GLY G 169 9.76 -14.60 -31.69
CA GLY G 169 10.86 -14.46 -30.74
C GLY G 169 11.78 -15.67 -30.62
N GLY G 170 11.42 -16.80 -31.23
CA GLY G 170 12.32 -17.94 -31.30
C GLY G 170 13.58 -17.66 -32.11
N SER G 171 13.64 -16.51 -32.77
CA SER G 171 14.86 -16.11 -33.45
C SER G 171 16.00 -15.89 -32.45
N THR G 172 15.70 -15.26 -31.32
CA THR G 172 16.72 -14.79 -30.40
C THR G 172 16.70 -15.48 -29.05
N ARG G 173 15.64 -16.22 -28.72
CA ARG G 173 15.60 -17.08 -27.55
CA ARG G 173 15.63 -17.09 -27.56
C ARG G 173 15.12 -18.44 -27.99
N THR G 174 15.72 -19.50 -27.46
CA THR G 174 15.36 -20.83 -27.96
C THR G 174 13.99 -21.24 -27.45
N ILE G 175 13.18 -21.74 -28.37
CA ILE G 175 11.82 -22.19 -28.09
C ILE G 175 11.73 -23.64 -28.56
N PRO G 176 11.24 -24.55 -27.73
CA PRO G 176 11.25 -25.96 -28.12
C PRO G 176 10.46 -26.17 -29.41
N ASN G 177 11.00 -27.05 -30.27
CA ASN G 177 10.44 -27.43 -31.56
C ASN G 177 10.49 -26.34 -32.62
N TYR G 178 10.79 -25.09 -32.25
CA TYR G 178 10.79 -24.05 -33.29
C TYR G 178 11.97 -24.24 -34.23
N ASN G 179 13.11 -24.73 -33.72
CA ASN G 179 14.17 -25.39 -34.48
C ASN G 179 14.59 -24.52 -35.67
N VAL G 180 14.59 -25.05 -36.91
CA VAL G 180 15.14 -24.29 -38.02
C VAL G 180 14.30 -23.07 -38.38
N MET G 181 13.02 -23.00 -37.97
CA MET G 181 12.29 -21.75 -38.16
C MET G 181 12.89 -20.64 -37.33
N GLY G 182 13.46 -20.97 -36.16
CA GLY G 182 14.15 -19.96 -35.37
C GLY G 182 15.37 -19.42 -36.08
N VAL G 183 16.14 -20.32 -36.70
CA VAL G 183 17.28 -19.91 -37.50
C VAL G 183 16.84 -19.04 -38.68
N ALA G 184 15.75 -19.42 -39.34
CA ALA G 184 15.26 -18.64 -40.48
C ALA G 184 14.75 -17.27 -40.04
N LYS G 185 14.06 -17.21 -38.90
CA LYS G 185 13.61 -15.91 -38.39
C LYS G 185 14.79 -15.03 -37.98
N ALA G 186 15.88 -15.62 -37.49
CA ALA G 186 17.06 -14.81 -37.15
C ALA G 186 17.65 -14.17 -38.41
N ALA G 187 17.73 -14.94 -39.49
CA ALA G 187 18.15 -14.39 -40.78
C ALA G 187 17.19 -13.32 -41.26
N LEU G 188 15.89 -13.56 -41.12
CA LEU G 188 14.89 -12.61 -41.57
C LEU G 188 15.02 -11.27 -40.85
N GLU G 189 15.23 -11.30 -39.52
CA GLU G 189 15.39 -10.06 -38.78
C GLU G 189 16.65 -9.31 -39.20
N ALA G 190 17.70 -10.04 -39.55
CA ALA G 190 18.89 -9.37 -40.07
C ALA G 190 18.61 -8.73 -41.43
N MET G 191 17.81 -9.39 -42.27
CA MET G 191 17.40 -8.78 -43.54
C MET G 191 16.63 -7.50 -43.31
N VAL G 192 15.76 -7.48 -42.30
CA VAL G 192 15.02 -6.26 -42.00
C VAL G 192 15.99 -5.11 -41.75
N ARG G 193 17.04 -5.37 -40.98
CA ARG G 193 17.99 -4.31 -40.65
C ARG G 193 18.78 -3.87 -41.89
N TYR G 194 19.30 -4.84 -42.66
CA TYR G 194 20.10 -4.45 -43.83
C TYR G 194 19.26 -3.74 -44.88
N LEU G 195 18.03 -4.22 -45.11
CA LEU G 195 17.14 -3.57 -46.06
C LEU G 195 16.75 -2.17 -45.57
N ALA G 196 16.49 -2.03 -44.26
CA ALA G 196 16.19 -0.70 -43.72
C ALA G 196 17.35 0.25 -43.94
N ALA G 197 18.58 -0.23 -43.74
CA ALA G 197 19.74 0.62 -43.94
C ALA G 197 19.91 1.00 -45.40
N ASP G 198 19.59 0.07 -46.32
CA ASP G 198 19.72 0.35 -47.75
C ASP G 198 18.66 1.34 -48.23
N TYR G 199 17.41 1.12 -47.84
CA TYR G 199 16.27 1.81 -48.42
C TYR G 199 15.87 3.06 -47.66
N GLY G 200 16.35 3.25 -46.42
CA GLY G 200 16.03 4.41 -45.63
C GLY G 200 16.22 5.74 -46.36
N PRO G 201 17.38 5.92 -47.01
CA PRO G 201 17.64 7.21 -47.66
C PRO G 201 16.64 7.56 -48.74
N GLN G 202 15.99 6.56 -49.36
CA GLN G 202 14.91 6.78 -50.32
C GLN G 202 13.56 6.99 -49.66
N GLY G 203 13.47 6.96 -48.33
CA GLY G 203 12.19 7.13 -47.68
C GLY G 203 11.36 5.87 -47.61
N ILE G 204 11.97 4.71 -47.79
CA ILE G 204 11.29 3.43 -47.69
C ILE G 204 11.69 2.83 -46.35
N ARG G 205 10.70 2.60 -45.49
CA ARG G 205 10.93 2.07 -44.16
C ARG G 205 10.68 0.57 -44.17
N VAL G 206 11.46 -0.19 -43.39
CA VAL G 206 11.38 -1.65 -43.38
C VAL G 206 11.39 -2.09 -41.93
N ASN G 207 10.33 -2.80 -41.51
CA ASN G 207 10.17 -3.19 -40.12
C ASN G 207 9.63 -4.61 -40.03
N ALA G 208 9.64 -5.14 -38.81
CA ALA G 208 9.02 -6.44 -38.56
C ALA G 208 8.17 -6.35 -37.32
N ILE G 209 7.10 -7.14 -37.29
CA ILE G 209 6.37 -7.41 -36.06
C ILE G 209 6.78 -8.80 -35.60
N SER G 210 7.27 -8.90 -34.37
CA SER G 210 7.51 -10.19 -33.73
C SER G 210 6.25 -10.51 -32.93
N ALA G 211 5.42 -11.36 -33.51
CA ALA G 211 4.09 -11.60 -32.96
C ALA G 211 4.14 -12.70 -31.91
N GLY G 212 3.22 -12.61 -30.96
CA GLY G 212 2.95 -13.71 -30.06
C GLY G 212 2.25 -14.79 -30.86
N PRO G 213 2.01 -15.95 -30.26
CA PRO G 213 1.34 -17.03 -30.98
C PRO G 213 -0.13 -16.72 -31.13
N VAL G 214 -0.71 -17.18 -32.24
CA VAL G 214 -2.12 -16.94 -32.52
CA VAL G 214 -2.13 -16.93 -32.52
C VAL G 214 -2.84 -18.26 -32.71
N ARG G 215 -4.08 -18.34 -32.23
CA ARG G 215 -4.91 -19.52 -32.39
C ARG G 215 -5.13 -19.82 -33.86
N THR G 216 -5.04 -21.09 -34.23
CA THR G 216 -5.14 -21.48 -35.63
C THR G 216 -6.56 -21.99 -35.93
N LEU G 217 -6.78 -22.31 -37.20
CA LEU G 217 -8.12 -22.71 -37.65
C LEU G 217 -8.58 -23.98 -36.94
N ALA G 218 -7.67 -24.93 -36.73
CA ALA G 218 -8.00 -26.20 -36.10
C ALA G 218 -7.50 -26.31 -34.67
N GLY G 219 -6.77 -25.32 -34.17
CA GLY G 219 -6.22 -25.37 -32.83
C GLY G 219 -5.07 -26.35 -32.73
N ALA G 220 -4.51 -26.43 -31.52
CA ALA G 220 -3.44 -27.39 -31.24
C ALA G 220 -3.99 -28.80 -31.35
N GLY G 221 -3.41 -29.60 -32.24
CA GLY G 221 -3.88 -30.96 -32.42
C GLY G 221 -3.24 -31.90 -31.41
N ILE G 222 -2.83 -33.08 -31.87
CA ILE G 222 -1.99 -33.95 -31.05
C ILE G 222 -0.56 -33.45 -31.13
N GLY G 223 0.10 -33.33 -29.98
CA GLY G 223 1.50 -32.99 -29.99
C GLY G 223 1.81 -31.93 -28.96
N ASP G 224 2.96 -31.30 -29.17
CA ASP G 224 3.53 -30.36 -28.19
C ASP G 224 2.99 -28.95 -28.33
N ALA G 225 2.22 -28.64 -29.38
CA ALA G 225 1.85 -27.24 -29.61
C ALA G 225 0.98 -26.68 -28.49
N ARG G 226 0.14 -27.52 -27.88
CA ARG G 226 -0.76 -27.04 -26.84
C ARG G 226 0.02 -26.48 -25.65
N ALA G 227 1.03 -27.22 -25.19
CA ALA G 227 1.77 -26.80 -24.00
C ALA G 227 2.65 -25.59 -24.29
N ILE G 228 3.20 -25.49 -25.51
CA ILE G 228 4.00 -24.34 -25.85
C ILE G 228 3.13 -23.09 -25.94
N PHE G 229 1.95 -23.22 -26.54
CA PHE G 229 1.02 -22.12 -26.65
C PHE G 229 0.53 -21.64 -25.29
N SER G 230 0.07 -22.56 -24.43
CA SER G 230 -0.51 -22.15 -23.17
C SER G 230 0.54 -21.55 -22.24
N TYR G 231 1.80 -21.99 -22.33
CA TYR G 231 2.85 -21.35 -21.53
C TYR G 231 2.92 -19.86 -21.80
N GLN G 232 2.78 -19.46 -23.07
CA GLN G 232 2.84 -18.04 -23.39
C GLN G 232 1.58 -17.32 -22.93
N ARG G 233 0.44 -18.00 -22.97
CA ARG G 233 -0.79 -17.38 -22.47
C ARG G 233 -0.67 -17.10 -20.98
N ARG G 234 -0.30 -18.11 -20.21
CA ARG G 234 -0.29 -18.00 -18.75
C ARG G 234 0.78 -17.04 -18.25
N ASN G 235 1.92 -16.96 -18.95
CA ASN G 235 3.09 -16.30 -18.39
C ASN G 235 3.47 -14.99 -19.07
N SER G 236 2.77 -14.60 -20.13
CA SER G 236 2.95 -13.26 -20.68
CA SER G 236 2.97 -13.26 -20.67
C SER G 236 2.43 -12.21 -19.70
N PRO G 237 3.08 -11.05 -19.63
CA PRO G 237 2.59 -9.96 -18.78
C PRO G 237 1.10 -9.64 -18.96
N LEU G 238 0.59 -9.58 -20.18
CA LEU G 238 -0.83 -9.29 -20.36
C LEU G 238 -1.73 -10.50 -20.12
N ARG G 239 -1.15 -11.68 -19.86
CA ARG G 239 -1.91 -12.88 -19.49
C ARG G 239 -2.92 -13.29 -20.55
N ARG G 240 -2.60 -13.01 -21.81
CA ARG G 240 -3.42 -13.42 -22.94
C ARG G 240 -2.50 -13.52 -24.14
N THR G 241 -2.87 -14.34 -25.10
CA THR G 241 -2.13 -14.31 -26.34
C THR G 241 -2.77 -13.30 -27.29
N VAL G 242 -1.94 -12.67 -28.11
CA VAL G 242 -2.46 -11.65 -29.02
C VAL G 242 -3.35 -12.32 -30.05
N ASP G 243 -4.26 -11.54 -30.61
CA ASP G 243 -5.04 -12.04 -31.72
C ASP G 243 -4.66 -11.28 -32.98
N ILE G 244 -5.27 -11.69 -34.09
CA ILE G 244 -4.84 -11.08 -35.36
C ILE G 244 -5.29 -9.63 -35.47
N ASP G 245 -6.25 -9.19 -34.66
CA ASP G 245 -6.58 -7.76 -34.60
C ASP G 245 -5.49 -6.95 -33.90
N ASP G 246 -4.91 -7.49 -32.82
CA ASP G 246 -3.76 -6.84 -32.20
C ASP G 246 -2.64 -6.67 -33.22
N VAL G 247 -2.30 -7.76 -33.91
CA VAL G 247 -1.23 -7.72 -34.89
C VAL G 247 -1.60 -6.78 -36.03
N GLY G 248 -2.85 -6.81 -36.46
CA GLY G 248 -3.27 -5.93 -37.56
C GLY G 248 -3.19 -4.45 -37.20
N LYS G 249 -3.58 -4.10 -35.97
CA LYS G 249 -3.50 -2.69 -35.56
C LYS G 249 -2.05 -2.22 -35.48
N SER G 250 -1.14 -3.08 -35.00
CA SER G 250 0.27 -2.72 -34.98
C SER G 250 0.83 -2.63 -36.41
N ALA G 251 0.29 -3.43 -37.32
CA ALA G 251 0.72 -3.32 -38.72
C ALA G 251 0.26 -2.01 -39.34
N VAL G 252 -0.97 -1.57 -39.02
CA VAL G 252 -1.42 -0.26 -39.46
C VAL G 252 -0.45 0.81 -38.98
N TYR G 253 -0.04 0.73 -37.72
CA TYR G 253 0.94 1.68 -37.21
C TYR G 253 2.20 1.71 -38.07
N LEU G 254 2.81 0.54 -38.28
CA LEU G 254 4.09 0.50 -38.96
C LEU G 254 3.99 0.82 -40.45
N LEU G 255 2.84 0.56 -41.07
CA LEU G 255 2.66 0.82 -42.49
C LEU G 255 2.16 2.23 -42.78
N SER G 256 1.66 2.94 -41.76
CA SER G 256 1.13 4.28 -41.93
C SER G 256 2.17 5.34 -41.57
N ASP G 257 1.77 6.59 -41.78
CA ASP G 257 2.58 7.76 -41.41
C ASP G 257 2.76 7.93 -39.91
N LEU G 258 2.00 7.20 -39.07
CA LEU G 258 2.21 7.34 -37.63
C LEU G 258 3.63 6.95 -37.24
N SER G 259 4.23 6.00 -37.96
CA SER G 259 5.55 5.49 -37.65
C SER G 259 6.64 6.08 -38.55
N SER G 260 6.46 7.34 -38.97
CA SER G 260 7.40 7.96 -39.90
C SER G 260 8.82 8.01 -39.35
N GLY G 261 8.98 7.94 -38.03
CA GLY G 261 10.29 7.97 -37.42
C GLY G 261 10.94 6.61 -37.23
N VAL G 262 10.31 5.53 -37.69
CA VAL G 262 10.63 4.16 -37.29
C VAL G 262 11.06 3.35 -38.50
N THR G 263 12.28 2.81 -38.46
CA THR G 263 12.69 1.84 -39.46
C THR G 263 13.72 0.90 -38.86
N GLY G 264 13.81 -0.29 -39.44
CA GLY G 264 14.73 -1.30 -38.97
C GLY G 264 14.33 -1.98 -37.69
N GLU G 265 13.09 -1.79 -37.24
CA GLU G 265 12.67 -2.16 -35.90
C GLU G 265 12.12 -3.59 -35.89
N ILE G 266 12.53 -4.39 -34.91
CA ILE G 266 11.86 -5.66 -34.61
C ILE G 266 10.90 -5.36 -33.47
N HIS G 267 9.61 -5.16 -33.79
CA HIS G 267 8.62 -4.62 -32.88
C HIS G 267 7.83 -5.78 -32.26
N PHE G 268 7.96 -5.98 -30.96
CA PHE G 268 7.28 -7.10 -30.31
C PHE G 268 5.81 -6.78 -30.04
N VAL G 269 4.92 -7.63 -30.55
CA VAL G 269 3.49 -7.53 -30.32
C VAL G 269 3.10 -8.90 -29.78
N ASP G 270 3.51 -9.15 -28.53
CA ASP G 270 3.50 -10.49 -27.97
C ASP G 270 3.03 -10.50 -26.53
N SER G 271 2.24 -9.49 -26.12
CA SER G 271 1.74 -9.37 -24.76
C SER G 271 2.86 -9.17 -23.75
N GLY G 272 4.04 -8.78 -24.22
CA GLY G 272 5.18 -8.59 -23.35
C GLY G 272 5.94 -9.84 -23.01
N TYR G 273 5.58 -10.98 -23.63
CA TYR G 273 6.19 -12.26 -23.27
C TYR G 273 7.72 -12.19 -23.34
N ASN G 274 8.27 -11.47 -24.32
CA ASN G 274 9.71 -11.51 -24.51
C ASN G 274 10.48 -10.89 -23.33
N ILE G 275 9.83 -10.07 -22.48
CA ILE G 275 10.59 -9.40 -21.41
C ILE G 275 10.78 -10.26 -20.17
N VAL G 276 10.04 -11.37 -20.02
CA VAL G 276 10.09 -12.12 -18.77
C VAL G 276 11.13 -13.24 -18.88
N SER G 277 11.70 -13.59 -17.73
CA SER G 277 12.65 -14.71 -17.68
C SER G 277 11.95 -16.01 -17.39
N MET G 278 10.97 -15.97 -16.50
CA MET G 278 10.41 -17.13 -15.82
C MET G 278 8.91 -17.08 -15.89
N PRO G 279 8.25 -18.20 -15.59
CA PRO G 279 6.80 -18.18 -15.44
C PRO G 279 6.41 -17.43 -14.18
N THR G 280 5.10 -17.26 -13.97
CA THR G 280 4.66 -16.56 -12.79
C THR G 280 5.14 -17.27 -11.53
N LEU G 281 5.23 -16.50 -10.44
CA LEU G 281 5.65 -17.07 -9.17
C LEU G 281 4.78 -18.26 -8.78
N GLU G 282 3.48 -18.18 -9.05
CA GLU G 282 2.56 -19.27 -8.70
C GLU G 282 2.91 -20.53 -9.48
N GLU G 283 3.25 -20.37 -10.76
CA GLU G 283 3.66 -21.50 -11.58
C GLU G 283 5.05 -22.00 -11.18
N LEU G 284 5.96 -21.08 -10.82
CA LEU G 284 7.27 -21.48 -10.33
C LEU G 284 7.16 -22.37 -9.10
N LYS G 285 6.28 -22.00 -8.18
CA LYS G 285 6.17 -22.74 -6.93
C LYS G 285 5.54 -24.11 -7.17
N SER G 286 4.56 -24.20 -8.07
CA SER G 286 3.96 -25.49 -8.37
CA SER G 286 3.96 -25.50 -8.35
C SER G 286 4.95 -26.42 -9.06
N SER G 287 5.75 -25.89 -10.00
CA SER G 287 6.74 -26.72 -10.65
C SER G 287 7.81 -27.19 -9.67
N ASP G 288 8.22 -26.32 -8.75
CA ASP G 288 9.17 -26.74 -7.72
C ASP G 288 8.59 -27.86 -6.87
N SER G 289 7.33 -27.71 -6.44
CA SER G 289 6.69 -28.75 -5.64
CA SER G 289 6.69 -28.75 -5.64
C SER G 289 6.57 -30.06 -6.41
N GLU G 290 6.22 -29.99 -7.70
CA GLU G 290 5.96 -31.21 -8.46
C GLU G 290 7.22 -31.82 -9.05
N ARG G 291 8.20 -31.00 -9.44
CA ARG G 291 9.38 -31.52 -10.13
C ARG G 291 10.66 -31.46 -9.32
N GLY G 292 10.70 -30.70 -8.22
CA GLY G 292 11.81 -30.79 -7.29
C GLY G 292 13.06 -30.03 -7.69
N GLU G 293 14.15 -30.39 -7.03
CA GLU G 293 15.43 -29.69 -7.16
C GLU G 293 16.02 -29.75 -8.57
N GLU H 23 54.06 -19.61 -15.16
CA GLU H 23 53.19 -20.52 -15.89
C GLU H 23 51.72 -20.28 -15.53
N GLY H 24 51.46 -19.97 -14.25
CA GLY H 24 50.12 -19.57 -13.87
C GLY H 24 49.65 -18.37 -14.66
N LEU H 25 48.34 -18.34 -14.92
CA LEU H 25 47.77 -17.29 -15.76
C LEU H 25 47.84 -15.91 -15.11
N MET H 26 48.02 -15.86 -13.79
CA MET H 26 48.06 -14.60 -13.06
C MET H 26 49.37 -14.43 -12.30
N GLN H 27 50.42 -15.13 -12.73
CA GLN H 27 51.70 -15.10 -12.02
C GLN H 27 52.23 -13.67 -11.95
N GLY H 28 52.59 -13.24 -10.75
CA GLY H 28 53.12 -11.91 -10.53
C GLY H 28 52.08 -10.81 -10.51
N LYS H 29 50.82 -11.13 -10.78
CA LYS H 29 49.78 -10.11 -10.76
C LYS H 29 49.28 -9.91 -9.34
N ARG H 30 48.87 -8.67 -9.06
CA ARG H 30 48.37 -8.28 -7.74
C ARG H 30 47.02 -7.61 -7.90
N GLY H 31 46.06 -7.98 -7.06
CA GLY H 31 44.75 -7.40 -7.22
C GLY H 31 43.93 -7.38 -5.96
N LEU H 32 42.85 -6.61 -6.02
CA LEU H 32 41.95 -6.37 -4.90
C LEU H 32 40.63 -7.08 -5.16
N ILE H 33 40.15 -7.82 -4.15
CA ILE H 33 38.88 -8.53 -4.21
C ILE H 33 37.94 -7.87 -3.19
N MET H 34 36.84 -7.31 -3.66
CA MET H 34 35.84 -6.72 -2.77
C MET H 34 34.58 -7.57 -2.80
N GLY H 35 34.14 -8.04 -1.63
CA GLY H 35 32.89 -8.76 -1.57
C GLY H 35 32.90 -10.17 -1.00
N VAL H 36 34.02 -10.65 -0.46
CA VAL H 36 33.99 -11.92 0.25
C VAL H 36 33.23 -11.75 1.56
N ALA H 37 32.28 -12.63 1.82
CA ALA H 37 31.60 -12.69 3.11
C ALA H 37 31.75 -14.04 3.79
N ASN H 38 31.83 -15.12 3.03
CA ASN H 38 32.02 -16.45 3.59
C ASN H 38 32.51 -17.36 2.47
N ASN H 39 32.69 -18.65 2.80
CA ASN H 39 33.26 -19.57 1.83
C ASN H 39 32.29 -19.94 0.71
N HIS H 40 31.06 -19.41 0.70
CA HIS H 40 30.17 -19.60 -0.43
C HIS H 40 30.09 -18.37 -1.33
N SER H 41 30.78 -17.29 -0.98
CA SER H 41 30.72 -16.06 -1.75
C SER H 41 31.25 -16.25 -3.17
N LEU H 42 30.58 -15.63 -4.12
CA LEU H 42 31.12 -15.54 -5.47
C LEU H 42 32.55 -15.04 -5.46
N ALA H 43 32.83 -13.99 -4.69
CA ALA H 43 34.18 -13.43 -4.64
C ALA H 43 35.19 -14.43 -4.08
N TRP H 44 34.75 -15.36 -3.23
CA TRP H 44 35.68 -16.33 -2.68
C TRP H 44 36.06 -17.37 -3.71
N GLY H 45 35.12 -17.82 -4.55
CA GLY H 45 35.48 -18.71 -5.62
C GLY H 45 36.45 -18.06 -6.59
N ILE H 46 36.21 -16.78 -6.88
CA ILE H 46 37.12 -16.00 -7.72
C ILE H 46 38.50 -15.94 -7.07
N ALA H 47 38.56 -15.62 -5.78
CA ALA H 47 39.84 -15.52 -5.10
C ALA H 47 40.61 -16.83 -5.13
N LYS H 48 39.93 -17.96 -4.87
CA LYS H 48 40.61 -19.24 -4.87
C LYS H 48 41.24 -19.54 -6.24
N GLN H 49 40.49 -19.28 -7.31
CA GLN H 49 41.01 -19.57 -8.65
C GLN H 49 42.13 -18.61 -9.02
N LEU H 50 42.01 -17.33 -8.65
CA LEU H 50 43.09 -16.39 -8.91
C LEU H 50 44.37 -16.83 -8.20
N ALA H 51 44.23 -17.26 -6.93
CA ALA H 51 45.40 -17.68 -6.15
C ALA H 51 46.06 -18.91 -6.75
N ALA H 52 45.27 -19.86 -7.24
CA ALA H 52 45.80 -21.06 -7.87
C ALA H 52 46.57 -20.73 -9.13
N GLN H 53 46.26 -19.62 -9.77
CA GLN H 53 46.99 -19.18 -10.95
C GLN H 53 48.10 -18.20 -10.62
N GLY H 54 48.44 -18.05 -9.36
CA GLY H 54 49.61 -17.31 -8.93
C GLY H 54 49.40 -15.88 -8.53
N ALA H 55 48.16 -15.41 -8.44
CA ALA H 55 47.91 -14.01 -8.09
C ALA H 55 48.18 -13.74 -6.61
N GLU H 56 48.62 -12.51 -6.34
CA GLU H 56 48.76 -11.98 -4.99
C GLU H 56 47.51 -11.15 -4.69
N LEU H 57 46.88 -11.40 -3.53
CA LEU H 57 45.53 -10.91 -3.30
C LEU H 57 45.44 -9.99 -2.08
N ALA H 58 44.57 -8.99 -2.19
CA ALA H 58 44.10 -8.17 -1.09
C ALA H 58 42.58 -8.25 -1.06
N PHE H 59 42.01 -8.17 0.15
CA PHE H 59 40.59 -8.36 0.36
C PHE H 59 40.02 -7.21 1.17
N THR H 60 38.76 -6.86 0.90
CA THR H 60 38.01 -5.99 1.80
C THR H 60 36.85 -6.76 2.40
N TYR H 61 36.38 -6.29 3.56
CA TYR H 61 35.24 -6.89 4.22
C TYR H 61 34.37 -5.78 4.80
N GLN H 62 33.07 -6.06 4.93
CA GLN H 62 32.12 -5.11 5.50
C GLN H 62 31.83 -5.48 6.95
N GLY H 63 32.37 -4.72 7.88
CA GLY H 63 32.02 -4.89 9.29
C GLY H 63 32.96 -5.85 10.01
N ASP H 64 33.13 -5.61 11.31
CA ASP H 64 34.09 -6.40 12.08
C ASP H 64 33.70 -7.88 12.11
N ALA H 65 32.41 -8.18 12.12
CA ALA H 65 31.98 -9.57 12.14
C ALA H 65 32.42 -10.32 10.88
N LEU H 66 32.24 -9.69 9.71
CA LEU H 66 32.68 -10.35 8.49
C LEU H 66 34.20 -10.41 8.38
N GLY H 67 34.90 -9.43 8.95
CA GLY H 67 36.36 -9.47 8.96
C GLY H 67 36.90 -10.66 9.73
N LYS H 68 36.24 -11.03 10.83
CA LYS H 68 36.65 -12.20 11.59
C LYS H 68 36.51 -13.48 10.77
N ARG H 69 35.67 -13.45 9.73
CA ARG H 69 35.45 -14.57 8.83
CA ARG H 69 35.48 -14.59 8.84
C ARG H 69 36.34 -14.51 7.58
N VAL H 70 36.54 -13.31 7.05
CA VAL H 70 37.33 -13.19 5.82
C VAL H 70 38.82 -13.35 6.11
N LYS H 71 39.28 -12.99 7.31
CA LYS H 71 40.71 -13.12 7.57
C LYS H 71 41.19 -14.56 7.55
N PRO H 72 40.53 -15.53 8.20
CA PRO H 72 40.99 -16.92 8.06
C PRO H 72 40.79 -17.50 6.66
N LEU H 73 39.82 -17.00 5.88
CA LEU H 73 39.72 -17.43 4.48
C LEU H 73 40.91 -16.91 3.68
N ALA H 74 41.22 -15.62 3.82
CA ALA H 74 42.37 -15.05 3.13
C ALA H 74 43.66 -15.79 3.49
N GLU H 75 43.79 -16.23 4.75
CA GLU H 75 44.98 -16.99 5.13
C GLU H 75 45.14 -18.24 4.28
N GLN H 76 44.04 -18.85 3.86
CA GLN H 76 44.11 -20.10 3.10
C GLN H 76 44.76 -19.91 1.74
N VAL H 77 44.66 -18.72 1.16
CA VAL H 77 45.31 -18.42 -0.11
C VAL H 77 46.57 -17.57 0.10
N GLY H 78 47.07 -17.50 1.33
CA GLY H 78 48.37 -16.89 1.59
C GLY H 78 48.37 -15.38 1.70
N SER H 79 47.22 -14.77 1.98
CA SER H 79 47.12 -13.32 2.10
C SER H 79 46.74 -12.93 3.52
N ASP H 80 47.43 -11.92 4.05
CA ASP H 80 46.98 -11.22 5.26
C ASP H 80 46.65 -9.77 4.98
N PHE H 81 46.54 -9.39 3.71
CA PHE H 81 46.25 -8.02 3.29
C PHE H 81 44.73 -7.91 3.21
N VAL H 82 44.11 -7.61 4.35
CA VAL H 82 42.66 -7.67 4.52
C VAL H 82 42.22 -6.40 5.24
N LEU H 83 41.33 -5.64 4.62
CA LEU H 83 41.02 -4.27 5.04
C LEU H 83 39.52 -4.07 5.16
N PRO H 84 39.08 -3.25 6.13
CA PRO H 84 37.65 -2.94 6.24
C PRO H 84 37.18 -1.98 5.17
N CYS H 85 35.96 -2.19 4.68
CA CYS H 85 35.39 -1.24 3.73
C CYS H 85 33.87 -1.34 3.74
N ASP H 86 33.22 -0.21 3.93
CA ASP H 86 31.79 -0.03 3.70
C ASP H 86 31.69 0.95 2.55
N VAL H 87 31.29 0.47 1.37
CA VAL H 87 31.33 1.30 0.17
C VAL H 87 30.39 2.49 0.29
N GLU H 88 29.39 2.43 1.18
CA GLU H 88 28.56 3.60 1.40
C GLU H 88 29.32 4.72 2.09
N ASP H 89 30.43 4.39 2.77
CA ASP H 89 31.28 5.35 3.48
C ASP H 89 32.56 5.53 2.65
N ILE H 90 32.58 6.57 1.83
CA ILE H 90 33.66 6.76 0.88
C ILE H 90 35.02 6.92 1.57
N ALA H 91 35.03 7.39 2.83
CA ALA H 91 36.29 7.49 3.56
C ALA H 91 36.95 6.13 3.71
N THR H 92 36.17 5.07 3.94
CA THR H 92 36.77 3.74 4.08
C THR H 92 37.30 3.23 2.74
N VAL H 93 36.64 3.60 1.64
CA VAL H 93 37.15 3.24 0.32
C VAL H 93 38.47 3.96 0.04
N ASP H 94 38.51 5.27 0.33
CA ASP H 94 39.76 6.00 0.19
C ASP H 94 40.89 5.34 0.98
N ALA H 95 40.60 4.90 2.20
CA ALA H 95 41.64 4.28 3.04
C ALA H 95 42.13 2.94 2.47
N VAL H 96 41.25 2.16 1.82
CA VAL H 96 41.69 0.93 1.17
C VAL H 96 42.73 1.25 0.10
N PHE H 97 42.39 2.17 -0.82
CA PHE H 97 43.30 2.48 -1.91
C PHE H 97 44.57 3.17 -1.42
N GLU H 98 44.49 3.92 -0.33
CA GLU H 98 45.71 4.43 0.31
C GLU H 98 46.63 3.29 0.72
N GLU H 99 46.07 2.24 1.33
CA GLU H 99 46.91 1.12 1.79
C GLU H 99 47.46 0.33 0.61
N ILE H 100 46.66 0.14 -0.44
CA ILE H 100 47.16 -0.52 -1.65
C ILE H 100 48.30 0.30 -2.26
N GLU H 101 48.12 1.61 -2.32
CA GLU H 101 49.15 2.48 -2.89
C GLU H 101 50.44 2.39 -2.08
N LYS H 102 50.32 2.34 -0.75
CA LYS H 102 51.50 2.30 0.10
C LYS H 102 52.21 0.95 0.00
N LYS H 103 51.46 -0.16 -0.02
CA LYS H 103 52.11 -1.46 0.03
C LYS H 103 52.59 -1.92 -1.33
N TRP H 104 51.77 -1.78 -2.37
CA TRP H 104 52.09 -2.29 -3.70
C TRP H 104 52.56 -1.24 -4.68
N GLY H 105 52.05 0.00 -4.57
CA GLY H 105 52.36 1.05 -5.52
C GLY H 105 51.56 0.99 -6.80
N GLY H 106 50.74 -0.03 -6.98
CA GLY H 106 49.97 -0.20 -8.20
C GLY H 106 49.04 -1.38 -8.05
N LEU H 107 48.24 -1.59 -9.08
CA LEU H 107 47.24 -2.66 -9.11
CA LEU H 107 47.24 -2.65 -9.11
C LEU H 107 47.20 -3.26 -10.50
N ASP H 108 47.06 -4.57 -10.57
CA ASP H 108 46.85 -5.23 -11.85
C ASP H 108 45.39 -5.52 -12.14
N PHE H 109 44.59 -5.77 -11.11
CA PHE H 109 43.19 -6.07 -11.34
C PHE H 109 42.36 -5.73 -10.10
N LEU H 110 41.05 -5.63 -10.31
CA LEU H 110 40.11 -5.39 -9.23
C LEU H 110 38.85 -6.21 -9.51
N VAL H 111 38.31 -6.82 -8.46
CA VAL H 111 37.05 -7.55 -8.52
C VAL H 111 36.06 -6.88 -7.59
N HIS H 112 34.89 -6.50 -8.11
CA HIS H 112 33.80 -5.89 -7.37
C HIS H 112 32.65 -6.89 -7.35
N ALA H 113 32.32 -7.41 -6.16
CA ALA H 113 31.24 -8.38 -6.02
C ALA H 113 30.34 -7.98 -4.86
N ILE H 114 29.90 -6.73 -4.89
CA ILE H 114 29.17 -6.11 -3.81
C ILE H 114 27.75 -5.79 -4.26
N GLY H 115 26.77 -6.16 -3.44
CA GLY H 115 25.40 -5.77 -3.73
C GLY H 115 24.59 -5.72 -2.46
N PHE H 116 23.54 -4.92 -2.48
CA PHE H 116 22.66 -4.83 -1.32
C PHE H 116 21.34 -4.20 -1.74
N SER H 117 20.26 -4.75 -1.19
CA SER H 117 19.00 -4.05 -1.14
C SER H 117 18.24 -4.51 0.10
N ASP H 118 17.34 -3.65 0.60
CA ASP H 118 16.48 -4.01 1.72
C ASP H 118 15.66 -5.25 1.34
N LYS H 119 15.78 -6.32 2.14
CA LYS H 119 15.14 -7.59 1.76
C LYS H 119 13.63 -7.48 1.72
N THR H 120 13.04 -6.52 2.46
CA THR H 120 11.60 -6.36 2.44
C THR H 120 11.08 -5.90 1.08
N GLU H 121 11.94 -5.32 0.26
CA GLU H 121 11.56 -4.91 -1.08
C GLU H 121 11.92 -5.93 -2.14
N LEU H 122 12.40 -7.12 -1.74
CA LEU H 122 12.66 -8.22 -2.66
C LEU H 122 11.63 -9.35 -2.49
N LYS H 123 10.40 -8.98 -2.13
CA LYS H 123 9.31 -9.94 -1.97
C LYS H 123 8.00 -9.24 -2.30
N GLY H 124 7.40 -9.59 -3.43
CA GLY H 124 6.23 -8.93 -3.95
C GLY H 124 6.53 -8.27 -5.27
N ARG H 125 5.55 -7.53 -5.77
CA ARG H 125 5.76 -6.83 -7.04
C ARG H 125 6.67 -5.63 -6.84
N TYR H 126 7.61 -5.44 -7.78
CA TYR H 126 8.44 -4.25 -7.79
C TYR H 126 7.64 -2.98 -7.50
N ALA H 127 6.52 -2.81 -8.20
CA ALA H 127 5.71 -1.59 -8.03
C ALA H 127 5.11 -1.47 -6.63
N ASP H 128 4.80 -2.60 -5.98
CA ASP H 128 4.10 -2.52 -4.69
C ASP H 128 5.04 -2.23 -3.53
N VAL H 129 6.30 -2.68 -3.59
CA VAL H 129 7.13 -2.70 -2.40
C VAL H 129 8.32 -1.75 -2.45
N THR H 130 8.69 -1.22 -3.61
CA THR H 130 9.89 -0.40 -3.71
C THR H 130 9.63 1.01 -3.19
N THR H 131 10.60 1.55 -2.44
CA THR H 131 10.58 2.90 -1.90
C THR H 131 11.79 3.68 -2.42
N ARG H 132 11.67 5.01 -2.44
CA ARG H 132 12.80 5.81 -2.93
C ARG H 132 14.03 5.65 -2.04
N GLU H 133 13.83 5.58 -0.72
CA GLU H 133 14.98 5.46 0.17
C GLU H 133 15.77 4.18 -0.11
N ASN H 134 15.07 3.06 -0.28
CA ASN H 134 15.80 1.85 -0.63
C ASN H 134 16.34 1.92 -2.05
N PHE H 135 15.59 2.51 -2.99
CA PHE H 135 16.14 2.67 -4.33
C PHE H 135 17.49 3.39 -4.30
N SER H 136 17.54 4.54 -3.64
CA SER H 136 18.77 5.33 -3.70
C SER H 136 19.92 4.61 -3.00
N ARG H 137 19.65 3.97 -1.87
CA ARG H 137 20.70 3.22 -1.19
C ARG H 137 21.17 2.05 -2.02
N THR H 138 20.22 1.31 -2.61
CA THR H 138 20.58 0.17 -3.44
C THR H 138 21.44 0.61 -4.61
N MET H 139 21.11 1.75 -5.24
CA MET H 139 21.86 2.22 -6.40
CA MET H 139 21.87 2.18 -6.40
C MET H 139 23.29 2.56 -6.02
N VAL H 140 23.48 3.19 -4.85
CA VAL H 140 24.82 3.56 -4.41
C VAL H 140 25.66 2.31 -4.13
N ILE H 141 25.10 1.38 -3.34
CA ILE H 141 25.89 0.23 -2.91
C ILE H 141 26.10 -0.76 -4.05
N SER H 142 25.05 -1.04 -4.82
CA SER H 142 25.10 -2.10 -5.84
C SER H 142 25.61 -1.63 -7.19
N ALA H 143 25.59 -0.32 -7.46
CA ALA H 143 25.98 0.16 -8.78
C ALA H 143 27.06 1.23 -8.69
N TYR H 144 26.77 2.36 -8.02
CA TYR H 144 27.74 3.45 -8.07
C TYR H 144 29.06 3.12 -7.38
N SER H 145 29.05 2.26 -6.36
CA SER H 145 30.30 1.85 -5.75
C SER H 145 31.26 1.26 -6.78
N PHE H 146 30.73 0.63 -7.83
CA PHE H 146 31.62 0.13 -8.88
C PHE H 146 32.33 1.26 -9.61
N THR H 147 31.59 2.32 -9.97
CA THR H 147 32.24 3.49 -10.55
C THR H 147 33.28 4.07 -9.60
N GLU H 148 32.97 4.12 -8.30
CA GLU H 148 33.89 4.76 -7.36
C GLU H 148 35.16 3.96 -7.20
N VAL H 149 35.06 2.62 -7.14
CA VAL H 149 36.30 1.86 -7.01
C VAL H 149 37.05 1.80 -8.34
N ALA H 150 36.34 1.84 -9.47
CA ALA H 150 37.02 1.91 -10.76
C ALA H 150 37.80 3.21 -10.90
N GLN H 151 37.23 4.33 -10.45
CA GLN H 151 37.93 5.61 -10.54
C GLN H 151 39.25 5.56 -9.77
N ARG H 152 39.25 4.89 -8.62
CA ARG H 152 40.45 4.85 -7.80
C ARG H 152 41.44 3.82 -8.31
N ALA H 153 40.93 2.69 -8.81
CA ALA H 153 41.79 1.68 -9.43
C ALA H 153 42.55 2.25 -10.61
N GLU H 154 41.89 3.08 -11.41
CA GLU H 154 42.51 3.63 -12.62
C GLU H 154 43.79 4.38 -12.30
N LYS H 155 43.82 5.10 -11.17
CA LYS H 155 45.02 5.85 -10.80
C LYS H 155 46.18 4.94 -10.46
N LEU H 156 45.92 3.66 -10.20
CA LEU H 156 46.94 2.67 -9.85
C LEU H 156 47.25 1.72 -11.00
N MET H 157 46.61 1.89 -12.17
CA MET H 157 46.85 1.02 -13.31
C MET H 157 47.50 1.80 -14.45
N LYS H 158 48.65 2.41 -14.18
CA LYS H 158 49.33 3.24 -15.19
C LYS H 158 49.76 2.43 -16.40
N ASP H 159 49.93 1.11 -16.26
CA ASP H 159 50.36 0.26 -17.36
C ASP H 159 49.26 -0.72 -17.76
N GLY H 160 48.01 -0.35 -17.53
CA GLY H 160 46.89 -1.21 -17.86
C GLY H 160 46.46 -2.11 -16.72
N GLY H 161 45.43 -2.90 -17.01
CA GLY H 161 44.86 -3.75 -15.99
C GLY H 161 43.48 -4.24 -16.41
N SER H 162 42.83 -4.94 -15.48
CA SER H 162 41.52 -5.49 -15.78
C SER H 162 40.62 -5.35 -14.57
N ILE H 163 39.39 -4.91 -14.81
CA ILE H 163 38.43 -4.59 -13.75
C ILE H 163 37.17 -5.40 -14.04
N LEU H 164 36.64 -6.05 -13.00
CA LEU H 164 35.54 -6.99 -13.15
C LEU H 164 34.46 -6.73 -12.10
N THR H 165 33.19 -6.79 -12.51
CA THR H 165 32.09 -6.78 -11.55
C THR H 165 31.17 -7.96 -11.84
N LEU H 166 30.28 -8.25 -10.89
CA LEU H 166 29.36 -9.37 -10.98
CA LEU H 166 29.36 -9.37 -11.01
C LEU H 166 27.95 -8.83 -11.17
N THR H 167 27.21 -9.39 -12.14
CA THR H 167 25.85 -8.96 -12.38
C THR H 167 24.95 -10.18 -12.50
N TYR H 168 23.68 -9.98 -12.85
CA TYR H 168 22.72 -11.06 -12.92
C TYR H 168 21.72 -10.70 -14.00
N GLY H 169 21.22 -11.72 -14.70
CA GLY H 169 20.36 -11.51 -15.85
C GLY H 169 19.03 -10.83 -15.55
N GLY H 170 18.67 -10.64 -14.27
CA GLY H 170 17.48 -9.84 -13.94
C GLY H 170 17.59 -8.37 -14.33
N SER H 171 18.77 -7.95 -14.76
CA SER H 171 18.94 -6.61 -15.33
C SER H 171 18.11 -6.42 -16.59
N THR H 172 18.09 -7.43 -17.46
CA THR H 172 17.51 -7.27 -18.79
C THR H 172 16.31 -8.14 -19.06
N ARG H 173 16.03 -9.14 -18.23
CA ARG H 173 14.79 -9.90 -18.25
CA ARG H 173 14.77 -9.86 -18.26
C ARG H 173 14.18 -9.85 -16.86
N THR H 174 12.86 -9.82 -16.78
CA THR H 174 12.29 -9.70 -15.44
C THR H 174 12.29 -11.05 -14.72
N ILE H 175 12.68 -11.01 -13.45
CA ILE H 175 12.74 -12.19 -12.60
C ILE H 175 11.94 -11.89 -11.35
N PRO H 176 11.02 -12.75 -10.93
CA PRO H 176 10.18 -12.42 -9.77
C PRO H 176 11.04 -12.14 -8.54
N ASN H 177 10.59 -11.14 -7.78
CA ASN H 177 11.20 -10.70 -6.52
C ASN H 177 12.54 -10.00 -6.70
N TYR H 178 13.18 -10.07 -7.87
CA TYR H 178 14.49 -9.44 -7.99
C TYR H 178 14.38 -7.92 -8.00
N ASN H 179 13.32 -7.39 -8.61
CA ASN H 179 12.76 -6.05 -8.28
C ASN H 179 13.85 -4.99 -8.43
N VAL H 180 14.10 -4.17 -7.42
CA VAL H 180 15.00 -3.05 -7.61
C VAL H 180 16.45 -3.49 -7.78
N MET H 181 16.82 -4.71 -7.37
CA MET H 181 18.15 -5.20 -7.72
C MET H 181 18.31 -5.36 -9.23
N GLY H 182 17.23 -5.70 -9.93
CA GLY H 182 17.32 -5.77 -11.38
C GLY H 182 17.57 -4.39 -11.98
N VAL H 183 16.90 -3.38 -11.43
CA VAL H 183 17.13 -2.01 -11.88
C VAL H 183 18.58 -1.59 -11.58
N ALA H 184 19.08 -1.94 -10.40
CA ALA H 184 20.46 -1.64 -10.04
C ALA H 184 21.45 -2.36 -10.96
N LYS H 185 21.23 -3.64 -11.26
CA LYS H 185 22.13 -4.36 -12.16
C LYS H 185 22.10 -3.76 -13.57
N ALA H 186 20.95 -3.29 -14.01
CA ALA H 186 20.90 -2.64 -15.32
C ALA H 186 21.77 -1.40 -15.35
N ALA H 187 21.72 -0.60 -14.30
CA ALA H 187 22.62 0.55 -14.18
C ALA H 187 24.07 0.10 -14.16
N LEU H 188 24.36 -0.94 -13.38
CA LEU H 188 25.73 -1.44 -13.28
C LEU H 188 26.29 -1.87 -14.63
N GLU H 189 25.47 -2.55 -15.44
CA GLU H 189 25.96 -2.99 -16.74
C GLU H 189 26.21 -1.80 -17.66
N ALA H 190 25.40 -0.75 -17.57
CA ALA H 190 25.70 0.47 -18.32
C ALA H 190 27.02 1.08 -17.86
N MET H 191 27.29 1.04 -16.56
CA MET H 191 28.57 1.55 -16.06
C MET H 191 29.72 0.75 -16.64
N VAL H 192 29.55 -0.57 -16.77
CA VAL H 192 30.60 -1.39 -17.37
C VAL H 192 30.92 -0.90 -18.78
N ARG H 193 29.88 -0.60 -19.56
CA ARG H 193 30.08 -0.12 -20.92
C ARG H 193 30.74 1.26 -20.94
N TYR H 194 30.23 2.22 -20.15
CA TYR H 194 30.81 3.56 -20.18
C TYR H 194 32.25 3.57 -19.66
N LEU H 195 32.52 2.80 -18.61
CA LEU H 195 33.88 2.73 -18.08
C LEU H 195 34.82 2.04 -19.06
N ALA H 196 34.32 1.02 -19.77
CA ALA H 196 35.16 0.35 -20.76
C ALA H 196 35.53 1.30 -21.88
N ALA H 197 34.58 2.12 -22.32
CA ALA H 197 34.87 3.07 -23.38
C ALA H 197 35.80 4.16 -22.90
N ASP H 198 35.69 4.57 -21.63
CA ASP H 198 36.58 5.58 -21.06
C ASP H 198 38.01 5.07 -20.94
N TYR H 199 38.16 3.85 -20.42
CA TYR H 199 39.46 3.36 -19.98
C TYR H 199 40.18 2.49 -21.00
N GLY H 200 39.48 2.02 -22.03
CA GLY H 200 40.11 1.22 -23.06
C GLY H 200 41.35 1.79 -23.71
N PRO H 201 41.37 3.09 -24.04
CA PRO H 201 42.57 3.63 -24.67
C PRO H 201 43.81 3.61 -23.78
N GLN H 202 43.63 3.50 -22.46
CA GLN H 202 44.76 3.35 -21.55
C GLN H 202 45.13 1.90 -21.31
N GLY H 203 44.43 0.95 -21.94
CA GLY H 203 44.74 -0.45 -21.75
C GLY H 203 44.10 -1.06 -20.53
N ILE H 204 43.09 -0.41 -19.97
CA ILE H 204 42.38 -0.95 -18.82
C ILE H 204 41.07 -1.51 -19.33
N ARG H 205 40.87 -2.82 -19.13
CA ARG H 205 39.66 -3.48 -19.57
C ARG H 205 38.66 -3.58 -18.43
N VAL H 206 37.37 -3.50 -18.77
CA VAL H 206 36.29 -3.43 -17.79
C VAL H 206 35.18 -4.36 -18.28
N ASN H 207 34.85 -5.39 -17.49
CA ASN H 207 33.90 -6.42 -17.91
C ASN H 207 33.03 -6.82 -16.73
N ALA H 208 31.99 -7.59 -17.01
CA ALA H 208 31.16 -8.17 -15.96
C ALA H 208 30.90 -9.63 -16.23
N ILE H 209 30.78 -10.41 -15.17
CA ILE H 209 30.24 -11.76 -15.27
C ILE H 209 28.80 -11.71 -14.82
N SER H 210 27.89 -12.17 -15.69
CA SER H 210 26.50 -12.37 -15.29
C SER H 210 26.38 -13.82 -14.84
N ALA H 211 26.38 -14.02 -13.53
CA ALA H 211 26.44 -15.36 -12.98
C ALA H 211 25.04 -15.92 -12.81
N GLY H 212 24.93 -17.24 -12.89
CA GLY H 212 23.72 -17.90 -12.43
C GLY H 212 23.70 -17.88 -10.92
N PRO H 213 22.59 -18.30 -10.32
CA PRO H 213 22.55 -18.41 -8.85
C PRO H 213 23.53 -19.47 -8.36
N VAL H 214 24.04 -19.30 -7.13
CA VAL H 214 24.93 -20.29 -6.54
C VAL H 214 24.36 -20.75 -5.20
N ARG H 215 24.70 -21.97 -4.83
CA ARG H 215 24.31 -22.49 -3.53
C ARG H 215 24.98 -21.67 -2.43
N THR H 216 24.26 -21.45 -1.34
CA THR H 216 24.77 -20.66 -0.22
C THR H 216 24.80 -21.54 1.02
N LEU H 217 25.16 -20.92 2.16
CA LEU H 217 25.08 -21.64 3.44
C LEU H 217 23.67 -22.09 3.76
N ALA H 218 22.66 -21.47 3.12
CA ALA H 218 21.26 -21.88 3.23
C ALA H 218 20.83 -22.78 2.07
N GLY H 219 21.78 -23.36 1.35
CA GLY H 219 21.41 -24.27 0.26
C GLY H 219 20.77 -23.52 -0.89
N ALA H 220 19.60 -23.97 -1.31
CA ALA H 220 18.87 -23.27 -2.37
C ALA H 220 18.14 -22.03 -1.89
N GLY H 221 18.07 -21.81 -0.58
CA GLY H 221 17.46 -20.62 -0.02
C GLY H 221 16.17 -20.94 0.73
N ILE H 222 15.41 -19.87 1.01
CA ILE H 222 14.18 -19.95 1.79
C ILE H 222 13.02 -19.43 0.95
N GLY H 223 11.85 -20.06 1.11
CA GLY H 223 10.64 -19.54 0.50
C GLY H 223 10.67 -19.53 -1.02
N ASP H 224 10.21 -18.40 -1.60
CA ASP H 224 10.14 -18.32 -3.05
CA ASP H 224 10.15 -18.24 -3.05
C ASP H 224 11.52 -18.44 -3.69
N ALA H 225 12.59 -18.09 -2.97
CA ALA H 225 13.93 -18.20 -3.53
C ALA H 225 14.25 -19.63 -3.95
N ARG H 226 13.74 -20.62 -3.21
CA ARG H 226 14.06 -22.00 -3.56
C ARG H 226 13.44 -22.37 -4.90
N ALA H 227 12.22 -21.90 -5.17
CA ALA H 227 11.56 -22.23 -6.43
C ALA H 227 12.18 -21.48 -7.60
N ILE H 228 12.64 -20.25 -7.38
CA ILE H 228 13.35 -19.51 -8.41
C ILE H 228 14.71 -20.17 -8.70
N PHE H 229 15.39 -20.64 -7.65
CA PHE H 229 16.66 -21.33 -7.82
C PHE H 229 16.48 -22.62 -8.60
N SER H 230 15.52 -23.44 -8.20
CA SER H 230 15.37 -24.74 -8.83
C SER H 230 14.90 -24.62 -10.28
N TYR H 231 14.12 -23.57 -10.58
CA TYR H 231 13.72 -23.35 -11.97
C TYR H 231 14.94 -23.21 -12.89
N GLN H 232 15.95 -22.47 -12.43
CA GLN H 232 17.16 -22.30 -13.24
C GLN H 232 17.98 -23.58 -13.28
N ARG H 233 17.97 -24.37 -12.21
CA ARG H 233 18.65 -25.67 -12.24
C ARG H 233 18.01 -26.58 -13.29
N ARG H 234 16.68 -26.74 -13.24
CA ARG H 234 16.02 -27.73 -14.08
C ARG H 234 16.02 -27.33 -15.55
N ASN H 235 16.05 -26.03 -15.83
CA ASN H 235 15.73 -25.55 -17.16
C ASN H 235 16.90 -24.88 -17.89
N SER H 236 18.06 -24.76 -17.25
CA SER H 236 19.22 -24.27 -17.96
CA SER H 236 19.23 -24.27 -17.95
C SER H 236 19.76 -25.35 -18.89
N PRO H 237 20.35 -24.96 -20.03
CA PRO H 237 20.91 -25.97 -20.95
C PRO H 237 21.84 -26.96 -20.26
N LEU H 238 22.70 -26.51 -19.34
CA LEU H 238 23.62 -27.46 -18.71
C LEU H 238 22.98 -28.23 -17.56
N ARG H 239 21.73 -27.90 -17.21
CA ARG H 239 20.94 -28.66 -16.23
C ARG H 239 21.62 -28.67 -14.86
N ARG H 240 22.26 -27.57 -14.51
CA ARG H 240 22.91 -27.50 -13.21
CA ARG H 240 22.93 -27.49 -13.22
C ARG H 240 23.09 -26.04 -12.82
N THR H 241 23.20 -25.85 -11.50
CA THR H 241 23.60 -24.58 -10.89
C THR H 241 25.09 -24.37 -11.14
N VAL H 242 25.49 -23.19 -11.61
CA VAL H 242 26.94 -22.94 -11.64
C VAL H 242 27.44 -22.90 -10.21
N ASP H 243 28.73 -23.19 -10.03
CA ASP H 243 29.28 -23.02 -8.69
C ASP H 243 30.33 -21.93 -8.71
N ILE H 244 30.82 -21.58 -7.52
CA ILE H 244 31.76 -20.46 -7.46
C ILE H 244 33.09 -20.77 -8.11
N ASP H 245 33.39 -22.05 -8.38
CA ASP H 245 34.57 -22.37 -9.17
C ASP H 245 34.37 -22.10 -10.65
N ASP H 246 33.18 -22.40 -11.20
CA ASP H 246 32.87 -21.96 -12.56
C ASP H 246 33.05 -20.46 -12.67
N VAL H 247 32.45 -19.71 -11.73
CA VAL H 247 32.56 -18.26 -11.79
C VAL H 247 34.01 -17.82 -11.63
N GLY H 248 34.73 -18.47 -10.71
CA GLY H 248 36.12 -18.10 -10.49
C GLY H 248 37.00 -18.33 -11.70
N LYS H 249 36.78 -19.44 -12.42
CA LYS H 249 37.56 -19.70 -13.63
C LYS H 249 37.24 -18.70 -14.73
N SER H 250 35.96 -18.34 -14.89
CA SER H 250 35.64 -17.30 -15.88
C SER H 250 36.22 -15.95 -15.47
N ALA H 251 36.33 -15.69 -14.16
CA ALA H 251 36.98 -14.47 -13.71
C ALA H 251 38.47 -14.48 -14.02
N VAL H 252 39.13 -15.62 -13.79
CA VAL H 252 40.53 -15.74 -14.17
C VAL H 252 40.72 -15.38 -15.64
N TYR H 253 39.84 -15.92 -16.50
CA TYR H 253 39.91 -15.60 -17.93
C TYR H 253 39.84 -14.09 -18.15
N LEU H 254 38.83 -13.44 -17.58
CA LEU H 254 38.59 -12.02 -17.85
C LEU H 254 39.64 -11.10 -17.21
N LEU H 255 40.24 -11.52 -16.11
CA LEU H 255 41.28 -10.73 -15.46
C LEU H 255 42.68 -11.03 -15.97
N SER H 256 42.86 -12.12 -16.71
CA SER H 256 44.17 -12.48 -17.21
C SER H 256 44.37 -11.97 -18.63
N ASP H 257 45.57 -12.19 -19.16
CA ASP H 257 45.90 -11.84 -20.52
C ASP H 257 45.18 -12.71 -21.56
N LEU H 258 44.53 -13.80 -21.14
CA LEU H 258 43.76 -14.60 -22.10
C LEU H 258 42.69 -13.77 -22.78
N SER H 259 42.12 -12.80 -22.06
CA SER H 259 41.03 -11.97 -22.56
C SER H 259 41.53 -10.61 -23.04
N SER H 260 42.76 -10.55 -23.53
CA SER H 260 43.34 -9.28 -23.95
C SER H 260 42.49 -8.53 -24.98
N GLY H 261 41.65 -9.22 -25.75
CA GLY H 261 40.81 -8.54 -26.71
C GLY H 261 39.39 -8.22 -26.26
N VAL H 262 39.09 -8.38 -24.97
CA VAL H 262 37.72 -8.35 -24.46
C VAL H 262 37.54 -7.18 -23.50
N THR H 263 36.61 -6.28 -23.81
CA THR H 263 36.27 -5.25 -22.84
C THR H 263 34.84 -4.82 -23.08
N GLY H 264 34.22 -4.32 -22.01
CA GLY H 264 32.83 -3.89 -22.07
C GLY H 264 31.83 -5.02 -22.14
N GLU H 265 32.25 -6.23 -21.84
CA GLU H 265 31.46 -7.42 -22.11
C GLU H 265 30.66 -7.82 -20.88
N ILE H 266 29.38 -8.11 -21.07
CA ILE H 266 28.55 -8.74 -20.05
C ILE H 266 28.56 -10.22 -20.39
N HIS H 267 29.39 -10.99 -19.67
CA HIS H 267 29.71 -12.37 -20.02
C HIS H 267 28.87 -13.29 -19.15
N PHE H 268 27.98 -14.08 -19.78
CA PHE H 268 27.08 -14.94 -19.02
C PHE H 268 27.78 -16.22 -18.59
N VAL H 269 27.76 -16.49 -17.29
CA VAL H 269 28.29 -17.73 -16.72
C VAL H 269 27.14 -18.30 -15.88
N ASP H 270 26.18 -18.89 -16.58
CA ASP H 270 24.89 -19.21 -15.99
C ASP H 270 24.35 -20.52 -16.55
N SER H 271 25.20 -21.43 -17.01
CA SER H 271 24.78 -22.70 -17.58
C SER H 271 23.94 -22.54 -18.82
N GLY H 272 24.06 -21.39 -19.48
CA GLY H 272 23.30 -21.10 -20.67
C GLY H 272 21.87 -20.67 -20.43
N TYR H 273 21.48 -20.45 -19.18
CA TYR H 273 20.07 -20.18 -18.87
C TYR H 273 19.51 -19.02 -19.69
N ASN H 274 20.29 -17.94 -19.84
CA ASN H 274 19.81 -16.75 -20.53
C ASN H 274 19.34 -17.02 -21.97
N ILE H 275 19.78 -18.11 -22.61
CA ILE H 275 19.43 -18.29 -24.01
C ILE H 275 18.03 -18.86 -24.22
N VAL H 276 17.41 -19.46 -23.20
CA VAL H 276 16.18 -20.19 -23.42
C VAL H 276 14.99 -19.27 -23.18
N SER H 277 13.88 -19.61 -23.79
CA SER H 277 12.63 -18.91 -23.60
C SER H 277 11.72 -19.60 -22.59
N MET H 278 11.73 -20.91 -22.57
CA MET H 278 10.74 -21.72 -21.87
C MET H 278 11.43 -22.79 -21.06
N PRO H 279 10.71 -23.43 -20.14
CA PRO H 279 11.25 -24.63 -19.50
C PRO H 279 11.32 -25.80 -20.47
N THR H 280 11.87 -26.93 -20.02
CA THR H 280 11.96 -28.12 -20.86
C THR H 280 10.56 -28.56 -21.30
N LEU H 281 10.51 -29.32 -22.39
CA LEU H 281 9.23 -29.77 -22.92
C LEU H 281 8.47 -30.61 -21.90
N GLU H 282 9.17 -31.48 -21.18
CA GLU H 282 8.53 -32.27 -20.12
C GLU H 282 7.86 -31.37 -19.09
N GLU H 283 8.53 -30.28 -18.71
CA GLU H 283 7.97 -29.37 -17.71
C GLU H 283 6.87 -28.51 -18.33
N LEU H 284 7.02 -28.12 -19.59
CA LEU H 284 5.91 -27.44 -20.27
C LEU H 284 4.65 -28.29 -20.26
N LYS H 285 4.79 -29.59 -20.47
CA LYS H 285 3.60 -30.42 -20.57
C LYS H 285 2.97 -30.62 -19.19
N SER H 286 3.80 -30.83 -18.16
CA SER H 286 3.26 -30.96 -16.81
CA SER H 286 3.23 -30.97 -16.83
C SER H 286 2.51 -29.70 -16.40
N SER H 287 3.09 -28.53 -16.66
CA SER H 287 2.42 -27.28 -16.29
C SER H 287 1.15 -27.07 -17.10
N ASP H 288 1.18 -27.40 -18.39
CA ASP H 288 -0.02 -27.27 -19.21
C ASP H 288 -1.16 -28.11 -18.64
N SER H 289 -0.86 -29.32 -18.23
CA SER H 289 -1.91 -30.21 -17.73
C SER H 289 -2.41 -29.74 -16.38
N GLU H 290 -1.49 -29.27 -15.52
CA GLU H 290 -1.84 -28.85 -14.17
C GLU H 290 -2.56 -27.50 -14.15
N ARG H 291 -2.06 -26.53 -14.92
CA ARG H 291 -2.55 -25.16 -14.83
CA ARG H 291 -2.59 -25.17 -14.82
C ARG H 291 -3.49 -24.75 -15.97
N GLY H 292 -3.54 -25.52 -17.05
CA GLY H 292 -4.53 -25.26 -18.09
C GLY H 292 -4.15 -24.19 -19.11
N GLU H 293 -5.17 -23.75 -19.85
CA GLU H 293 -4.98 -22.81 -20.95
C GLU H 293 -4.66 -21.40 -20.44
#